data_4LRZ
#
_entry.id   4LRZ
#
_cell.length_a   89.766
_cell.length_b   91.500
_cell.length_c   93.808
_cell.angle_alpha   84.150
_cell.angle_beta   72.420
_cell.angle_gamma   90.010
#
_symmetry.space_group_name_H-M   'P 1'
#
loop_
_entity.id
_entity.type
_entity.pdbx_description
1 polymer 'PTS-dependent dihydroxyacetone kinase, ADP-binding subunit DhaL'
2 polymer 'PTS-dependent dihydroxyacetone kinase operon regulatory protein'
3 non-polymer "ADENOSINE-5'-DIPHOSPHATE"
4 non-polymer 'MAGNESIUM ION'
5 water water
#
loop_
_entity_poly.entity_id
_entity_poly.type
_entity_poly.pdbx_seq_one_letter_code
_entity_poly.pdbx_strand_id
1 'polypeptide(L)'
;GSSLSRTQIVNWLTRCGDIFSTESEYLTGLDREIGDADHGLNMNRGFSKVVEKLPAIADKDIGFILKNTGMTLLSSVGGA
SGPLFGTFFIRAAQATQARQSLTLEELYQMFRDGADGVISRGKAEPGDKTMCDVWVPVVESLRQSSEQNLSVPVALEAAS
SIAESAAQSTITMQARKGRASYLGERSIGHQDPGATSVMFMMQMLALAAKE
;
A,B,C,D
2 'polypeptide(L)'
;MSGAFNNDGRGISPLIATSWERCNKLMKRETWNVPHQAQGVTFASIYRRKKAMLTLGQAALEDAWEYMAPRECALFILDE
TACILSRNGDPQTLQQLSALGFNDGTYCAEGIIGTCALSLAAISGQAVKTMADQHFKQVLWNWAFCATPLFDSKGRLTGT
IALACPVEQTTAADLPLTLAIAREVGNLLLTDSLLAETNRHLNQLNALLESMDDGVISWDEQGNLQFINAQAARVLRLDA
TASQGRAITELLTLPAVLQQAIKQAHPLKHVEATFESQHQFIDAVITLKPIIETQGTSFILLLHPVEQMRQLMTSQLG
;
E,F,G,H
#
loop_
_chem_comp.id
_chem_comp.type
_chem_comp.name
_chem_comp.formula
ADP non-polymer ADENOSINE-5'-DIPHOSPHATE 'C10 H15 N5 O10 P2'
MG non-polymer 'MAGNESIUM ION' 'Mg 2'
#
# COMPACT_ATOMS: atom_id res chain seq x y z
N GLY A 1 53.03 2.25 -41.29
CA GLY A 1 53.41 3.64 -40.90
C GLY A 1 52.22 4.50 -40.51
N SER A 2 51.09 4.29 -41.20
CA SER A 2 50.01 5.26 -41.23
C SER A 2 49.08 5.11 -40.02
N SER A 3 49.07 3.94 -39.40
CA SER A 3 48.15 3.68 -38.29
C SER A 3 48.65 2.66 -37.24
N LEU A 4 48.08 2.73 -36.02
CA LEU A 4 48.27 1.69 -34.99
C LEU A 4 47.07 0.72 -34.99
N SER A 5 47.32 -0.59 -35.16
CA SER A 5 46.25 -1.59 -35.16
C SER A 5 45.94 -2.10 -33.75
N ARG A 6 44.82 -2.81 -33.60
CA ARG A 6 44.53 -3.33 -32.28
C ARG A 6 45.45 -4.45 -31.83
N THR A 7 45.95 -5.25 -32.77
CA THR A 7 46.98 -6.24 -32.49
C THR A 7 48.24 -5.58 -31.87
N GLN A 8 48.61 -4.41 -32.37
CA GLN A 8 49.72 -3.65 -31.81
C GLN A 8 49.38 -3.17 -30.43
N ILE A 9 48.10 -2.87 -30.18
CA ILE A 9 47.72 -2.39 -28.86
C ILE A 9 47.88 -3.57 -27.91
N VAL A 10 47.54 -4.76 -28.40
CA VAL A 10 47.51 -5.93 -27.56
C VAL A 10 48.96 -6.33 -27.24
N ASN A 11 49.79 -6.26 -28.27
CA ASN A 11 51.20 -6.51 -28.14
C ASN A 11 51.82 -5.42 -27.23
N TRP A 12 51.34 -4.19 -27.34
CA TRP A 12 51.80 -3.18 -26.37
C TRP A 12 51.54 -3.64 -24.94
N LEU A 13 50.28 -3.95 -24.63
CA LEU A 13 49.90 -4.29 -23.24
C LEU A 13 50.65 -5.56 -22.75
N THR A 14 50.93 -6.46 -23.66
CA THR A 14 51.67 -7.64 -23.32
C THR A 14 53.08 -7.25 -22.90
N ARG A 15 53.65 -6.29 -23.61
CA ARG A 15 54.99 -5.83 -23.28
C ARG A 15 54.99 -5.04 -22.00
N CYS A 16 53.88 -4.34 -21.70
CA CYS A 16 53.77 -3.68 -20.39
C CYS A 16 53.72 -4.74 -19.27
N GLY A 17 53.06 -5.87 -19.51
CA GLY A 17 53.11 -6.93 -18.49
C GLY A 17 54.55 -7.36 -18.17
N ASP A 18 55.40 -7.43 -19.21
CA ASP A 18 56.79 -7.84 -19.03
C ASP A 18 57.65 -6.80 -18.33
N ILE A 19 57.62 -5.56 -18.81
CA ILE A 19 58.33 -4.49 -18.17
C ILE A 19 57.92 -4.29 -16.69
N PHE A 20 56.64 -4.31 -16.38
CA PHE A 20 56.27 -4.18 -14.96
C PHE A 20 56.72 -5.40 -14.14
N SER A 21 57.06 -6.52 -14.77
CA SER A 21 57.55 -7.66 -13.99
C SER A 21 59.09 -7.48 -13.75
N THR A 22 59.85 -7.28 -14.81
CA THR A 22 61.28 -7.12 -14.67
C THR A 22 61.66 -5.83 -13.90
N GLU A 23 60.95 -4.74 -14.15
CA GLU A 23 61.24 -3.44 -13.47
C GLU A 23 60.60 -3.27 -12.08
N SER A 24 59.93 -4.29 -11.61
CA SER A 24 59.25 -4.25 -10.31
C SER A 24 60.06 -3.73 -9.10
N GLU A 25 61.23 -4.30 -8.92
CA GLU A 25 62.09 -4.04 -7.77
C GLU A 25 62.64 -2.62 -7.92
N TYR A 26 62.93 -2.24 -9.16
CA TYR A 26 63.37 -0.87 -9.44
C TYR A 26 62.33 0.20 -9.08
N LEU A 27 61.09 0.02 -9.57
CA LEU A 27 60.02 0.95 -9.31
C LEU A 27 59.71 1.05 -7.81
N THR A 28 59.70 -0.10 -7.17
CA THR A 28 59.56 -0.18 -5.72
C THR A 28 60.68 0.55 -4.98
N GLY A 29 61.90 0.47 -5.50
CA GLY A 29 63.03 1.18 -4.92
C GLY A 29 62.88 2.69 -5.04
N LEU A 30 62.48 3.16 -6.22
CA LEU A 30 62.09 4.58 -6.36
C LEU A 30 61.01 5.01 -5.35
N ASP A 31 60.08 4.11 -5.06
CA ASP A 31 58.95 4.37 -4.18
C ASP A 31 59.36 4.19 -2.74
N ARG A 32 60.50 3.54 -2.50
CA ARG A 32 61.01 3.37 -1.16
C ARG A 32 61.60 4.69 -0.67
N GLU A 33 62.34 5.38 -1.55
CA GLU A 33 62.94 6.67 -1.25
C GLU A 33 61.92 7.77 -0.88
N ILE A 34 60.79 7.81 -1.58
CA ILE A 34 59.83 8.91 -1.39
C ILE A 34 58.37 8.51 -1.11
N GLY A 35 58.13 7.26 -0.74
CA GLY A 35 56.76 6.78 -0.53
C GLY A 35 56.71 5.62 0.43
N ASP A 36 55.76 4.71 0.18
CA ASP A 36 55.56 3.53 1.03
C ASP A 36 56.15 2.25 0.44
N ALA A 37 57.09 2.37 -0.50
CA ALA A 37 57.81 1.21 -1.05
C ALA A 37 56.92 0.13 -1.68
N ASP A 38 55.94 0.50 -2.49
CA ASP A 38 55.03 -0.54 -3.04
C ASP A 38 54.73 -0.40 -4.56
N HIS A 39 55.13 0.70 -5.18
CA HIS A 39 54.68 0.99 -6.56
C HIS A 39 55.02 -0.08 -7.58
N GLY A 40 56.25 -0.54 -7.60
CA GLY A 40 56.57 -1.70 -8.46
C GLY A 40 55.71 -2.92 -8.19
N LEU A 41 55.55 -3.29 -6.92
CA LEU A 41 54.75 -4.47 -6.57
C LEU A 41 53.31 -4.31 -7.07
N ASN A 42 52.74 -3.13 -6.87
CA ASN A 42 51.34 -2.91 -7.23
C ASN A 42 51.12 -2.82 -8.74
N MET A 43 52.03 -2.18 -9.47
CA MET A 43 51.94 -2.14 -10.95
C MET A 43 52.07 -3.56 -11.56
N ASN A 44 52.90 -4.39 -10.92
CA ASN A 44 53.11 -5.75 -11.40
C ASN A 44 51.88 -6.58 -11.12
N ARG A 45 51.30 -6.38 -9.93
CA ARG A 45 50.10 -7.05 -9.56
C ARG A 45 48.97 -6.71 -10.54
N GLY A 46 48.83 -5.43 -10.90
CA GLY A 46 47.76 -5.03 -11.81
C GLY A 46 48.01 -5.46 -13.21
N PHE A 47 49.20 -5.19 -13.70
CA PHE A 47 49.50 -5.53 -15.09
C PHE A 47 49.55 -7.01 -15.38
N SER A 48 49.94 -7.81 -14.39
CA SER A 48 49.91 -9.27 -14.53
C SER A 48 48.50 -9.72 -14.78
N LYS A 49 47.55 -9.18 -14.02
CA LYS A 49 46.14 -9.49 -14.23
C LYS A 49 45.69 -9.03 -15.63
N VAL A 50 46.04 -7.81 -16.02
CA VAL A 50 45.73 -7.32 -17.39
C VAL A 50 46.13 -8.32 -18.50
N VAL A 51 47.35 -8.82 -18.42
CA VAL A 51 47.89 -9.73 -19.41
C VAL A 51 47.29 -11.14 -19.33
N GLU A 52 46.90 -11.57 -18.14
CA GLU A 52 46.04 -12.75 -17.96
C GLU A 52 44.71 -12.71 -18.70
N LYS A 53 44.13 -11.52 -18.80
CA LYS A 53 42.74 -11.34 -19.35
C LYS A 53 42.81 -11.20 -20.82
N LEU A 54 43.98 -10.82 -21.31
CA LEU A 54 44.12 -10.31 -22.63
C LEU A 54 43.96 -11.35 -23.75
N PRO A 55 44.47 -12.60 -23.60
CA PRO A 55 44.16 -13.58 -24.64
C PRO A 55 42.65 -13.74 -24.94
N ALA A 56 41.79 -13.82 -23.93
CA ALA A 56 40.35 -13.89 -24.15
C ALA A 56 39.74 -12.71 -24.97
N ILE A 57 40.32 -11.52 -24.84
CA ILE A 57 39.75 -10.32 -25.46
C ILE A 57 40.57 -9.79 -26.64
N ALA A 58 41.69 -10.45 -26.96
CA ALA A 58 42.62 -9.95 -27.99
C ALA A 58 42.05 -9.87 -29.42
N ASP A 59 40.97 -10.59 -29.69
CA ASP A 59 40.32 -10.53 -30.99
C ASP A 59 39.20 -9.49 -31.04
N LYS A 60 39.06 -8.67 -29.98
CA LYS A 60 37.94 -7.72 -29.87
C LYS A 60 38.40 -6.36 -30.39
N ASP A 61 37.57 -5.32 -30.25
CA ASP A 61 37.98 -3.99 -30.67
C ASP A 61 38.84 -3.27 -29.61
N ILE A 62 39.54 -2.21 -30.03
CA ILE A 62 40.41 -1.45 -29.16
C ILE A 62 39.72 -0.87 -27.93
N GLY A 63 38.55 -0.30 -28.11
CA GLY A 63 37.78 0.23 -27.00
C GLY A 63 37.48 -0.80 -25.90
N PHE A 64 37.02 -1.97 -26.27
CA PHE A 64 36.71 -3.04 -25.33
C PHE A 64 37.97 -3.57 -24.65
N ILE A 65 39.06 -3.61 -25.37
CA ILE A 65 40.32 -4.06 -24.78
C ILE A 65 40.83 -3.05 -23.81
N LEU A 66 40.89 -1.78 -24.20
CA LEU A 66 41.30 -0.75 -23.23
C LEU A 66 40.41 -0.64 -21.98
N LYS A 67 39.11 -0.90 -22.14
CA LYS A 67 38.14 -0.80 -21.07
C LYS A 67 38.37 -1.94 -20.09
N ASN A 68 38.62 -3.15 -20.55
CA ASN A 68 38.98 -4.23 -19.62
C ASN A 68 40.26 -3.94 -18.88
N THR A 69 41.27 -3.50 -19.62
CA THR A 69 42.53 -3.08 -19.04
C THR A 69 42.32 -2.01 -17.98
N GLY A 70 41.57 -0.97 -18.30
CA GLY A 70 41.38 0.07 -17.29
C GLY A 70 40.63 -0.43 -16.07
N MET A 71 39.65 -1.27 -16.30
CA MET A 71 38.81 -1.71 -15.22
C MET A 71 39.62 -2.58 -14.28
N THR A 72 40.44 -3.43 -14.88
CA THR A 72 41.39 -4.26 -14.15
C THR A 72 42.35 -3.42 -13.34
N LEU A 73 42.95 -2.39 -13.93
CA LEU A 73 43.96 -1.64 -13.16
C LEU A 73 43.30 -0.91 -12.00
N LEU A 74 42.09 -0.45 -12.25
CA LEU A 74 41.34 0.36 -11.33
C LEU A 74 41.14 -0.32 -9.98
N SER A 75 40.89 -1.63 -9.97
CA SER A 75 40.57 -2.29 -8.72
C SER A 75 41.70 -3.20 -8.20
N SER A 76 42.78 -3.34 -8.94
CA SER A 76 43.74 -4.34 -8.54
C SER A 76 45.12 -3.74 -8.23
N VAL A 77 45.34 -2.49 -8.65
CA VAL A 77 46.54 -1.78 -8.34
C VAL A 77 46.55 -1.16 -6.92
N GLY A 78 45.49 -0.42 -6.56
CA GLY A 78 45.44 0.17 -5.25
C GLY A 78 46.18 1.50 -5.18
N GLY A 79 45.96 2.21 -4.09
CA GLY A 79 46.61 3.46 -3.77
C GLY A 79 46.25 4.57 -4.74
N ALA A 80 47.14 5.55 -4.84
CA ALA A 80 46.92 6.72 -5.70
C ALA A 80 47.01 6.33 -7.15
N SER A 81 47.88 5.40 -7.54
CA SER A 81 48.12 5.22 -8.99
C SER A 81 47.09 4.36 -9.69
N GLY A 82 46.53 3.41 -8.96
CA GLY A 82 45.52 2.53 -9.52
C GLY A 82 44.35 3.24 -10.16
N PRO A 83 43.67 4.12 -9.40
CA PRO A 83 42.56 4.93 -9.92
C PRO A 83 42.97 5.83 -11.10
N LEU A 84 44.19 6.30 -11.06
CA LEU A 84 44.70 7.15 -12.09
C LEU A 84 45.03 6.38 -13.40
N PHE A 85 45.78 5.31 -13.31
CA PHE A 85 46.06 4.58 -14.55
C PHE A 85 44.78 3.95 -15.08
N GLY A 86 43.88 3.58 -14.20
CA GLY A 86 42.61 3.02 -14.62
C GLY A 86 41.80 4.07 -15.37
N THR A 87 41.75 5.27 -14.84
CA THR A 87 41.07 6.40 -15.51
C THR A 87 41.69 6.68 -16.86
N PHE A 88 43.03 6.76 -16.94
CA PHE A 88 43.64 6.87 -18.25
C PHE A 88 43.07 5.87 -19.28
N PHE A 89 43.10 4.57 -18.98
CA PHE A 89 42.70 3.55 -19.94
C PHE A 89 41.20 3.56 -20.21
N ILE A 90 40.38 3.89 -19.20
CA ILE A 90 38.97 4.00 -19.36
C ILE A 90 38.61 5.16 -20.30
N ARG A 91 39.24 6.32 -20.09
CA ARG A 91 38.99 7.44 -20.97
C ARG A 91 39.46 7.09 -22.36
N ALA A 92 40.62 6.45 -22.53
CA ALA A 92 41.06 6.06 -23.85
C ALA A 92 40.06 5.09 -24.46
N ALA A 93 39.49 4.23 -23.64
CA ALA A 93 38.60 3.22 -24.18
C ALA A 93 37.35 3.88 -24.73
N GLN A 94 36.90 4.97 -24.12
CA GLN A 94 35.62 5.54 -24.58
C GLN A 94 35.78 6.34 -25.86
N ALA A 95 37.03 6.65 -26.17
CA ALA A 95 37.31 7.38 -27.39
C ALA A 95 37.51 6.42 -28.57
N THR A 96 37.69 5.14 -28.29
CA THR A 96 38.09 4.23 -29.32
C THR A 96 37.09 3.11 -29.50
N GLN A 97 35.87 3.32 -29.01
CA GLN A 97 34.85 2.30 -29.16
C GLN A 97 34.78 1.74 -30.59
N ALA A 98 34.80 0.42 -30.72
CA ALA A 98 34.70 -0.30 -32.01
C ALA A 98 35.90 -0.14 -32.99
N ARG A 99 36.87 0.67 -32.64
CA ARG A 99 38.06 0.84 -33.49
C ARG A 99 38.84 -0.43 -33.65
N GLN A 100 39.37 -0.65 -34.84
CA GLN A 100 40.35 -1.71 -35.06
C GLN A 100 41.73 -1.19 -35.46
N SER A 101 41.87 0.13 -35.52
CA SER A 101 43.02 0.79 -36.10
C SER A 101 42.87 2.28 -35.80
N LEU A 102 43.96 2.93 -35.45
CA LEU A 102 43.94 4.36 -35.16
C LEU A 102 44.99 5.15 -35.96
N THR A 103 44.60 6.24 -36.62
CA THR A 103 45.59 7.13 -37.28
C THR A 103 46.33 7.87 -36.20
N LEU A 104 47.42 8.50 -36.58
CA LEU A 104 48.19 9.25 -35.63
C LEU A 104 47.37 10.38 -34.99
N GLU A 105 46.47 11.02 -35.76
CA GLU A 105 45.63 12.05 -35.17
C GLU A 105 44.76 11.46 -34.03
N GLU A 106 44.24 10.27 -34.29
CA GLU A 106 43.36 9.51 -33.39
C GLU A 106 44.08 9.02 -32.14
N LEU A 107 45.30 8.55 -32.34
CA LEU A 107 46.10 8.10 -31.25
C LEU A 107 46.34 9.28 -30.34
N TYR A 108 46.63 10.43 -30.94
CA TYR A 108 46.84 11.64 -30.16
C TYR A 108 45.56 12.01 -29.37
N GLN A 109 44.38 11.80 -29.96
CA GLN A 109 43.12 12.21 -29.29
C GLN A 109 42.90 11.32 -28.10
N MET A 110 43.22 10.06 -28.32
CA MET A 110 43.07 9.03 -27.33
C MET A 110 43.90 9.37 -26.07
N PHE A 111 45.19 9.61 -26.26
CA PHE A 111 46.08 10.07 -25.19
C PHE A 111 45.68 11.34 -24.54
N ARG A 112 45.28 12.34 -25.35
CA ARG A 112 44.69 13.55 -24.83
C ARG A 112 43.54 13.30 -23.82
N ASP A 113 42.48 12.62 -24.23
CA ASP A 113 41.37 12.29 -23.35
C ASP A 113 41.86 11.48 -22.09
N GLY A 114 42.59 10.40 -22.36
CA GLY A 114 43.32 9.72 -21.31
C GLY A 114 43.90 10.67 -20.29
N ALA A 115 44.86 11.50 -20.72
CA ALA A 115 45.49 12.47 -19.81
C ALA A 115 44.53 13.48 -19.12
N ASP A 116 43.51 13.97 -19.83
CA ASP A 116 42.54 14.89 -19.24
C ASP A 116 41.84 14.19 -18.11
N GLY A 117 41.51 12.93 -18.38
CA GLY A 117 40.99 12.06 -17.36
C GLY A 117 41.84 12.02 -16.12
N VAL A 118 43.15 11.83 -16.26
CA VAL A 118 43.97 11.73 -15.04
C VAL A 118 44.25 13.04 -14.30
N ILE A 119 44.35 14.13 -15.05
CA ILE A 119 44.42 15.43 -14.48
C ILE A 119 43.11 15.76 -13.75
N SER A 120 41.98 15.49 -14.37
CA SER A 120 40.71 15.86 -13.76
C SER A 120 40.50 15.12 -12.41
N ARG A 121 40.82 13.84 -12.40
CA ARG A 121 40.62 13.00 -11.24
C ARG A 121 41.63 13.30 -10.15
N GLY A 122 42.89 13.55 -10.51
CA GLY A 122 43.92 13.75 -9.50
C GLY A 122 44.36 15.21 -9.21
N LYS A 123 43.92 16.13 -10.08
CA LYS A 123 44.09 17.58 -9.87
C LYS A 123 45.56 18.00 -9.86
N ALA A 124 46.41 17.23 -10.51
CA ALA A 124 47.84 17.52 -10.49
C ALA A 124 48.17 18.63 -11.51
N GLU A 125 49.18 19.45 -11.18
CA GLU A 125 49.57 20.56 -12.04
C GLU A 125 50.98 20.27 -12.49
N PRO A 126 51.47 20.99 -13.55
CA PRO A 126 52.91 20.93 -13.92
C PRO A 126 53.81 21.24 -12.73
N GLY A 127 54.85 20.44 -12.52
CA GLY A 127 55.77 20.67 -11.38
C GLY A 127 55.32 20.11 -10.03
N ASP A 128 54.16 19.43 -9.99
CA ASP A 128 53.65 18.81 -8.75
C ASP A 128 54.41 17.51 -8.37
N LYS A 129 55.21 17.01 -9.31
CA LYS A 129 56.04 15.82 -9.20
C LYS A 129 55.21 14.52 -9.23
N THR A 130 54.46 14.33 -10.32
CA THR A 130 53.58 13.17 -10.44
C THR A 130 53.69 12.63 -11.84
N MET A 131 52.87 11.63 -12.15
CA MET A 131 52.78 11.02 -13.47
C MET A 131 52.29 12.00 -14.54
N CYS A 132 51.62 13.08 -14.12
CA CYS A 132 51.11 14.06 -15.10
C CYS A 132 52.25 14.90 -15.67
N ASP A 133 53.37 14.96 -14.94
CA ASP A 133 54.58 15.60 -15.47
C ASP A 133 55.21 14.84 -16.65
N VAL A 134 54.71 13.64 -16.97
CA VAL A 134 55.11 12.90 -18.16
C VAL A 134 53.98 12.86 -19.16
N TRP A 135 52.74 12.73 -18.68
CA TRP A 135 51.59 12.62 -19.58
C TRP A 135 51.40 13.92 -20.41
N VAL A 136 51.50 15.09 -19.76
CA VAL A 136 51.25 16.33 -20.46
C VAL A 136 52.25 16.49 -21.63
N PRO A 137 53.58 16.38 -21.39
CA PRO A 137 54.52 16.44 -22.54
C PRO A 137 54.35 15.34 -23.57
N VAL A 138 54.03 14.13 -23.12
CA VAL A 138 53.74 13.05 -24.06
C VAL A 138 52.62 13.39 -25.03
N VAL A 139 51.58 14.02 -24.53
CA VAL A 139 50.43 14.38 -25.34
C VAL A 139 50.82 15.52 -26.31
N GLU A 140 51.58 16.47 -25.79
CA GLU A 140 52.05 17.58 -26.60
C GLU A 140 52.97 17.03 -27.70
N SER A 141 53.77 16.02 -27.38
CA SER A 141 54.64 15.42 -28.38
C SER A 141 53.84 14.75 -29.54
N LEU A 142 52.82 14.00 -29.18
CA LEU A 142 52.00 13.34 -30.21
C LEU A 142 51.25 14.35 -31.03
N ARG A 143 50.81 15.44 -30.43
CA ARG A 143 50.16 16.50 -31.16
C ARG A 143 51.12 17.13 -32.22
N GLN A 144 52.37 17.36 -31.85
CA GLN A 144 53.31 17.93 -32.82
C GLN A 144 53.56 16.95 -33.97
N SER A 145 53.72 15.66 -33.64
CA SER A 145 53.97 14.62 -34.65
C SER A 145 52.83 14.48 -35.64
N SER A 146 51.62 14.60 -35.13
CA SER A 146 50.41 14.58 -35.92
C SER A 146 50.35 15.76 -36.91
N GLU A 147 50.69 16.96 -36.45
CA GLU A 147 50.82 18.16 -37.31
C GLU A 147 51.82 17.94 -38.43
N GLN A 148 52.97 17.40 -38.06
CA GLN A 148 54.05 17.18 -39.03
C GLN A 148 53.81 15.94 -39.88
N ASN A 149 52.77 15.17 -39.55
CA ASN A 149 52.40 13.99 -40.35
C ASN A 149 53.36 12.85 -40.33
N LEU A 150 54.17 12.77 -39.28
CA LEU A 150 55.06 11.64 -39.04
C LEU A 150 54.35 10.29 -39.09
N SER A 151 55.07 9.24 -39.46
CA SER A 151 54.54 7.90 -39.36
C SER A 151 54.27 7.55 -37.85
N VAL A 152 53.38 6.59 -37.60
CA VAL A 152 53.13 6.14 -36.21
C VAL A 152 54.41 5.67 -35.49
N PRO A 153 55.20 4.75 -36.10
CA PRO A 153 56.44 4.34 -35.41
C PRO A 153 57.44 5.47 -35.12
N VAL A 154 57.64 6.41 -36.03
CA VAL A 154 58.51 7.55 -35.65
C VAL A 154 57.88 8.44 -34.58
N ALA A 155 56.56 8.63 -34.64
CA ALA A 155 55.86 9.50 -33.68
C ALA A 155 56.04 8.91 -32.29
N LEU A 156 55.83 7.61 -32.22
CA LEU A 156 55.90 6.91 -30.94
C LEU A 156 57.33 6.84 -30.38
N GLU A 157 58.36 6.70 -31.21
CA GLU A 157 59.75 6.89 -30.73
C GLU A 157 60.02 8.26 -30.14
N ALA A 158 59.45 9.30 -30.75
CA ALA A 158 59.58 10.66 -30.26
C ALA A 158 58.89 10.84 -28.89
N ALA A 159 57.68 10.31 -28.77
CA ALA A 159 56.96 10.48 -27.53
C ALA A 159 57.65 9.66 -26.42
N SER A 160 58.13 8.48 -26.78
CA SER A 160 58.94 7.69 -25.84
C SER A 160 60.21 8.44 -25.34
N SER A 161 60.94 9.11 -26.26
CA SER A 161 62.15 9.89 -25.88
C SER A 161 61.80 11.07 -24.96
N ILE A 162 60.71 11.75 -25.33
CA ILE A 162 60.11 12.82 -24.52
C ILE A 162 59.69 12.29 -23.13
N ALA A 163 59.05 11.13 -23.09
CA ALA A 163 58.65 10.51 -21.83
C ALA A 163 59.87 10.32 -20.90
N GLU A 164 61.01 9.98 -21.49
CA GLU A 164 62.20 9.76 -20.71
C GLU A 164 62.69 11.04 -20.05
N SER A 165 62.88 12.08 -20.86
CA SER A 165 63.25 13.42 -20.39
C SER A 165 62.27 13.95 -19.38
N ALA A 166 60.98 13.73 -19.62
CA ALA A 166 60.00 14.23 -18.68
C ALA A 166 60.12 13.46 -17.37
N ALA A 167 60.36 12.14 -17.40
CA ALA A 167 60.54 11.41 -16.13
C ALA A 167 61.77 11.92 -15.38
N GLN A 168 62.90 12.03 -16.08
CA GLN A 168 64.13 12.64 -15.53
C GLN A 168 63.86 14.00 -14.87
N SER A 169 63.04 14.83 -15.50
CA SER A 169 62.79 16.19 -15.01
C SER A 169 62.07 16.20 -13.66
N THR A 170 61.43 15.09 -13.29
CA THR A 170 60.77 14.98 -11.98
C THR A 170 61.74 14.94 -10.81
N ILE A 171 62.97 14.48 -11.08
CA ILE A 171 63.99 14.31 -10.03
C ILE A 171 64.19 15.58 -9.19
N THR A 172 64.25 16.76 -9.83
CA THR A 172 64.57 18.03 -9.14
C THR A 172 63.33 18.74 -8.59
N MET A 173 62.16 18.14 -8.78
CA MET A 173 60.88 18.74 -8.37
C MET A 173 60.55 18.41 -6.91
N GLN A 174 59.90 19.32 -6.20
CA GLN A 174 59.40 19.02 -4.87
C GLN A 174 57.95 18.49 -4.99
N ALA A 175 57.65 17.38 -4.31
CA ALA A 175 56.30 16.83 -4.41
C ALA A 175 55.26 17.72 -3.76
N ARG A 176 54.18 18.00 -4.49
CA ARG A 176 53.01 18.71 -3.99
C ARG A 176 51.75 17.83 -3.93
N LYS A 177 51.80 16.63 -4.53
CA LYS A 177 50.68 15.67 -4.47
C LYS A 177 51.15 14.30 -4.01
N GLY A 178 50.23 13.54 -3.45
CA GLY A 178 50.48 12.16 -3.12
C GLY A 178 51.44 12.02 -1.96
N ARG A 179 51.85 10.80 -1.74
CA ARG A 179 52.60 10.41 -0.57
C ARG A 179 53.95 11.11 -0.42
N ALA A 180 54.57 11.40 -1.55
CA ALA A 180 55.85 12.04 -1.58
C ALA A 180 55.82 13.43 -0.94
N SER A 181 54.67 14.10 -1.02
CA SER A 181 54.60 15.50 -0.58
C SER A 181 54.59 15.62 0.94
N TYR A 182 54.31 14.51 1.62
CA TYR A 182 54.51 14.40 3.07
C TYR A 182 55.98 14.72 3.46
N LEU A 183 56.92 14.39 2.59
CA LEU A 183 58.35 14.56 2.88
C LEU A 183 58.85 16.01 2.68
N GLY A 184 57.98 16.89 2.17
CA GLY A 184 58.31 18.30 1.95
C GLY A 184 59.47 18.37 1.00
N GLU A 185 60.52 19.08 1.43
CA GLU A 185 61.73 19.31 0.64
C GLU A 185 62.55 18.04 0.37
N ARG A 186 62.32 16.99 1.17
CA ARG A 186 63.14 15.79 1.09
C ARG A 186 62.81 14.89 -0.11
N SER A 187 61.79 15.28 -0.86
CA SER A 187 61.46 14.58 -2.10
C SER A 187 62.29 15.03 -3.31
N ILE A 188 63.08 16.10 -3.14
CA ILE A 188 63.97 16.64 -4.17
C ILE A 188 65.19 15.74 -4.28
N GLY A 189 65.56 15.39 -5.50
CA GLY A 189 66.71 14.51 -5.73
C GLY A 189 66.37 13.06 -6.01
N HIS A 190 65.09 12.75 -6.17
CA HIS A 190 64.62 11.37 -6.34
C HIS A 190 63.55 11.30 -7.44
N GLN A 191 63.74 10.40 -8.38
CA GLN A 191 62.80 10.27 -9.48
C GLN A 191 61.40 9.80 -8.98
N ASP A 192 60.33 10.39 -9.51
CA ASP A 192 58.95 9.94 -9.22
C ASP A 192 58.64 8.58 -9.86
N PRO A 193 58.16 7.61 -9.07
CA PRO A 193 57.81 6.27 -9.64
C PRO A 193 56.60 6.25 -10.58
N GLY A 194 55.55 7.01 -10.29
CA GLY A 194 54.45 7.03 -11.26
C GLY A 194 54.93 7.52 -12.64
N ALA A 195 55.80 8.56 -12.65
CA ALA A 195 56.32 9.13 -13.89
C ALA A 195 57.21 8.12 -14.65
N THR A 196 58.00 7.35 -13.91
CA THR A 196 58.79 6.26 -14.45
C THR A 196 57.89 5.18 -15.09
N SER A 197 56.77 4.86 -14.42
CA SER A 197 55.75 3.97 -15.03
C SER A 197 55.25 4.48 -16.37
N VAL A 198 54.97 5.77 -16.47
CA VAL A 198 54.40 6.25 -17.75
C VAL A 198 55.43 6.07 -18.88
N MET A 199 56.66 6.44 -18.57
CA MET A 199 57.80 6.25 -19.45
C MET A 199 57.90 4.83 -19.94
N PHE A 200 57.93 3.87 -19.01
CA PHE A 200 57.92 2.45 -19.39
C PHE A 200 56.82 2.12 -20.35
N MET A 201 55.60 2.58 -20.06
CA MET A 201 54.50 2.38 -21.01
C MET A 201 54.79 2.91 -22.41
N MET A 202 55.28 4.15 -22.47
CA MET A 202 55.60 4.76 -23.75
C MET A 202 56.75 4.05 -24.51
N GLN A 203 57.77 3.60 -23.79
CA GLN A 203 58.82 2.84 -24.40
C GLN A 203 58.23 1.57 -24.98
N MET A 204 57.34 0.90 -24.24
CA MET A 204 56.77 -0.35 -24.76
C MET A 204 55.86 -0.10 -25.96
N LEU A 205 55.13 1.02 -25.97
CA LEU A 205 54.24 1.36 -27.11
C LEU A 205 55.07 1.55 -28.38
N ALA A 206 56.17 2.27 -28.21
CA ALA A 206 57.17 2.44 -29.27
C ALA A 206 57.65 1.12 -29.86
N LEU A 207 57.94 0.14 -29.02
CA LEU A 207 58.36 -1.16 -29.54
C LEU A 207 57.25 -1.88 -30.33
N ALA A 208 56.05 -1.92 -29.74
CA ALA A 208 54.89 -2.54 -30.35
C ALA A 208 54.58 -1.90 -31.71
N ALA A 209 54.79 -0.60 -31.84
CA ALA A 209 54.50 0.02 -33.14
C ALA A 209 55.41 -0.48 -34.28
N LYS A 210 56.57 -1.06 -33.95
CA LYS A 210 57.47 -1.60 -35.01
C LYS A 210 56.97 -2.92 -35.63
N GLU A 211 56.00 -3.55 -34.97
CA GLU A 211 55.59 -4.93 -35.26
C GLU A 211 54.14 -5.04 -35.74
N GLY B 1 -1.90 -24.23 -20.58
CA GLY B 1 -1.32 -24.23 -19.20
C GLY B 1 -0.08 -25.10 -19.00
N SER B 2 0.44 -25.64 -20.09
CA SER B 2 1.64 -26.44 -20.08
C SER B 2 2.87 -25.61 -19.73
N SER B 3 2.92 -24.33 -20.11
CA SER B 3 4.11 -23.51 -19.76
C SER B 3 3.96 -22.02 -19.37
N LEU B 4 4.99 -21.51 -18.71
CA LEU B 4 5.13 -20.08 -18.40
C LEU B 4 6.08 -19.42 -19.41
N SER B 5 5.56 -18.47 -20.20
CA SER B 5 6.37 -17.75 -21.18
C SER B 5 7.23 -16.64 -20.51
N ARG B 6 8.26 -16.16 -21.21
CA ARG B 6 9.01 -15.08 -20.59
C ARG B 6 8.23 -13.77 -20.53
N THR B 7 7.35 -13.54 -21.49
CA THR B 7 6.47 -12.40 -21.43
C THR B 7 5.60 -12.45 -20.17
N GLN B 8 5.29 -13.66 -19.69
CA GLN B 8 4.56 -13.82 -18.45
C GLN B 8 5.40 -13.48 -17.27
N ILE B 9 6.71 -13.70 -17.40
CA ILE B 9 7.61 -13.46 -16.30
C ILE B 9 7.76 -11.95 -16.16
N VAL B 10 7.85 -11.28 -17.29
CA VAL B 10 7.98 -9.84 -17.33
C VAL B 10 6.74 -9.22 -16.70
N ASN B 11 5.54 -9.68 -17.12
CA ASN B 11 4.27 -9.22 -16.56
C ASN B 11 4.19 -9.57 -15.05
N TRP B 12 4.75 -10.70 -14.66
CA TRP B 12 4.84 -10.99 -13.23
C TRP B 12 5.62 -9.87 -12.50
N LEU B 13 6.83 -9.58 -12.97
CA LEU B 13 7.66 -8.56 -12.32
C LEU B 13 7.03 -7.15 -12.34
N THR B 14 6.35 -6.83 -13.42
CA THR B 14 5.64 -5.55 -13.50
C THR B 14 4.57 -5.51 -12.40
N ARG B 15 3.82 -6.59 -12.26
CA ARG B 15 2.80 -6.67 -11.21
C ARG B 15 3.38 -6.58 -9.82
N CYS B 16 4.58 -7.15 -9.60
CA CYS B 16 5.30 -7.02 -8.32
C CYS B 16 5.66 -5.55 -8.05
N GLY B 17 6.12 -4.83 -9.06
CA GLY B 17 6.31 -3.38 -8.88
C GLY B 17 5.06 -2.69 -8.36
N ASP B 18 3.89 -3.07 -8.89
CA ASP B 18 2.65 -2.46 -8.47
C ASP B 18 2.29 -2.85 -7.01
N ILE B 19 2.24 -4.15 -6.71
CA ILE B 19 2.03 -4.59 -5.35
C ILE B 19 3.00 -4.01 -4.28
N PHE B 20 4.30 -3.97 -4.52
CA PHE B 20 5.18 -3.34 -3.53
C PHE B 20 4.99 -1.82 -3.38
N SER B 21 4.42 -1.15 -4.39
CA SER B 21 4.02 0.23 -4.27
C SER B 21 2.78 0.36 -3.33
N THR B 22 1.65 -0.25 -3.72
CA THR B 22 0.40 -0.11 -3.00
C THR B 22 0.37 -0.74 -1.59
N GLU B 23 1.17 -1.79 -1.38
CA GLU B 23 1.26 -2.48 -0.08
C GLU B 23 2.47 -2.05 0.71
N SER B 24 3.08 -0.96 0.28
CA SER B 24 4.26 -0.45 0.96
C SER B 24 4.01 -0.13 2.48
N GLU B 25 2.88 0.49 2.77
CA GLU B 25 2.58 1.01 4.10
C GLU B 25 2.39 -0.13 5.02
N TYR B 26 1.68 -1.13 4.50
CA TYR B 26 1.34 -2.31 5.24
C TYR B 26 2.57 -3.15 5.64
N LEU B 27 3.47 -3.36 4.68
CA LEU B 27 4.69 -4.11 4.91
C LEU B 27 5.59 -3.37 5.90
N THR B 28 5.72 -2.06 5.71
CA THR B 28 6.40 -1.25 6.70
C THR B 28 5.72 -1.31 8.08
N GLY B 29 4.39 -1.33 8.11
CA GLY B 29 3.66 -1.45 9.37
C GLY B 29 3.94 -2.79 10.03
N LEU B 30 3.96 -3.88 9.24
CA LEU B 30 4.34 -5.18 9.80
C LEU B 30 5.74 -5.16 10.35
N ASP B 31 6.59 -4.34 9.72
CA ASP B 31 8.02 -4.27 10.04
C ASP B 31 8.27 -3.32 11.19
N ARG B 32 7.28 -2.47 11.50
CA ARG B 32 7.37 -1.55 12.62
C ARG B 32 7.14 -2.27 13.92
N GLU B 33 6.18 -3.20 13.94
CA GLU B 33 5.87 -3.99 15.13
C GLU B 33 7.08 -4.83 15.59
N ILE B 34 7.83 -5.39 14.65
CA ILE B 34 8.90 -6.35 15.02
C ILE B 34 10.33 -6.05 14.46
N GLY B 35 10.46 -5.02 13.64
CA GLY B 35 11.75 -4.65 13.09
C GLY B 35 12.01 -3.18 13.27
N ASP B 36 12.62 -2.62 12.23
CA ASP B 36 13.01 -1.23 12.19
C ASP B 36 12.15 -0.44 11.23
N ALA B 37 10.94 -0.92 10.95
CA ALA B 37 9.97 -0.09 10.23
C ALA B 37 10.43 0.38 8.84
N ASP B 38 10.99 -0.49 8.01
CA ASP B 38 11.49 -0.05 6.68
C ASP B 38 11.16 -1.01 5.54
N HIS B 39 10.65 -2.19 5.87
CA HIS B 39 10.62 -3.26 4.86
C HIS B 39 9.75 -2.99 3.65
N GLY B 40 8.59 -2.40 3.85
CA GLY B 40 7.82 -1.94 2.70
C GLY B 40 8.51 -0.83 1.91
N LEU B 41 9.02 0.17 2.59
CA LEU B 41 9.74 1.26 1.90
C LEU B 41 10.86 0.66 1.02
N ASN B 42 11.61 -0.29 1.56
CA ASN B 42 12.78 -0.81 0.87
C ASN B 42 12.46 -1.72 -0.31
N MET B 43 11.43 -2.54 -0.19
CA MET B 43 11.00 -3.43 -1.27
C MET B 43 10.49 -2.58 -2.43
N ASN B 44 9.97 -1.41 -2.09
CA ASN B 44 9.41 -0.54 -3.10
C ASN B 44 10.53 0.21 -3.81
N ARG B 45 11.54 0.63 -3.07
CA ARG B 45 12.71 1.20 -3.66
C ARG B 45 13.33 0.17 -4.66
N GLY B 46 13.46 -1.08 -4.23
CA GLY B 46 14.07 -2.12 -5.04
C GLY B 46 13.25 -2.44 -6.26
N PHE B 47 12.02 -2.82 -6.05
CA PHE B 47 11.15 -3.18 -7.12
C PHE B 47 10.78 -2.05 -8.07
N SER B 48 10.76 -0.80 -7.61
CA SER B 48 10.52 0.21 -8.64
C SER B 48 11.70 0.38 -9.58
N LYS B 49 12.92 0.17 -9.08
CA LYS B 49 14.09 0.18 -9.92
C LYS B 49 14.00 -1.03 -10.86
N VAL B 50 13.70 -2.22 -10.33
CA VAL B 50 13.41 -3.39 -11.21
C VAL B 50 12.51 -3.08 -12.41
N VAL B 51 11.38 -2.45 -12.14
CA VAL B 51 10.36 -2.24 -13.16
C VAL B 51 10.74 -1.12 -14.10
N GLU B 52 11.46 -0.14 -13.61
CA GLU B 52 12.17 0.81 -14.45
C GLU B 52 13.08 0.17 -15.52
N LYS B 53 13.75 -0.93 -15.18
CA LYS B 53 14.78 -1.51 -16.06
C LYS B 53 14.18 -2.45 -17.03
N LEU B 54 12.93 -2.84 -16.80
CA LEU B 54 12.32 -3.95 -17.48
C LEU B 54 12.02 -3.73 -18.97
N PRO B 55 11.46 -2.57 -19.35
CA PRO B 55 11.23 -2.36 -20.80
C PRO B 55 12.48 -2.63 -21.68
N ALA B 56 13.65 -2.08 -21.33
CA ALA B 56 14.86 -2.35 -22.07
C ALA B 56 15.17 -3.87 -22.27
N ILE B 57 14.83 -4.70 -21.28
CA ILE B 57 15.20 -6.14 -21.28
C ILE B 57 14.04 -7.12 -21.54
N ALA B 58 12.84 -6.59 -21.77
CA ALA B 58 11.64 -7.40 -21.91
C ALA B 58 11.66 -8.35 -23.13
N ASP B 59 12.42 -7.98 -24.17
CA ASP B 59 12.56 -8.83 -25.38
C ASP B 59 13.64 -9.89 -25.26
N LYS B 60 14.20 -10.08 -24.08
CA LYS B 60 15.39 -10.95 -23.89
C LYS B 60 14.96 -12.27 -23.27
N ASP B 61 15.92 -13.10 -22.88
CA ASP B 61 15.55 -14.37 -22.23
C ASP B 61 15.27 -14.25 -20.71
N ILE B 62 14.61 -15.28 -20.16
CA ILE B 62 14.25 -15.34 -18.76
C ILE B 62 15.45 -15.20 -17.87
N GLY B 63 16.53 -15.89 -18.22
CA GLY B 63 17.71 -15.90 -17.37
C GLY B 63 18.30 -14.49 -17.24
N PHE B 64 18.43 -13.79 -18.35
CA PHE B 64 18.92 -12.39 -18.35
C PHE B 64 18.01 -11.46 -17.57
N ILE B 65 16.70 -11.61 -17.72
CA ILE B 65 15.71 -10.79 -17.04
C ILE B 65 15.77 -11.04 -15.56
N LEU B 66 15.82 -12.29 -15.13
CA LEU B 66 15.92 -12.60 -13.67
C LEU B 66 17.28 -12.19 -13.10
N LYS B 67 18.31 -12.23 -13.92
CA LYS B 67 19.65 -11.77 -13.51
C LYS B 67 19.70 -10.28 -13.25
N ASN B 68 19.17 -9.47 -14.19
CA ASN B 68 19.06 -8.03 -13.97
C ASN B 68 18.28 -7.71 -12.73
N THR B 69 17.08 -8.27 -12.62
CA THR B 69 16.23 -8.15 -11.42
C THR B 69 16.95 -8.48 -10.10
N GLY B 70 17.46 -9.70 -9.99
CA GLY B 70 18.15 -10.03 -8.76
C GLY B 70 19.35 -9.12 -8.47
N MET B 71 20.05 -8.73 -9.50
CA MET B 71 21.15 -7.80 -9.29
C MET B 71 20.72 -6.43 -8.75
N THR B 72 19.64 -5.92 -9.31
CA THR B 72 19.01 -4.69 -8.86
C THR B 72 18.51 -4.87 -7.43
N LEU B 73 17.78 -5.95 -7.15
CA LEU B 73 17.28 -6.12 -5.79
C LEU B 73 18.45 -6.17 -4.85
N LEU B 74 19.49 -6.86 -5.28
CA LEU B 74 20.69 -7.05 -4.47
C LEU B 74 21.30 -5.77 -3.91
N SER B 75 21.43 -4.72 -4.71
CA SER B 75 22.18 -3.54 -4.29
C SER B 75 21.28 -2.34 -3.86
N SER B 76 19.97 -2.47 -3.99
CA SER B 76 19.10 -1.33 -3.85
C SER B 76 17.99 -1.47 -2.76
N VAL B 77 17.75 -2.70 -2.27
CA VAL B 77 16.86 -2.97 -1.17
C VAL B 77 17.52 -2.72 0.22
N GLY B 78 18.72 -3.28 0.44
CA GLY B 78 19.45 -3.14 1.71
C GLY B 78 18.96 -4.09 2.80
N GLY B 79 19.66 -4.11 3.92
CA GLY B 79 19.32 -4.85 5.12
C GLY B 79 19.39 -6.35 4.90
N ALA B 80 18.68 -7.09 5.74
CA ALA B 80 18.63 -8.56 5.66
C ALA B 80 18.00 -9.04 4.35
N SER B 81 16.95 -8.38 3.88
CA SER B 81 16.14 -9.02 2.84
C SER B 81 16.64 -8.81 1.40
N GLY B 82 17.33 -7.70 1.16
CA GLY B 82 17.90 -7.39 -0.14
C GLY B 82 18.81 -8.45 -0.74
N PRO B 83 19.85 -8.86 0.02
CA PRO B 83 20.75 -9.97 -0.36
C PRO B 83 19.99 -11.29 -0.53
N LEU B 84 19.01 -11.53 0.32
CA LEU B 84 18.14 -12.68 0.19
C LEU B 84 17.26 -12.69 -1.09
N PHE B 85 16.51 -11.63 -1.33
CA PHE B 85 15.69 -11.68 -2.53
C PHE B 85 16.58 -11.64 -3.77
N GLY B 86 17.68 -10.96 -3.64
CA GLY B 86 18.66 -10.94 -4.67
C GLY B 86 19.09 -12.34 -5.08
N THR B 87 19.60 -13.08 -4.10
CA THR B 87 20.10 -14.43 -4.29
C THR B 87 19.00 -15.28 -4.88
N PHE B 88 17.78 -15.16 -4.37
CA PHE B 88 16.70 -15.94 -4.98
C PHE B 88 16.68 -15.76 -6.51
N PHE B 89 16.67 -14.52 -6.95
CA PHE B 89 16.56 -14.20 -8.36
C PHE B 89 17.80 -14.57 -9.18
N ILE B 90 18.99 -14.39 -8.59
CA ILE B 90 20.21 -14.78 -9.24
C ILE B 90 20.28 -16.32 -9.42
N ARG B 91 19.92 -17.09 -8.39
CA ARG B 91 19.89 -18.51 -8.57
C ARG B 91 18.90 -18.93 -9.66
N ALA B 92 17.70 -18.34 -9.60
CA ALA B 92 16.68 -18.61 -10.59
C ALA B 92 17.21 -18.26 -11.96
N ALA B 93 17.99 -17.17 -12.02
CA ALA B 93 18.53 -16.73 -13.28
C ALA B 93 19.46 -17.80 -13.84
N GLN B 94 20.25 -18.43 -12.98
CA GLN B 94 21.25 -19.35 -13.54
C GLN B 94 20.68 -20.68 -13.99
N ALA B 95 19.46 -20.96 -13.54
CA ALA B 95 18.75 -22.16 -13.97
C ALA B 95 17.97 -21.95 -15.26
N THR B 96 17.75 -20.71 -15.63
CA THR B 96 16.89 -20.44 -16.75
C THR B 96 17.60 -19.72 -17.89
N GLN B 97 18.92 -19.78 -17.92
CA GLN B 97 19.69 -19.11 -18.97
C GLN B 97 19.15 -19.48 -20.36
N ALA B 98 18.92 -18.48 -21.20
CA ALA B 98 18.42 -18.64 -22.57
C ALA B 98 16.96 -19.09 -22.73
N ARG B 99 16.32 -19.53 -21.66
CA ARG B 99 14.87 -19.94 -21.75
C ARG B 99 13.94 -18.89 -22.27
N GLN B 100 12.93 -19.31 -23.00
CA GLN B 100 11.86 -18.38 -23.37
C GLN B 100 10.54 -18.87 -22.83
N SER B 101 10.57 -20.01 -22.16
CA SER B 101 9.38 -20.65 -21.62
C SER B 101 9.81 -21.72 -20.65
N LEU B 102 8.99 -21.95 -19.66
CA LEU B 102 9.30 -22.95 -18.68
C LEU B 102 8.11 -23.88 -18.50
N THR B 103 8.36 -25.19 -18.57
CA THR B 103 7.35 -26.14 -18.13
C THR B 103 7.21 -26.09 -16.62
N LEU B 104 6.21 -26.79 -16.12
CA LEU B 104 5.93 -26.75 -14.70
C LEU B 104 7.05 -27.40 -13.87
N GLU B 105 7.61 -28.48 -14.39
CA GLU B 105 8.76 -29.11 -13.75
C GLU B 105 9.97 -28.13 -13.69
N GLU B 106 10.16 -27.33 -14.74
CA GLU B 106 11.29 -26.36 -14.83
C GLU B 106 11.06 -25.21 -13.87
N LEU B 107 9.82 -24.78 -13.79
CA LEU B 107 9.39 -23.77 -12.83
C LEU B 107 9.70 -24.19 -11.41
N TYR B 108 9.33 -25.41 -11.07
CA TYR B 108 9.64 -25.96 -9.77
C TYR B 108 11.14 -25.93 -9.51
N GLN B 109 11.93 -26.23 -10.54
CA GLN B 109 13.41 -26.31 -10.40
C GLN B 109 14.04 -24.97 -10.10
N MET B 110 13.58 -23.96 -10.83
CA MET B 110 13.99 -22.59 -10.63
C MET B 110 13.80 -22.14 -9.17
N PHE B 111 12.59 -22.38 -8.67
CA PHE B 111 12.19 -21.98 -7.33
C PHE B 111 12.90 -22.81 -6.33
N ARG B 112 13.01 -24.13 -6.59
CA ARG B 112 13.87 -24.98 -5.77
C ARG B 112 15.29 -24.36 -5.62
N ASP B 113 15.96 -24.08 -6.74
CA ASP B 113 17.29 -23.46 -6.72
C ASP B 113 17.35 -22.09 -5.98
N GLY B 114 16.41 -21.20 -6.29
CA GLY B 114 16.34 -19.92 -5.59
C GLY B 114 16.19 -20.06 -4.08
N ALA B 115 15.17 -20.82 -3.68
CA ALA B 115 15.04 -21.17 -2.30
C ALA B 115 16.33 -21.74 -1.69
N ASP B 116 16.98 -22.71 -2.35
CA ASP B 116 18.24 -23.26 -1.83
C ASP B 116 19.26 -22.14 -1.60
N GLY B 117 19.38 -21.24 -2.56
CA GLY B 117 20.21 -20.06 -2.43
C GLY B 117 19.89 -19.20 -1.22
N VAL B 118 18.61 -18.99 -0.92
CA VAL B 118 18.30 -18.12 0.20
C VAL B 118 18.51 -18.81 1.52
N ILE B 119 18.29 -20.12 1.53
CA ILE B 119 18.54 -20.90 2.73
C ILE B 119 20.04 -20.93 2.94
N SER B 120 20.81 -21.21 1.91
CA SER B 120 22.22 -21.37 2.12
C SER B 120 22.88 -20.06 2.52
N ARG B 121 22.39 -18.92 2.03
CA ARG B 121 22.89 -17.62 2.44
C ARG B 121 22.44 -17.11 3.84
N GLY B 122 21.17 -17.29 4.22
CA GLY B 122 20.73 -16.80 5.53
C GLY B 122 20.67 -17.83 6.67
N LYS B 123 20.84 -19.11 6.33
CA LYS B 123 20.92 -20.22 7.32
C LYS B 123 19.61 -20.50 8.07
N ALA B 124 18.51 -19.95 7.57
CA ALA B 124 17.24 -20.09 8.29
C ALA B 124 16.64 -21.51 8.24
N GLU B 125 15.89 -21.85 9.27
CA GLU B 125 15.30 -23.15 9.39
C GLU B 125 13.81 -23.05 9.52
N PRO B 126 13.08 -24.15 9.18
CA PRO B 126 11.64 -24.19 9.47
C PRO B 126 11.38 -23.77 10.91
N GLY B 127 10.56 -22.75 11.09
CA GLY B 127 10.27 -22.21 12.43
C GLY B 127 11.05 -20.97 12.89
N ASP B 128 12.04 -20.53 12.10
CA ASP B 128 12.84 -19.36 12.48
C ASP B 128 12.09 -18.01 12.30
N LYS B 129 10.94 -18.08 11.61
CA LYS B 129 10.08 -16.92 11.33
C LYS B 129 10.74 -15.94 10.34
N THR B 130 10.87 -16.38 9.08
CA THR B 130 11.57 -15.65 8.04
C THR B 130 10.85 -15.93 6.77
N MET B 131 11.28 -15.32 5.68
CA MET B 131 10.77 -15.64 4.33
C MET B 131 10.92 -17.14 3.92
N CYS B 132 11.88 -17.85 4.49
CA CYS B 132 12.05 -19.29 4.18
C CYS B 132 10.89 -20.13 4.67
N ASP B 133 10.24 -19.65 5.73
CA ASP B 133 8.98 -20.27 6.12
C ASP B 133 7.86 -20.21 5.09
N VAL B 134 7.99 -19.38 4.04
CA VAL B 134 7.05 -19.41 2.91
C VAL B 134 7.70 -20.10 1.68
N TRP B 135 9.00 -19.88 1.46
CA TRP B 135 9.66 -20.42 0.29
C TRP B 135 9.59 -21.95 0.29
N VAL B 136 9.90 -22.57 1.42
CA VAL B 136 9.94 -24.02 1.48
C VAL B 136 8.58 -24.67 1.10
N PRO B 137 7.46 -24.30 1.75
CA PRO B 137 6.18 -24.92 1.30
C PRO B 137 5.78 -24.60 -0.14
N VAL B 138 6.10 -23.40 -0.63
CA VAL B 138 5.84 -23.01 -2.02
C VAL B 138 6.54 -23.95 -3.01
N VAL B 139 7.81 -24.23 -2.71
CA VAL B 139 8.60 -25.16 -3.47
C VAL B 139 8.03 -26.56 -3.38
N GLU B 140 7.67 -26.97 -2.17
CA GLU B 140 7.01 -28.26 -1.98
C GLU B 140 5.62 -28.27 -2.67
N SER B 141 4.93 -27.15 -2.74
CA SER B 141 3.66 -27.11 -3.47
C SER B 141 3.85 -27.33 -4.97
N LEU B 142 4.87 -26.69 -5.50
CA LEU B 142 5.18 -26.75 -6.93
C LEU B 142 5.68 -28.13 -7.35
N ARG B 143 6.47 -28.79 -6.51
CA ARG B 143 6.88 -30.18 -6.74
C ARG B 143 5.63 -31.08 -6.84
N GLN B 144 4.70 -30.93 -5.91
CA GLN B 144 3.50 -31.77 -5.92
C GLN B 144 2.69 -31.54 -7.20
N SER B 145 2.44 -30.28 -7.55
CA SER B 145 1.69 -29.97 -8.76
C SER B 145 2.39 -30.51 -9.98
N SER B 146 3.72 -30.47 -9.95
CA SER B 146 4.57 -31.05 -11.00
C SER B 146 4.36 -32.57 -11.20
N GLU B 147 4.37 -33.34 -10.11
CA GLU B 147 4.05 -34.77 -10.13
C GLU B 147 2.64 -35.04 -10.65
N GLN B 148 1.65 -34.28 -10.17
CA GLN B 148 0.26 -34.49 -10.63
C GLN B 148 -0.05 -33.93 -12.03
N ASN B 149 0.95 -33.30 -12.66
CA ASN B 149 0.80 -32.77 -14.03
C ASN B 149 -0.25 -31.67 -14.23
N LEU B 150 -0.45 -30.87 -13.20
CA LEU B 150 -1.36 -29.74 -13.23
C LEU B 150 -0.90 -28.72 -14.27
N SER B 151 -1.83 -27.91 -14.75
CA SER B 151 -1.51 -26.81 -15.66
C SER B 151 -0.70 -25.79 -14.88
N VAL B 152 0.14 -24.98 -15.56
CA VAL B 152 0.92 -23.93 -14.86
C VAL B 152 0.01 -22.94 -14.07
N PRO B 153 -1.06 -22.38 -14.73
CA PRO B 153 -2.03 -21.51 -14.04
C PRO B 153 -2.66 -22.11 -12.79
N VAL B 154 -3.14 -23.37 -12.85
CA VAL B 154 -3.66 -24.00 -11.61
C VAL B 154 -2.59 -24.27 -10.57
N ALA B 155 -1.44 -24.80 -11.01
CA ALA B 155 -0.30 -25.00 -10.09
C ALA B 155 0.07 -23.71 -9.37
N LEU B 156 0.10 -22.59 -10.10
CA LEU B 156 0.53 -21.34 -9.50
C LEU B 156 -0.52 -20.76 -8.52
N GLU B 157 -1.80 -20.91 -8.87
CA GLU B 157 -2.89 -20.59 -7.97
C GLU B 157 -2.75 -21.40 -6.66
N ALA B 158 -2.38 -22.67 -6.75
CA ALA B 158 -2.19 -23.50 -5.55
C ALA B 158 -0.98 -23.07 -4.71
N ALA B 159 0.17 -22.82 -5.35
CA ALA B 159 1.33 -22.24 -4.62
C ALA B 159 0.99 -20.91 -3.96
N SER B 160 0.19 -20.12 -4.66
CA SER B 160 -0.23 -18.83 -4.17
C SER B 160 -1.04 -18.98 -2.86
N SER B 161 -1.98 -19.93 -2.85
CA SER B 161 -2.74 -20.31 -1.64
C SER B 161 -1.86 -20.82 -0.51
N ILE B 162 -1.02 -21.82 -0.80
CA ILE B 162 -0.05 -22.32 0.18
C ILE B 162 0.78 -21.14 0.75
N ALA B 163 1.19 -20.22 -0.12
CA ALA B 163 2.00 -19.09 0.32
C ALA B 163 1.23 -18.21 1.31
N GLU B 164 -0.08 -18.12 1.15
CA GLU B 164 -0.86 -17.31 2.07
C GLU B 164 -0.92 -17.93 3.46
N SER B 165 -1.27 -19.20 3.49
CA SER B 165 -1.26 -19.98 4.72
C SER B 165 0.11 -19.94 5.38
N ALA B 166 1.15 -20.13 4.58
CA ALA B 166 2.50 -20.16 5.12
C ALA B 166 2.86 -18.81 5.73
N ALA B 167 2.48 -17.69 5.12
CA ALA B 167 2.78 -16.39 5.73
C ALA B 167 2.05 -16.18 7.08
N GLN B 168 0.76 -16.52 7.09
CA GLN B 168 -0.10 -16.53 8.30
C GLN B 168 0.48 -17.46 9.35
N SER B 169 1.05 -18.58 8.92
CA SER B 169 1.66 -19.48 9.86
C SER B 169 2.83 -18.85 10.64
N THR B 170 3.46 -17.79 10.11
CA THR B 170 4.59 -17.13 10.84
C THR B 170 4.20 -16.32 12.08
N ILE B 171 2.90 -16.02 12.24
CA ILE B 171 2.38 -15.13 13.28
C ILE B 171 2.71 -15.64 14.67
N THR B 172 2.52 -16.95 14.89
CA THR B 172 2.72 -17.57 16.21
C THR B 172 4.15 -18.11 16.44
N MET B 173 5.03 -17.89 15.46
CA MET B 173 6.43 -18.29 15.59
C MET B 173 7.21 -17.22 16.33
N GLN B 174 8.11 -17.64 17.20
CA GLN B 174 9.09 -16.71 17.78
C GLN B 174 10.26 -16.56 16.79
N ALA B 175 10.73 -15.35 16.59
CA ALA B 175 11.85 -15.15 15.67
C ALA B 175 13.19 -15.63 16.22
N ARG B 176 13.93 -16.38 15.40
CA ARG B 176 15.28 -16.80 15.74
C ARG B 176 16.34 -16.29 14.77
N LYS B 177 15.93 -15.55 13.73
CA LYS B 177 16.84 -14.86 12.83
C LYS B 177 16.43 -13.39 12.60
N GLY B 178 17.39 -12.55 12.23
CA GLY B 178 17.10 -11.19 11.82
C GLY B 178 16.77 -10.27 12.98
N ARG B 179 16.25 -9.11 12.64
CA ARG B 179 16.01 -8.07 13.64
C ARG B 179 14.89 -8.42 14.63
N ALA B 180 13.85 -9.08 14.15
CA ALA B 180 12.79 -9.59 15.02
C ALA B 180 13.30 -10.42 16.21
N SER B 181 14.40 -11.15 16.05
CA SER B 181 14.80 -12.09 17.06
C SER B 181 15.41 -11.39 18.27
N TYR B 182 15.71 -10.08 18.12
CA TYR B 182 16.11 -9.23 19.23
C TYR B 182 14.97 -9.09 20.25
N LEU B 183 13.74 -9.22 19.75
CA LEU B 183 12.54 -8.99 20.55
C LEU B 183 12.20 -10.17 21.47
N GLY B 184 12.87 -11.30 21.23
CA GLY B 184 12.65 -12.53 21.99
C GLY B 184 11.22 -12.97 21.76
N GLU B 185 10.56 -13.31 22.88
CA GLU B 185 9.16 -13.74 22.94
C GLU B 185 8.18 -12.70 22.39
N ARG B 186 8.57 -11.43 22.37
CA ARG B 186 7.68 -10.35 21.95
C ARG B 186 7.43 -10.37 20.42
N SER B 187 8.14 -11.23 19.70
CA SER B 187 7.91 -11.40 18.25
C SER B 187 6.69 -12.28 17.89
N ILE B 188 6.24 -13.09 18.87
CA ILE B 188 5.04 -13.93 18.79
C ILE B 188 3.80 -13.04 18.72
N GLY B 189 2.85 -13.37 17.87
CA GLY B 189 1.65 -12.57 17.76
C GLY B 189 1.69 -11.58 16.62
N HIS B 190 2.79 -11.56 15.87
CA HIS B 190 2.98 -10.64 14.73
C HIS B 190 3.48 -11.34 13.44
N GLN B 191 2.77 -11.11 12.34
CA GLN B 191 3.17 -11.64 11.04
C GLN B 191 4.55 -11.16 10.51
N ASP B 192 5.39 -12.09 10.06
CA ASP B 192 6.68 -11.73 9.45
C ASP B 192 6.57 -11.00 8.10
N PRO B 193 7.19 -9.83 7.99
CA PRO B 193 7.07 -9.05 6.71
C PRO B 193 7.82 -9.67 5.51
N GLY B 194 9.00 -10.25 5.69
CA GLY B 194 9.63 -10.91 4.55
C GLY B 194 8.72 -12.01 3.97
N ALA B 195 8.05 -12.75 4.87
CA ALA B 195 7.14 -13.83 4.49
C ALA B 195 5.93 -13.35 3.68
N THR B 196 5.46 -12.17 4.05
CA THR B 196 4.34 -11.51 3.41
C THR B 196 4.72 -11.00 2.05
N SER B 197 5.96 -10.54 1.92
CA SER B 197 6.57 -10.27 0.59
C SER B 197 6.57 -11.49 -0.32
N VAL B 198 6.98 -12.65 0.18
CA VAL B 198 7.03 -13.83 -0.72
C VAL B 198 5.60 -14.14 -1.23
N MET B 199 4.64 -14.05 -0.32
CA MET B 199 3.24 -14.25 -0.63
C MET B 199 2.79 -13.32 -1.72
N PHE B 200 3.08 -12.01 -1.57
CA PHE B 200 2.73 -11.01 -2.59
C PHE B 200 3.29 -11.39 -3.96
N MET B 201 4.54 -11.86 -3.97
CA MET B 201 5.18 -12.35 -5.20
C MET B 201 4.46 -13.53 -5.80
N MET B 202 4.12 -14.54 -4.98
CA MET B 202 3.39 -15.70 -5.48
C MET B 202 1.98 -15.34 -5.94
N GLN B 203 1.35 -14.37 -5.26
CA GLN B 203 0.03 -13.98 -5.70
C GLN B 203 0.14 -13.34 -7.05
N MET B 204 1.14 -12.48 -7.27
CA MET B 204 1.26 -11.78 -8.57
C MET B 204 1.66 -12.75 -9.72
N LEU B 205 2.45 -13.77 -9.40
CA LEU B 205 2.87 -14.76 -10.41
C LEU B 205 1.64 -15.54 -10.90
N ALA B 206 0.86 -16.01 -9.93
CA ALA B 206 -0.46 -16.59 -10.19
C ALA B 206 -1.29 -15.71 -11.15
N LEU B 207 -1.27 -14.40 -10.99
CA LEU B 207 -2.07 -13.55 -11.88
C LEU B 207 -1.46 -13.48 -13.27
N ALA B 208 -0.13 -13.35 -13.32
CA ALA B 208 0.63 -13.24 -14.56
C ALA B 208 0.41 -14.47 -15.43
N ALA B 209 0.35 -15.64 -14.78
CA ALA B 209 0.19 -16.90 -15.48
C ALA B 209 -1.17 -17.09 -16.14
N LYS B 210 -2.12 -16.22 -15.83
CA LYS B 210 -3.42 -16.24 -16.54
C LYS B 210 -3.36 -15.50 -17.87
N GLU B 211 -2.35 -14.64 -18.01
CA GLU B 211 -2.30 -13.69 -19.15
C GLU B 211 -1.30 -14.06 -20.27
N GLY C 1 -41.93 -14.71 42.37
CA GLY C 1 -43.05 -14.93 41.41
C GLY C 1 -43.91 -13.70 41.11
N SER C 2 -43.59 -12.58 41.76
CA SER C 2 -44.44 -11.45 41.62
C SER C 2 -44.09 -10.71 40.33
N SER C 3 -42.83 -10.86 39.90
CA SER C 3 -42.32 -10.19 38.68
C SER C 3 -41.20 -10.87 37.85
N LEU C 4 -41.02 -10.38 36.61
CA LEU C 4 -39.92 -10.77 35.71
C LEU C 4 -38.85 -9.67 35.66
N SER C 5 -37.65 -9.96 36.13
CA SER C 5 -36.53 -9.00 36.12
C SER C 5 -35.88 -8.80 34.73
N ARG C 6 -35.09 -7.73 34.60
CA ARG C 6 -34.41 -7.56 33.33
C ARG C 6 -33.32 -8.57 33.04
N THR C 7 -32.56 -8.99 34.05
CA THR C 7 -31.61 -10.03 33.91
C THR C 7 -32.30 -11.33 33.40
N GLN C 8 -33.51 -11.59 33.87
CA GLN C 8 -34.28 -12.69 33.38
C GLN C 8 -34.58 -12.54 31.94
N ILE C 9 -34.85 -11.30 31.50
CA ILE C 9 -35.13 -11.05 30.11
C ILE C 9 -33.88 -11.26 29.29
N VAL C 10 -32.73 -10.86 29.81
CA VAL C 10 -31.44 -11.13 29.13
C VAL C 10 -31.18 -12.66 29.03
N ASN C 11 -31.47 -13.39 30.10
CA ASN C 11 -31.37 -14.87 30.05
C ASN C 11 -32.36 -15.51 29.05
N TRP C 12 -33.56 -14.93 28.98
CA TRP C 12 -34.51 -15.40 27.98
C TRP C 12 -33.89 -15.34 26.60
N LEU C 13 -33.41 -14.14 26.24
CA LEU C 13 -32.92 -13.89 24.91
C LEU C 13 -31.65 -14.71 24.64
N THR C 14 -30.85 -14.94 25.66
CA THR C 14 -29.70 -15.80 25.49
C THR C 14 -30.11 -17.24 25.11
N ARG C 15 -31.12 -17.72 25.81
CA ARG C 15 -31.70 -19.04 25.56
C ARG C 15 -32.34 -19.11 24.18
N CYS C 16 -32.95 -18.01 23.71
CA CYS C 16 -33.47 -18.00 22.34
C CYS C 16 -32.30 -18.15 21.33
N GLY C 17 -31.15 -17.50 21.56
CA GLY C 17 -29.98 -17.76 20.72
C GLY C 17 -29.68 -19.26 20.63
N ASP C 18 -29.72 -19.96 21.75
CA ASP C 18 -29.44 -21.38 21.75
C ASP C 18 -30.43 -22.22 20.96
N ILE C 19 -31.71 -22.13 21.32
CA ILE C 19 -32.79 -22.79 20.61
C ILE C 19 -32.85 -22.48 19.09
N PHE C 20 -32.66 -21.25 18.66
CA PHE C 20 -32.68 -21.04 17.21
C PHE C 20 -31.42 -21.64 16.51
N SER C 21 -30.35 -21.88 17.28
CA SER C 21 -29.16 -22.55 16.73
C SER C 21 -29.41 -24.06 16.64
N THR C 22 -29.87 -24.68 17.72
CA THR C 22 -30.07 -26.12 17.78
C THR C 22 -31.29 -26.60 16.98
N GLU C 23 -32.34 -25.79 16.90
CA GLU C 23 -33.55 -26.16 16.13
C GLU C 23 -33.56 -25.56 14.73
N SER C 24 -32.42 -25.05 14.29
CA SER C 24 -32.26 -24.50 12.95
C SER C 24 -32.74 -25.44 11.78
N GLU C 25 -32.22 -26.68 11.77
CA GLU C 25 -32.51 -27.62 10.67
C GLU C 25 -33.94 -28.05 10.75
N TYR C 26 -34.45 -28.12 11.97
CA TYR C 26 -35.85 -28.47 12.16
C TYR C 26 -36.85 -27.44 11.62
N LEU C 27 -36.65 -26.17 11.98
CA LEU C 27 -37.42 -25.03 11.49
C LEU C 27 -37.26 -24.87 9.96
N THR C 28 -36.03 -24.93 9.48
CA THR C 28 -35.83 -25.05 8.03
C THR C 28 -36.58 -26.24 7.39
N GLY C 29 -36.55 -27.40 8.03
CA GLY C 29 -37.29 -28.54 7.50
C GLY C 29 -38.79 -28.24 7.36
N LEU C 30 -39.38 -27.68 8.41
CA LEU C 30 -40.78 -27.20 8.35
C LEU C 30 -41.08 -26.24 7.21
N ASP C 31 -40.13 -25.36 6.92
CA ASP C 31 -40.29 -24.31 5.91
C ASP C 31 -39.97 -24.86 4.53
N ARG C 32 -39.34 -26.05 4.46
CA ARG C 32 -39.08 -26.71 3.17
C ARG C 32 -40.36 -27.29 2.62
N GLU C 33 -41.19 -27.85 3.51
CA GLU C 33 -42.45 -28.48 3.11
C GLU C 33 -43.43 -27.46 2.53
N ILE C 34 -43.48 -26.28 3.12
CA ILE C 34 -44.48 -25.29 2.70
C ILE C 34 -43.93 -23.88 2.32
N GLY C 35 -42.61 -23.71 2.38
CA GLY C 35 -42.00 -22.45 1.95
C GLY C 35 -40.77 -22.60 1.10
N ASP C 36 -39.86 -21.62 1.25
CA ASP C 36 -38.63 -21.55 0.49
C ASP C 36 -37.48 -22.10 1.30
N ALA C 37 -37.76 -22.85 2.36
CA ALA C 37 -36.72 -23.58 3.07
C ALA C 37 -35.65 -22.73 3.73
N ASP C 38 -35.99 -21.63 4.40
CA ASP C 38 -34.95 -20.75 4.99
C ASP C 38 -35.19 -20.33 6.42
N HIS C 39 -36.40 -20.57 6.93
CA HIS C 39 -36.81 -19.97 8.21
C HIS C 39 -35.88 -20.22 9.38
N GLY C 40 -35.51 -21.47 9.60
CA GLY C 40 -34.55 -21.80 10.66
C GLY C 40 -33.18 -21.17 10.45
N LEU C 41 -32.69 -21.19 9.21
CA LEU C 41 -31.45 -20.52 8.88
C LEU C 41 -31.52 -18.98 9.19
N ASN C 42 -32.60 -18.35 8.79
CA ASN C 42 -32.77 -16.91 9.00
C ASN C 42 -32.93 -16.50 10.49
N MET C 43 -33.76 -17.22 11.24
CA MET C 43 -33.92 -16.94 12.68
C MET C 43 -32.61 -17.10 13.46
N ASN C 44 -31.76 -17.99 12.97
CA ASN C 44 -30.50 -18.24 13.59
C ASN C 44 -29.49 -17.17 13.26
N ARG C 45 -29.50 -16.71 12.03
CA ARG C 45 -28.75 -15.55 11.66
C ARG C 45 -29.17 -14.32 12.53
N GLY C 46 -30.46 -14.09 12.71
CA GLY C 46 -30.91 -12.97 13.49
C GLY C 46 -30.60 -13.15 14.95
N PHE C 47 -31.05 -14.25 15.56
CA PHE C 47 -30.80 -14.41 16.96
C PHE C 47 -29.34 -14.52 17.38
N SER C 48 -28.46 -15.00 16.49
CA SER C 48 -27.08 -15.09 16.90
C SER C 48 -26.48 -13.69 17.02
N LYS C 49 -26.92 -12.80 16.12
CA LYS C 49 -26.58 -11.41 16.18
C LYS C 49 -27.18 -10.78 17.45
N VAL C 50 -28.45 -11.08 17.76
CA VAL C 50 -29.06 -10.59 19.03
C VAL C 50 -28.19 -10.88 20.25
N VAL C 51 -27.78 -12.14 20.41
CA VAL C 51 -27.00 -12.63 21.53
C VAL C 51 -25.56 -12.10 21.53
N GLU C 52 -24.94 -12.01 20.36
CA GLU C 52 -23.72 -11.21 20.14
C GLU C 52 -23.74 -9.83 20.77
N LYS C 53 -24.86 -9.15 20.65
CA LYS C 53 -24.97 -7.71 21.04
C LYS C 53 -25.31 -7.56 22.50
N LEU C 54 -25.69 -8.67 23.13
CA LEU C 54 -26.35 -8.65 24.41
C LEU C 54 -25.44 -8.32 25.60
N PRO C 55 -24.22 -8.90 25.67
CA PRO C 55 -23.32 -8.54 26.76
C PRO C 55 -23.14 -7.02 26.94
N ALA C 56 -22.89 -6.28 25.88
CA ALA C 56 -22.75 -4.82 25.96
C ALA C 56 -23.96 -4.09 26.60
N ILE C 57 -25.18 -4.63 26.41
CA ILE C 57 -26.40 -3.94 26.81
C ILE C 57 -27.16 -4.61 27.96
N ALA C 58 -26.58 -5.64 28.57
CA ALA C 58 -27.25 -6.45 29.56
C ALA C 58 -27.47 -5.73 30.90
N ASP C 59 -26.76 -4.63 31.11
CA ASP C 59 -26.87 -3.88 32.35
C ASP C 59 -27.80 -2.68 32.20
N LYS C 60 -28.55 -2.62 31.09
CA LYS C 60 -29.40 -1.47 30.78
C LYS C 60 -30.84 -1.85 31.11
N ASP C 61 -31.79 -1.00 30.72
CA ASP C 61 -33.19 -1.30 30.94
C ASP C 61 -33.80 -2.24 29.89
N ILE C 62 -34.93 -2.85 30.25
CA ILE C 62 -35.72 -3.73 29.40
C ILE C 62 -36.07 -3.14 28.04
N GLY C 63 -36.57 -1.91 28.06
CA GLY C 63 -36.94 -1.19 26.85
C GLY C 63 -35.75 -1.10 25.90
N PHE C 64 -34.61 -0.63 26.37
CA PHE C 64 -33.44 -0.51 25.52
C PHE C 64 -32.97 -1.88 24.98
N ILE C 65 -33.01 -2.92 25.83
CA ILE C 65 -32.61 -4.27 25.41
C ILE C 65 -33.58 -4.81 24.36
N LEU C 66 -34.89 -4.66 24.57
CA LEU C 66 -35.83 -5.17 23.58
C LEU C 66 -35.76 -4.40 22.25
N LYS C 67 -35.43 -3.11 22.36
CA LYS C 67 -35.31 -2.26 21.21
C LYS C 67 -34.10 -2.62 20.36
N ASN C 68 -32.97 -2.93 21.00
CA ASN C 68 -31.81 -3.41 20.26
C ASN C 68 -32.12 -4.73 19.61
N THR C 69 -32.67 -5.65 20.42
CA THR C 69 -33.11 -6.96 19.91
C THR C 69 -34.03 -6.82 18.69
N GLY C 70 -35.12 -6.08 18.83
CA GLY C 70 -36.00 -5.90 17.68
C GLY C 70 -35.37 -5.23 16.46
N MET C 71 -34.51 -4.28 16.67
CA MET C 71 -33.85 -3.64 15.57
C MET C 71 -32.94 -4.59 14.76
N THR C 72 -32.17 -5.39 15.50
CA THR C 72 -31.37 -6.46 14.99
C THR C 72 -32.18 -7.43 14.17
N LEU C 73 -33.30 -7.89 14.70
CA LEU C 73 -34.04 -8.91 14.01
C LEU C 73 -34.62 -8.30 12.76
N LEU C 74 -34.96 -7.03 12.86
CA LEU C 74 -35.63 -6.39 11.78
C LEU C 74 -34.80 -6.31 10.51
N SER C 75 -33.49 -6.08 10.61
CA SER C 75 -32.70 -5.86 9.41
C SER C 75 -31.86 -7.10 8.99
N SER C 76 -32.06 -8.20 9.68
CA SER C 76 -31.06 -9.23 9.68
C SER C 76 -31.69 -10.65 9.57
N VAL C 77 -33.02 -10.75 9.80
CA VAL C 77 -33.70 -12.00 9.55
C VAL C 77 -34.14 -12.12 8.09
N GLY C 78 -34.81 -11.10 7.54
CA GLY C 78 -35.25 -11.13 6.15
C GLY C 78 -36.64 -11.76 5.92
N GLY C 79 -37.17 -11.59 4.70
CA GLY C 79 -38.45 -12.14 4.29
C GLY C 79 -39.58 -11.64 5.17
N ALA C 80 -40.63 -12.45 5.24
CA ALA C 80 -41.83 -12.09 5.97
C ALA C 80 -41.56 -12.04 7.48
N SER C 81 -40.78 -12.95 8.04
CA SER C 81 -40.77 -13.04 9.51
C SER C 81 -39.89 -11.98 10.24
N GLY C 82 -38.85 -11.50 9.57
CA GLY C 82 -37.98 -10.48 10.13
C GLY C 82 -38.67 -9.21 10.57
N PRO C 83 -39.42 -8.56 9.65
CA PRO C 83 -40.25 -7.37 10.03
C PRO C 83 -41.27 -7.67 11.11
N LEU C 84 -41.79 -8.89 11.11
CA LEU C 84 -42.77 -9.24 12.11
C LEU C 84 -42.16 -9.50 13.47
N PHE C 85 -41.12 -10.31 13.55
CA PHE C 85 -40.52 -10.46 14.85
C PHE C 85 -39.87 -9.15 15.34
N GLY C 86 -39.30 -8.41 14.42
CA GLY C 86 -38.81 -7.07 14.71
C GLY C 86 -39.87 -6.21 15.34
N THR C 87 -40.99 -6.02 14.66
CA THR C 87 -42.12 -5.22 15.16
C THR C 87 -42.57 -5.68 16.54
N PHE C 88 -42.72 -6.98 16.75
CA PHE C 88 -43.03 -7.46 18.09
C PHE C 88 -42.13 -6.87 19.16
N PHE C 89 -40.81 -6.98 18.94
CA PHE C 89 -39.85 -6.52 19.92
C PHE C 89 -39.81 -5.01 20.04
N ILE C 90 -40.01 -4.34 18.90
CA ILE C 90 -40.05 -2.91 18.92
C ILE C 90 -41.28 -2.41 19.72
N ARG C 91 -42.46 -2.96 19.48
CA ARG C 91 -43.63 -2.57 20.25
C ARG C 91 -43.45 -2.90 21.74
N ALA C 92 -42.89 -4.10 22.03
CA ALA C 92 -42.65 -4.53 23.40
C ALA C 92 -41.74 -3.56 24.07
N ALA C 93 -40.72 -3.12 23.33
CA ALA C 93 -39.76 -2.16 23.86
C ALA C 93 -40.40 -0.82 24.20
N GLN C 94 -41.36 -0.37 23.38
CA GLN C 94 -41.89 0.94 23.69
C GLN C 94 -42.84 0.90 24.88
N ALA C 95 -43.31 -0.30 25.22
CA ALA C 95 -44.10 -0.47 26.42
C ALA C 95 -43.25 -0.55 27.70
N THR C 96 -41.96 -0.83 27.57
CA THR C 96 -41.15 -1.09 28.75
C THR C 96 -39.97 -0.15 28.94
N GLN C 97 -40.05 1.05 28.37
CA GLN C 97 -38.99 2.06 28.51
C GLN C 97 -38.60 2.28 29.96
N ALA C 98 -37.30 2.23 30.23
CA ALA C 98 -36.74 2.36 31.60
C ALA C 98 -37.04 1.23 32.61
N ARG C 99 -37.93 0.28 32.31
CA ARG C 99 -38.25 -0.80 33.28
C ARG C 99 -37.08 -1.66 33.62
N GLN C 100 -37.06 -2.15 34.85
CA GLN C 100 -36.02 -3.05 35.31
C GLN C 100 -36.64 -4.35 35.82
N SER C 101 -37.97 -4.40 35.80
CA SER C 101 -38.76 -5.53 36.25
C SER C 101 -40.18 -5.23 35.83
N LEU C 102 -40.96 -6.28 35.67
CA LEU C 102 -42.30 -6.20 35.12
C LEU C 102 -43.21 -7.14 35.92
N THR C 103 -44.35 -6.62 36.37
CA THR C 103 -45.34 -7.49 37.02
C THR C 103 -46.04 -8.28 35.95
N LEU C 104 -46.83 -9.25 36.36
CA LEU C 104 -47.50 -10.14 35.42
C LEU C 104 -48.47 -9.34 34.55
N GLU C 105 -49.11 -8.35 35.15
CA GLU C 105 -49.99 -7.45 34.39
C GLU C 105 -49.21 -6.69 33.29
N GLU C 106 -48.03 -6.22 33.64
CA GLU C 106 -47.17 -5.43 32.72
C GLU C 106 -46.62 -6.34 31.60
N LEU C 107 -46.30 -7.56 31.95
CA LEU C 107 -45.83 -8.54 31.01
C LEU C 107 -46.94 -8.84 30.01
N TYR C 108 -48.16 -8.97 30.48
CA TYR C 108 -49.27 -9.20 29.59
C TYR C 108 -49.46 -7.98 28.67
N GLN C 109 -49.24 -6.76 29.19
CA GLN C 109 -49.44 -5.55 28.37
C GLN C 109 -48.43 -5.44 27.24
N MET C 110 -47.18 -5.79 27.56
CA MET C 110 -46.04 -5.82 26.66
C MET C 110 -46.31 -6.75 25.49
N PHE C 111 -46.62 -8.00 25.79
CA PHE C 111 -47.03 -8.98 24.79
C PHE C 111 -48.25 -8.55 24.02
N ARG C 112 -49.25 -8.00 24.71
CA ARG C 112 -50.41 -7.49 24.00
C ARG C 112 -49.99 -6.45 22.92
N ASP C 113 -49.22 -5.44 23.29
CA ASP C 113 -48.80 -4.40 22.34
C ASP C 113 -47.98 -5.02 21.17
N GLY C 114 -47.01 -5.88 21.52
CA GLY C 114 -46.20 -6.53 20.52
C GLY C 114 -47.01 -7.36 19.53
N ALA C 115 -47.93 -8.19 20.04
CA ALA C 115 -48.82 -8.87 19.11
C ALA C 115 -49.71 -7.90 18.28
N ASP C 116 -50.22 -6.83 18.89
CA ASP C 116 -50.98 -5.82 18.12
C ASP C 116 -50.13 -5.29 16.98
N GLY C 117 -48.85 -5.11 17.27
CA GLY C 117 -47.90 -4.69 16.27
C GLY C 117 -47.73 -5.66 15.13
N VAL C 118 -47.63 -6.96 15.41
CA VAL C 118 -47.50 -7.92 14.32
C VAL C 118 -48.78 -8.18 13.54
N ILE C 119 -49.93 -7.99 14.18
CA ILE C 119 -51.21 -8.09 13.48
C ILE C 119 -51.37 -6.85 12.57
N SER C 120 -51.09 -5.65 13.06
CA SER C 120 -51.30 -4.52 12.17
C SER C 120 -50.32 -4.46 10.99
N ARG C 121 -49.07 -4.87 11.18
CA ARG C 121 -48.11 -4.91 10.10
C ARG C 121 -48.48 -6.03 9.09
N GLY C 122 -48.84 -7.20 9.57
CA GLY C 122 -49.04 -8.29 8.63
C GLY C 122 -50.49 -8.61 8.22
N LYS C 123 -51.47 -8.06 8.94
CA LYS C 123 -52.91 -8.19 8.58
C LYS C 123 -53.46 -9.58 8.84
N ALA C 124 -52.76 -10.39 9.60
CA ALA C 124 -53.17 -11.77 9.68
C ALA C 124 -54.40 -11.97 10.58
N GLU C 125 -55.23 -12.95 10.23
CA GLU C 125 -56.40 -13.27 11.02
C GLU C 125 -56.33 -14.67 11.62
N PRO C 126 -57.09 -14.91 12.71
CA PRO C 126 -57.16 -16.30 13.21
C PRO C 126 -57.53 -17.25 12.06
N GLY C 127 -56.80 -18.33 11.91
CA GLY C 127 -57.07 -19.28 10.82
C GLY C 127 -56.19 -19.18 9.57
N ASP C 128 -55.50 -18.03 9.43
CA ASP C 128 -54.56 -17.79 8.28
C ASP C 128 -53.30 -18.68 8.27
N LYS C 129 -52.98 -19.32 9.41
CA LYS C 129 -51.85 -20.25 9.56
C LYS C 129 -50.51 -19.47 9.53
N THR C 130 -50.30 -18.66 10.56
CA THR C 130 -49.13 -17.79 10.70
C THR C 130 -48.74 -17.78 12.17
N MET C 131 -47.74 -16.97 12.52
CA MET C 131 -47.32 -16.78 13.90
C MET C 131 -48.41 -16.17 14.79
N CYS C 132 -49.32 -15.42 14.17
CA CYS C 132 -50.43 -14.81 14.91
C CYS C 132 -51.32 -15.83 15.61
N ASP C 133 -51.41 -17.03 15.01
CA ASP C 133 -52.17 -18.12 15.61
C ASP C 133 -51.56 -18.63 16.91
N VAL C 134 -50.30 -18.28 17.22
CA VAL C 134 -49.75 -18.57 18.52
C VAL C 134 -49.78 -17.31 19.40
N TRP C 135 -49.49 -16.12 18.82
CA TRP C 135 -49.42 -14.90 19.57
C TRP C 135 -50.78 -14.59 20.20
N VAL C 136 -51.86 -14.70 19.43
CA VAL C 136 -53.16 -14.31 19.95
C VAL C 136 -53.55 -15.17 21.20
N PRO C 137 -53.52 -16.52 21.08
CA PRO C 137 -53.79 -17.33 22.28
C PRO C 137 -52.81 -17.08 23.42
N VAL C 138 -51.52 -16.86 23.13
CA VAL C 138 -50.57 -16.59 24.18
C VAL C 138 -50.91 -15.33 25.01
N VAL C 139 -51.29 -14.27 24.30
CA VAL C 139 -51.73 -13.03 24.91
C VAL C 139 -52.97 -13.26 25.79
N GLU C 140 -53.97 -13.93 25.21
CA GLU C 140 -55.12 -14.37 25.99
C GLU C 140 -54.71 -15.27 27.21
N SER C 141 -53.71 -16.13 27.06
CA SER C 141 -53.23 -16.89 28.21
C SER C 141 -52.72 -15.99 29.34
N LEU C 142 -52.02 -14.93 28.97
CA LEU C 142 -51.36 -14.12 29.96
C LEU C 142 -52.35 -13.18 30.61
N ARG C 143 -53.36 -12.77 29.86
CA ARG C 143 -54.47 -11.98 30.40
C ARG C 143 -55.24 -12.77 31.47
N GLN C 144 -55.48 -14.06 31.23
CA GLN C 144 -56.18 -14.89 32.22
C GLN C 144 -55.33 -15.06 33.48
N SER C 145 -54.04 -15.35 33.30
CA SER C 145 -53.15 -15.57 34.44
C SER C 145 -53.09 -14.34 35.32
N SER C 146 -53.12 -13.19 34.65
CA SER C 146 -53.12 -11.90 35.24
C SER C 146 -54.37 -11.63 36.06
N GLU C 147 -55.57 -11.87 35.48
CA GLU C 147 -56.87 -11.85 36.20
C GLU C 147 -56.76 -12.69 37.49
N GLN C 148 -56.12 -13.86 37.37
CA GLN C 148 -56.06 -14.82 38.48
C GLN C 148 -54.91 -14.59 39.47
N ASN C 149 -54.03 -13.62 39.18
CA ASN C 149 -52.90 -13.35 40.07
C ASN C 149 -51.94 -14.51 40.28
N LEU C 150 -51.75 -15.29 39.24
CA LEU C 150 -50.76 -16.33 39.24
C LEU C 150 -49.36 -15.69 39.30
N SER C 151 -48.39 -16.41 39.85
CA SER C 151 -46.99 -16.01 39.84
C SER C 151 -46.47 -15.97 38.39
N VAL C 152 -45.41 -15.17 38.15
CA VAL C 152 -44.89 -15.05 36.79
C VAL C 152 -44.40 -16.40 36.25
N PRO C 153 -43.58 -17.14 37.03
CA PRO C 153 -43.19 -18.50 36.65
C PRO C 153 -44.37 -19.42 36.29
N VAL C 154 -45.40 -19.50 37.13
CA VAL C 154 -46.57 -20.30 36.68
C VAL C 154 -47.29 -19.75 35.46
N ALA C 155 -47.48 -18.43 35.38
CA ALA C 155 -48.15 -17.86 34.20
C ALA C 155 -47.41 -18.23 32.90
N LEU C 156 -46.09 -18.18 32.95
CA LEU C 156 -45.31 -18.35 31.73
C LEU C 156 -45.27 -19.81 31.30
N GLU C 157 -45.29 -20.73 32.27
CA GLU C 157 -45.45 -22.18 32.00
C GLU C 157 -46.82 -22.39 31.32
N ALA C 158 -47.86 -21.76 31.84
CA ALA C 158 -49.19 -21.84 31.26
C ALA C 158 -49.18 -21.32 29.82
N ALA C 159 -48.58 -20.15 29.62
CA ALA C 159 -48.54 -19.53 28.29
C ALA C 159 -47.66 -20.38 27.33
N SER C 160 -46.62 -20.99 27.90
CA SER C 160 -45.79 -21.92 27.15
C SER C 160 -46.59 -23.13 26.65
N SER C 161 -47.48 -23.67 27.50
CA SER C 161 -48.26 -24.87 27.10
C SER C 161 -49.29 -24.51 26.07
N ILE C 162 -49.95 -23.39 26.27
CA ILE C 162 -50.86 -22.84 25.25
C ILE C 162 -50.14 -22.63 23.91
N ALA C 163 -48.91 -22.12 23.95
CA ALA C 163 -48.14 -21.89 22.71
C ALA C 163 -47.91 -23.20 21.95
N GLU C 164 -47.65 -24.26 22.70
CA GLU C 164 -47.40 -25.52 22.08
C GLU C 164 -48.65 -25.97 21.36
N SER C 165 -49.77 -25.93 22.07
CA SER C 165 -51.08 -26.28 21.49
C SER C 165 -51.40 -25.44 20.28
N ALA C 166 -51.15 -24.12 20.36
CA ALA C 166 -51.52 -23.24 19.26
C ALA C 166 -50.66 -23.53 18.05
N ALA C 167 -49.40 -23.91 18.26
CA ALA C 167 -48.53 -24.28 17.13
C ALA C 167 -49.01 -25.55 16.42
N GLN C 168 -49.17 -26.63 17.20
CA GLN C 168 -49.83 -27.87 16.72
C GLN C 168 -51.18 -27.59 16.00
N SER C 169 -51.97 -26.65 16.51
CA SER C 169 -53.23 -26.30 15.84
C SER C 169 -53.08 -25.76 14.39
N THR C 170 -51.93 -25.20 14.02
CA THR C 170 -51.73 -24.69 12.64
C THR C 170 -51.60 -25.75 11.54
N ILE C 171 -51.27 -26.98 11.93
CA ILE C 171 -51.16 -28.14 11.02
C ILE C 171 -52.35 -28.35 10.11
N THR C 172 -53.56 -28.35 10.68
CA THR C 172 -54.79 -28.56 9.91
C THR C 172 -55.21 -27.33 9.07
N MET C 173 -54.65 -26.16 9.37
CA MET C 173 -55.03 -24.93 8.69
C MET C 173 -54.53 -24.83 7.26
N GLN C 174 -55.34 -24.25 6.39
CA GLN C 174 -54.88 -23.80 5.08
C GLN C 174 -54.27 -22.39 5.22
N ALA C 175 -53.11 -22.21 4.61
CA ALA C 175 -52.43 -20.92 4.66
C ALA C 175 -53.12 -19.89 3.76
N ARG C 176 -53.38 -18.72 4.33
CA ARG C 176 -53.97 -17.64 3.56
C ARG C 176 -53.05 -16.42 3.50
N LYS C 177 -51.94 -16.44 4.24
CA LYS C 177 -50.92 -15.42 4.12
C LYS C 177 -49.55 -16.07 3.92
N GLY C 178 -48.64 -15.32 3.33
CA GLY C 178 -47.26 -15.76 3.28
C GLY C 178 -47.03 -16.72 2.15
N ARG C 179 -45.87 -17.34 2.17
CA ARG C 179 -45.41 -18.10 1.02
C ARG C 179 -46.11 -19.44 0.95
N ALA C 180 -46.49 -19.96 2.12
CA ALA C 180 -47.36 -21.14 2.21
C ALA C 180 -48.69 -21.02 1.44
N SER C 181 -49.23 -19.81 1.33
CA SER C 181 -50.58 -19.62 0.82
C SER C 181 -50.61 -19.87 -0.67
N TYR C 182 -49.41 -19.83 -1.28
CA TYR C 182 -49.17 -20.23 -2.66
C TYR C 182 -49.51 -21.68 -2.95
N LEU C 183 -49.44 -22.53 -1.94
CA LEU C 183 -49.63 -23.94 -2.13
C LEU C 183 -51.12 -24.33 -2.16
N GLY C 184 -52.00 -23.34 -1.91
CA GLY C 184 -53.43 -23.56 -1.72
C GLY C 184 -53.62 -24.66 -0.70
N GLU C 185 -54.51 -25.60 -1.02
CA GLU C 185 -54.78 -26.80 -0.20
C GLU C 185 -53.57 -27.61 0.28
N ARG C 186 -52.46 -27.57 -0.48
CA ARG C 186 -51.23 -28.33 -0.13
C ARG C 186 -50.52 -27.90 1.17
N SER C 187 -50.88 -26.75 1.69
CA SER C 187 -50.36 -26.30 2.99
C SER C 187 -50.90 -27.11 4.17
N ILE C 188 -52.02 -27.81 3.94
CA ILE C 188 -52.72 -28.59 4.97
C ILE C 188 -51.94 -29.85 5.30
N GLY C 189 -51.76 -30.12 6.60
CA GLY C 189 -50.97 -31.29 7.05
C GLY C 189 -49.54 -30.95 7.50
N HIS C 190 -49.16 -29.69 7.42
CA HIS C 190 -47.81 -29.28 7.78
C HIS C 190 -47.86 -28.12 8.81
N GLN C 191 -47.13 -28.28 9.91
CA GLN C 191 -47.04 -27.24 10.95
C GLN C 191 -46.40 -25.95 10.37
N ASP C 192 -46.92 -24.79 10.78
CA ASP C 192 -46.32 -23.49 10.39
C ASP C 192 -44.96 -23.19 11.06
N PRO C 193 -43.94 -22.83 10.30
CA PRO C 193 -42.64 -22.51 10.95
C PRO C 193 -42.62 -21.26 11.84
N GLY C 194 -43.24 -20.16 11.41
CA GLY C 194 -43.25 -18.97 12.28
C GLY C 194 -43.96 -19.24 13.60
N ALA C 195 -45.09 -19.96 13.54
CA ALA C 195 -45.80 -20.37 14.73
C ALA C 195 -44.91 -21.21 15.68
N THR C 196 -44.06 -22.05 15.12
CA THR C 196 -43.16 -22.90 15.89
C THR C 196 -42.08 -22.07 16.56
N SER C 197 -41.61 -21.04 15.85
CA SER C 197 -40.72 -20.03 16.41
C SER C 197 -41.33 -19.32 17.64
N VAL C 198 -42.57 -18.87 17.58
CA VAL C 198 -43.16 -18.23 18.77
C VAL C 198 -43.16 -19.20 19.95
N MET C 199 -43.49 -20.45 19.68
CA MET C 199 -43.51 -21.51 20.70
C MET C 199 -42.17 -21.65 21.34
N PHE C 200 -41.13 -21.79 20.51
CA PHE C 200 -39.77 -21.82 21.05
C PHE C 200 -39.48 -20.65 21.97
N MET C 201 -39.87 -19.44 21.56
CA MET C 201 -39.61 -18.27 22.41
C MET C 201 -40.30 -18.34 23.74
N MET C 202 -41.59 -18.74 23.73
CA MET C 202 -42.36 -18.90 24.96
C MET C 202 -41.80 -20.03 25.87
N GLN C 203 -41.34 -21.13 25.29
CA GLN C 203 -40.72 -22.17 26.14
C GLN C 203 -39.47 -21.62 26.80
N MET C 204 -38.66 -20.86 26.05
CA MET C 204 -37.43 -20.31 26.62
C MET C 204 -37.74 -19.26 27.69
N LEU C 205 -38.80 -18.47 27.50
CA LEU C 205 -39.17 -17.45 28.50
C LEU C 205 -39.60 -18.10 29.83
N ALA C 206 -40.42 -19.13 29.67
CA ALA C 206 -40.81 -19.97 30.79
C ALA C 206 -39.58 -20.45 31.57
N LEU C 207 -38.55 -20.87 30.88
CA LEU C 207 -37.33 -21.36 31.54
C LEU C 207 -36.57 -20.27 32.24
N ALA C 208 -36.39 -19.13 31.56
CA ALA C 208 -35.73 -17.97 32.13
C ALA C 208 -36.43 -17.44 33.39
N ALA C 209 -37.77 -17.52 33.44
CA ALA C 209 -38.50 -17.05 34.63
C ALA C 209 -38.31 -17.88 35.89
N LYS C 210 -37.68 -19.06 35.78
CA LYS C 210 -37.35 -19.89 36.95
C LYS C 210 -36.04 -19.49 37.59
N GLU C 211 -35.21 -18.74 36.86
CA GLU C 211 -33.88 -18.33 37.38
C GLU C 211 -33.82 -16.86 37.85
N GLY D 1 -9.48 35.62 19.68
CA GLY D 1 -8.92 35.22 18.37
C GLY D 1 -8.13 33.91 18.39
N SER D 2 -7.99 33.33 19.58
CA SER D 2 -7.17 32.15 19.77
C SER D 2 -7.93 30.92 19.30
N SER D 3 -9.26 30.98 19.32
CA SER D 3 -10.05 29.78 19.08
C SER D 3 -11.44 29.98 18.47
N LEU D 4 -11.95 28.90 17.83
CA LEU D 4 -13.34 28.86 17.36
C LEU D 4 -14.18 28.08 18.37
N SER D 5 -15.21 28.71 18.91
CA SER D 5 -16.05 28.08 19.92
C SER D 5 -17.19 27.30 19.26
N ARG D 6 -17.82 26.46 20.07
CA ARG D 6 -18.96 25.66 19.65
C ARG D 6 -20.12 26.55 19.16
N THR D 7 -20.44 27.55 19.97
CA THR D 7 -21.45 28.53 19.65
C THR D 7 -21.20 29.18 18.27
N GLN D 8 -19.93 29.45 17.95
CA GLN D 8 -19.60 29.98 16.65
C GLN D 8 -19.82 29.02 15.50
N ILE D 9 -19.61 27.72 15.75
CA ILE D 9 -19.86 26.70 14.76
C ILE D 9 -21.37 26.68 14.51
N VAL D 10 -22.14 26.86 15.56
CA VAL D 10 -23.61 26.79 15.46
C VAL D 10 -24.13 28.00 14.64
N ASN D 11 -23.54 29.18 14.91
CA ASN D 11 -23.85 30.38 14.19
C ASN D 11 -23.36 30.28 12.74
N TRP D 12 -22.25 29.62 12.52
CA TRP D 12 -21.81 29.35 11.15
C TRP D 12 -22.92 28.61 10.41
N LEU D 13 -23.36 27.46 10.98
CA LEU D 13 -24.36 26.59 10.31
C LEU D 13 -25.69 27.29 10.10
N THR D 14 -26.11 28.09 11.07
CA THR D 14 -27.29 28.89 10.93
C THR D 14 -27.16 29.83 9.74
N ARG D 15 -26.01 30.48 9.65
CA ARG D 15 -25.73 31.38 8.51
C ARG D 15 -25.71 30.62 7.20
N CYS D 16 -25.23 29.37 7.21
CA CYS D 16 -25.31 28.55 5.98
C CYS D 16 -26.77 28.24 5.64
N GLY D 17 -27.63 28.06 6.63
CA GLY D 17 -29.04 27.92 6.30
C GLY D 17 -29.53 29.14 5.51
N ASP D 18 -29.15 30.34 5.94
CA ASP D 18 -29.60 31.59 5.29
C ASP D 18 -29.09 31.71 3.87
N ILE D 19 -27.77 31.73 3.71
CA ILE D 19 -27.13 31.73 2.41
C ILE D 19 -27.63 30.67 1.40
N PHE D 20 -27.85 29.42 1.80
CA PHE D 20 -28.36 28.44 0.82
C PHE D 20 -29.85 28.65 0.45
N SER D 21 -30.59 29.37 1.29
CA SER D 21 -31.93 29.82 0.97
C SER D 21 -31.89 30.99 -0.04
N THR D 22 -31.14 32.06 0.27
CA THR D 22 -31.08 33.24 -0.58
C THR D 22 -30.32 32.98 -1.92
N GLU D 23 -29.24 32.21 -1.88
CA GLU D 23 -28.46 31.93 -3.09
C GLU D 23 -28.94 30.73 -3.89
N SER D 24 -30.12 30.24 -3.55
CA SER D 24 -30.68 29.03 -4.11
C SER D 24 -30.83 29.09 -5.65
N GLU D 25 -31.51 30.13 -6.14
CA GLU D 25 -31.74 30.30 -7.56
C GLU D 25 -30.45 30.38 -8.34
N TYR D 26 -29.48 31.08 -7.76
CA TYR D 26 -28.19 31.30 -8.38
C TYR D 26 -27.39 30.03 -8.57
N LEU D 27 -27.37 29.20 -7.52
CA LEU D 27 -26.67 27.94 -7.59
C LEU D 27 -27.38 27.02 -8.57
N THR D 28 -28.70 27.00 -8.50
CA THR D 28 -29.54 26.32 -9.49
C THR D 28 -29.31 26.84 -10.92
N GLY D 29 -29.09 28.14 -11.08
CA GLY D 29 -28.81 28.72 -12.40
C GLY D 29 -27.43 28.25 -12.89
N LEU D 30 -26.43 28.25 -12.00
CA LEU D 30 -25.14 27.61 -12.31
C LEU D 30 -25.28 26.15 -12.69
N ASP D 31 -26.19 25.46 -12.01
CA ASP D 31 -26.36 24.03 -12.25
C ASP D 31 -27.21 23.74 -13.48
N ARG D 32 -27.95 24.77 -13.95
CA ARG D 32 -28.74 24.68 -15.18
C ARG D 32 -27.79 24.63 -16.37
N GLU D 33 -26.76 25.47 -16.32
CA GLU D 33 -25.82 25.65 -17.42
C GLU D 33 -25.06 24.38 -17.70
N ILE D 34 -24.57 23.75 -16.63
CA ILE D 34 -23.67 22.60 -16.79
C ILE D 34 -24.15 21.30 -16.12
N GLY D 35 -25.40 21.28 -15.68
CA GLY D 35 -25.93 20.15 -14.94
C GLY D 35 -27.40 19.91 -15.18
N ASP D 36 -28.06 19.37 -14.15
CA ASP D 36 -29.46 19.00 -14.18
C ASP D 36 -30.32 20.03 -13.46
N ALA D 37 -29.78 21.23 -13.26
CA ALA D 37 -30.56 22.34 -12.74
C ALA D 37 -31.15 22.16 -11.32
N ASP D 38 -30.41 21.64 -10.35
CA ASP D 38 -31.02 21.32 -9.02
C ASP D 38 -30.16 21.66 -7.81
N HIS D 39 -28.90 22.02 -8.03
CA HIS D 39 -27.97 22.18 -6.92
C HIS D 39 -28.42 23.17 -5.85
N GLY D 40 -28.81 24.38 -6.25
CA GLY D 40 -29.39 25.31 -5.28
C GLY D 40 -30.59 24.75 -4.52
N LEU D 41 -31.48 24.07 -5.23
CA LEU D 41 -32.69 23.51 -4.62
C LEU D 41 -32.30 22.46 -3.58
N ASN D 42 -31.40 21.57 -3.98
CA ASN D 42 -31.04 20.47 -3.11
C ASN D 42 -30.21 20.92 -1.90
N MET D 43 -29.36 21.93 -2.06
CA MET D 43 -28.57 22.43 -0.92
C MET D 43 -29.50 23.11 0.11
N ASN D 44 -30.57 23.69 -0.41
CA ASN D 44 -31.49 24.42 0.44
C ASN D 44 -32.41 23.45 1.18
N ARG D 45 -32.93 22.45 0.46
CA ARG D 45 -33.60 21.35 1.12
C ARG D 45 -32.70 20.78 2.24
N GLY D 46 -31.43 20.56 1.94
CA GLY D 46 -30.51 19.95 2.91
C GLY D 46 -30.22 20.85 4.09
N PHE D 47 -29.73 22.05 3.81
CA PHE D 47 -29.42 22.99 4.88
C PHE D 47 -30.57 23.50 5.71
N SER D 48 -31.78 23.57 5.16
CA SER D 48 -32.87 23.98 6.05
C SER D 48 -33.24 22.90 7.05
N LYS D 49 -33.13 21.65 6.64
CA LYS D 49 -33.23 20.55 7.59
C LYS D 49 -32.13 20.67 8.65
N VAL D 50 -30.88 20.86 8.25
CA VAL D 50 -29.79 21.12 9.22
C VAL D 50 -30.16 22.13 10.33
N VAL D 51 -30.67 23.28 9.90
CA VAL D 51 -30.97 24.43 10.76
C VAL D 51 -32.20 24.23 11.65
N GLU D 52 -33.23 23.58 11.12
CA GLU D 52 -34.34 23.05 11.92
C GLU D 52 -33.89 22.19 13.10
N LYS D 53 -32.80 21.45 12.93
CA LYS D 53 -32.41 20.40 13.90
C LYS D 53 -31.44 20.99 14.88
N LEU D 54 -30.94 22.17 14.54
CA LEU D 54 -29.85 22.77 15.27
C LEU D 54 -30.21 23.26 16.70
N PRO D 55 -31.38 23.93 16.90
CA PRO D 55 -31.67 24.42 18.27
C PRO D 55 -31.57 23.30 19.35
N ALA D 56 -32.21 22.15 19.12
CA ALA D 56 -32.13 20.96 19.99
C ALA D 56 -30.69 20.51 20.36
N ILE D 57 -29.74 20.69 19.45
CA ILE D 57 -28.37 20.18 19.66
C ILE D 57 -27.35 21.29 19.94
N ALA D 58 -27.79 22.56 19.83
CA ALA D 58 -26.90 23.73 19.95
C ALA D 58 -26.10 23.80 21.27
N ASP D 59 -26.54 23.14 22.31
CA ASP D 59 -25.80 23.13 23.55
C ASP D 59 -24.89 21.90 23.70
N LYS D 60 -24.67 21.17 22.62
CA LYS D 60 -23.91 19.90 22.71
C LYS D 60 -22.46 20.18 22.30
N ASP D 61 -21.62 19.17 22.25
CA ASP D 61 -20.24 19.36 21.75
C ASP D 61 -20.18 19.51 20.21
N ILE D 62 -19.05 20.04 19.71
CA ILE D 62 -18.79 20.24 18.28
C ILE D 62 -18.87 18.98 17.42
N GLY D 63 -18.27 17.89 17.89
CA GLY D 63 -18.35 16.62 17.19
C GLY D 63 -19.80 16.15 16.93
N PHE D 64 -20.62 16.19 17.96
CA PHE D 64 -22.03 15.81 17.85
C PHE D 64 -22.86 16.72 16.95
N ILE D 65 -22.58 18.01 16.96
CA ILE D 65 -23.32 18.98 16.14
C ILE D 65 -22.93 18.75 14.70
N LEU D 66 -21.66 18.61 14.40
CA LEU D 66 -21.21 18.31 13.04
C LEU D 66 -21.65 16.93 12.54
N LYS D 67 -21.81 15.98 13.46
CA LYS D 67 -22.28 14.64 13.06
C LYS D 67 -23.74 14.64 12.66
N ASN D 68 -24.59 15.29 13.45
CA ASN D 68 -25.97 15.45 13.05
C ASN D 68 -26.09 16.16 11.73
N THR D 69 -25.38 17.27 11.60
CA THR D 69 -25.35 18.01 10.35
C THR D 69 -24.89 17.19 9.15
N GLY D 70 -23.79 16.46 9.26
CA GLY D 70 -23.37 15.67 8.11
C GLY D 70 -24.35 14.54 7.83
N MET D 71 -25.00 14.06 8.86
CA MET D 71 -25.93 12.94 8.73
C MET D 71 -27.14 13.41 7.96
N THR D 72 -27.59 14.60 8.33
CA THR D 72 -28.70 15.25 7.67
C THR D 72 -28.40 15.53 6.21
N LEU D 73 -27.21 16.00 5.88
CA LEU D 73 -26.96 16.41 4.52
C LEU D 73 -26.82 15.15 3.72
N LEU D 74 -26.14 14.20 4.32
CA LEU D 74 -25.93 12.89 3.67
C LEU D 74 -27.18 12.25 3.07
N SER D 75 -28.33 12.39 3.71
CA SER D 75 -29.50 11.70 3.18
C SER D 75 -30.61 12.60 2.62
N SER D 76 -30.40 13.93 2.61
CA SER D 76 -31.52 14.79 2.27
C SER D 76 -31.17 15.75 1.11
N VAL D 77 -29.87 15.93 0.85
CA VAL D 77 -29.41 16.70 -0.30
C VAL D 77 -29.57 15.90 -1.59
N GLY D 78 -29.08 14.67 -1.64
CA GLY D 78 -29.24 13.86 -2.83
C GLY D 78 -28.18 14.13 -3.89
N GLY D 79 -28.11 13.24 -4.88
CA GLY D 79 -27.23 13.39 -6.04
C GLY D 79 -25.77 13.28 -5.65
N ALA D 80 -24.90 13.90 -6.45
CA ALA D 80 -23.46 13.76 -6.22
C ALA D 80 -23.03 14.54 -4.97
N SER D 81 -23.57 15.73 -4.75
CA SER D 81 -22.99 16.59 -3.70
C SER D 81 -23.38 16.21 -2.28
N GLY D 82 -24.54 15.61 -2.11
CA GLY D 82 -25.03 15.19 -0.79
C GLY D 82 -24.12 14.26 -0.01
N PRO D 83 -23.73 13.12 -0.62
CA PRO D 83 -22.71 12.22 -0.03
C PRO D 83 -21.36 12.91 0.24
N LEU D 84 -21.01 13.85 -0.61
CA LEU D 84 -19.75 14.51 -0.47
C LEU D 84 -19.80 15.54 0.67
N PHE D 85 -20.82 16.39 0.66
CA PHE D 85 -20.98 17.28 1.79
C PHE D 85 -21.20 16.53 3.09
N GLY D 86 -21.99 15.48 3.07
CA GLY D 86 -22.18 14.67 4.27
C GLY D 86 -20.87 14.14 4.86
N THR D 87 -20.04 13.55 3.98
CA THR D 87 -18.76 12.95 4.33
C THR D 87 -17.85 14.02 4.89
N PHE D 88 -17.79 15.19 4.23
CA PHE D 88 -17.06 16.28 4.81
C PHE D 88 -17.41 16.51 6.29
N PHE D 89 -18.70 16.69 6.61
CA PHE D 89 -19.07 17.02 7.98
C PHE D 89 -18.85 15.86 8.97
N ILE D 90 -19.06 14.61 8.49
CA ILE D 90 -18.89 13.44 9.32
C ILE D 90 -17.41 13.23 9.66
N ARG D 91 -16.54 13.46 8.71
CA ARG D 91 -15.14 13.30 8.99
C ARG D 91 -14.71 14.39 9.96
N ALA D 92 -15.20 15.62 9.77
CA ALA D 92 -14.93 16.72 10.69
C ALA D 92 -15.43 16.41 12.11
N ALA D 93 -16.62 15.82 12.21
CA ALA D 93 -17.21 15.49 13.49
C ALA D 93 -16.36 14.47 14.20
N GLN D 94 -15.80 13.52 13.47
CA GLN D 94 -15.06 12.50 14.19
C GLN D 94 -13.69 12.98 14.63
N ALA D 95 -13.28 14.13 14.12
CA ALA D 95 -12.04 14.73 14.58
C ALA D 95 -12.23 15.59 15.82
N THR D 96 -13.48 15.95 16.08
CA THR D 96 -13.75 16.94 17.09
C THR D 96 -14.67 16.42 18.20
N GLN D 97 -14.70 15.11 18.39
CA GLN D 97 -15.57 14.54 19.41
C GLN D 97 -15.30 15.22 20.73
N ALA D 98 -16.39 15.62 21.41
CA ALA D 98 -16.31 16.29 22.75
C ALA D 98 -15.72 17.72 22.80
N ARG D 99 -15.27 18.25 21.66
CA ARG D 99 -14.68 19.63 21.66
C ARG D 99 -15.70 20.68 21.94
N GLN D 100 -15.32 21.68 22.70
CA GLN D 100 -16.17 22.86 22.88
C GLN D 100 -15.50 24.08 22.26
N SER D 101 -14.25 23.92 21.85
CA SER D 101 -13.44 25.00 21.31
C SER D 101 -12.35 24.41 20.43
N LEU D 102 -11.97 25.13 19.40
CA LEU D 102 -10.90 24.65 18.54
C LEU D 102 -9.86 25.74 18.31
N THR D 103 -8.60 25.39 18.49
CA THR D 103 -7.50 26.27 18.05
C THR D 103 -7.41 26.24 16.51
N LEU D 104 -6.58 27.13 15.99
CA LEU D 104 -6.32 27.21 14.55
C LEU D 104 -5.68 25.93 13.99
N GLU D 105 -4.67 25.40 14.69
CA GLU D 105 -4.12 24.12 14.26
C GLU D 105 -5.23 23.06 14.17
N GLU D 106 -6.11 23.02 15.17
CA GLU D 106 -7.26 22.09 15.22
C GLU D 106 -8.32 22.32 14.14
N LEU D 107 -8.59 23.58 13.77
CA LEU D 107 -9.49 23.85 12.68
C LEU D 107 -8.91 23.30 11.40
N TYR D 108 -7.61 23.53 11.22
CA TYR D 108 -6.94 23.10 10.01
C TYR D 108 -7.10 21.59 9.89
N GLN D 109 -6.90 20.89 11.02
CA GLN D 109 -6.91 19.43 10.98
C GLN D 109 -8.29 18.91 10.67
N MET D 110 -9.28 19.53 11.28
CA MET D 110 -10.69 19.18 11.03
C MET D 110 -11.01 19.25 9.54
N PHE D 111 -10.66 20.38 8.94
CA PHE D 111 -10.87 20.67 7.52
C PHE D 111 -10.06 19.78 6.63
N ARG D 112 -8.81 19.53 7.03
CA ARG D 112 -7.95 18.56 6.39
C ARG D 112 -8.66 17.19 6.29
N ASP D 113 -9.12 16.66 7.41
CA ASP D 113 -9.80 15.35 7.42
C ASP D 113 -11.09 15.37 6.56
N GLY D 114 -11.94 16.37 6.81
CA GLY D 114 -13.12 16.54 5.97
C GLY D 114 -12.77 16.46 4.49
N ALA D 115 -11.86 17.32 4.03
CA ALA D 115 -11.40 17.24 2.65
C ALA D 115 -10.84 15.87 2.21
N ASP D 116 -9.91 15.28 2.96
CA ASP D 116 -9.46 13.89 2.71
C ASP D 116 -10.65 12.96 2.52
N GLY D 117 -11.62 13.07 3.40
CA GLY D 117 -12.89 12.39 3.21
C GLY D 117 -13.61 12.63 1.90
N VAL D 118 -13.69 13.86 1.42
CA VAL D 118 -14.43 14.09 0.14
C VAL D 118 -13.67 13.67 -1.10
N ILE D 119 -12.36 13.72 -1.00
CA ILE D 119 -11.49 13.30 -2.04
C ILE D 119 -11.48 11.79 -2.12
N SER D 120 -11.45 11.09 -1.00
CA SER D 120 -11.34 9.67 -1.13
C SER D 120 -12.66 9.00 -1.56
N ARG D 121 -13.78 9.63 -1.21
CA ARG D 121 -15.10 9.16 -1.61
C ARG D 121 -15.39 9.49 -3.09
N GLY D 122 -15.07 10.72 -3.52
CA GLY D 122 -15.35 11.13 -4.91
C GLY D 122 -14.22 11.00 -5.95
N LYS D 123 -13.00 10.73 -5.46
CA LYS D 123 -11.79 10.53 -6.31
C LYS D 123 -11.45 11.75 -7.18
N ALA D 124 -11.80 12.96 -6.76
CA ALA D 124 -11.48 14.17 -7.56
C ALA D 124 -9.99 14.57 -7.50
N GLU D 125 -9.43 14.92 -8.65
CA GLU D 125 -8.05 15.39 -8.74
C GLU D 125 -8.13 16.90 -8.98
N PRO D 126 -7.09 17.66 -8.56
CA PRO D 126 -6.94 19.11 -8.94
C PRO D 126 -7.14 19.30 -10.44
N GLY D 127 -8.10 20.15 -10.83
CA GLY D 127 -8.43 20.36 -12.25
C GLY D 127 -9.66 19.66 -12.81
N ASP D 128 -10.27 18.78 -12.00
CA ASP D 128 -11.47 18.05 -12.46
C ASP D 128 -12.76 18.87 -12.54
N LYS D 129 -12.68 20.12 -12.11
CA LYS D 129 -13.82 21.03 -12.04
C LYS D 129 -14.89 20.60 -11.02
N THR D 130 -14.56 20.58 -9.73
CA THR D 130 -15.50 20.13 -8.69
C THR D 130 -15.30 20.90 -7.40
N MET D 131 -15.98 20.47 -6.33
CA MET D 131 -15.85 21.12 -5.04
C MET D 131 -14.45 20.93 -4.46
N CYS D 132 -13.74 19.89 -4.88
CA CYS D 132 -12.39 19.67 -4.35
C CYS D 132 -11.42 20.73 -4.82
N ASP D 133 -11.73 21.36 -5.95
CA ASP D 133 -10.92 22.49 -6.39
C ASP D 133 -10.96 23.70 -5.44
N VAL D 134 -11.93 23.74 -4.52
CA VAL D 134 -11.99 24.79 -3.52
C VAL D 134 -11.49 24.27 -2.17
N TRP D 135 -11.83 23.02 -1.83
CA TRP D 135 -11.43 22.44 -0.56
C TRP D 135 -9.88 22.36 -0.43
N VAL D 136 -9.21 21.87 -1.44
CA VAL D 136 -7.77 21.66 -1.35
C VAL D 136 -7.03 23.00 -1.04
N PRO D 137 -7.26 24.07 -1.83
CA PRO D 137 -6.63 25.32 -1.45
C PRO D 137 -7.13 25.93 -0.13
N VAL D 138 -8.39 25.70 0.25
CA VAL D 138 -8.86 26.18 1.56
C VAL D 138 -8.03 25.53 2.67
N VAL D 139 -7.75 24.25 2.51
CA VAL D 139 -6.96 23.52 3.46
C VAL D 139 -5.52 24.00 3.52
N GLU D 140 -4.92 24.23 2.35
CA GLU D 140 -3.56 24.76 2.29
C GLU D 140 -3.54 26.17 2.93
N SER D 141 -4.57 26.97 2.70
CA SER D 141 -4.68 28.29 3.32
C SER D 141 -4.65 28.18 4.85
N LEU D 142 -5.51 27.31 5.37
CA LEU D 142 -5.62 27.14 6.81
C LEU D 142 -4.34 26.61 7.42
N ARG D 143 -3.64 25.73 6.70
CA ARG D 143 -2.35 25.25 7.15
C ARG D 143 -1.32 26.38 7.30
N GLN D 144 -1.32 27.33 6.35
CA GLN D 144 -0.34 28.43 6.36
C GLN D 144 -0.64 29.40 7.50
N SER D 145 -1.91 29.72 7.66
CA SER D 145 -2.33 30.59 8.75
C SER D 145 -1.89 30.07 10.11
N SER D 146 -2.02 28.77 10.25
CA SER D 146 -1.62 28.02 11.44
C SER D 146 -0.14 28.14 11.70
N GLU D 147 0.66 27.97 10.65
CA GLU D 147 2.10 28.20 10.70
C GLU D 147 2.45 29.60 11.17
N GLN D 148 1.73 30.61 10.68
CA GLN D 148 2.05 32.02 11.00
C GLN D 148 1.38 32.49 12.27
N ASN D 149 0.60 31.60 12.90
CA ASN D 149 -0.03 31.88 14.18
C ASN D 149 -1.03 33.01 14.15
N LEU D 150 -1.60 33.23 12.97
CA LEU D 150 -2.72 34.14 12.77
C LEU D 150 -3.90 33.88 13.72
N SER D 151 -4.68 34.92 13.98
CA SER D 151 -5.89 34.78 14.76
C SER D 151 -6.90 33.94 13.97
N VAL D 152 -7.81 33.28 14.68
CA VAL D 152 -8.84 32.51 13.99
C VAL D 152 -9.68 33.44 13.06
N PRO D 153 -10.18 34.57 13.56
CA PRO D 153 -10.88 35.48 12.62
C PRO D 153 -10.12 35.93 11.36
N VAL D 154 -8.81 36.20 11.43
CA VAL D 154 -8.09 36.58 10.19
C VAL D 154 -7.77 35.38 9.31
N ALA D 155 -7.46 34.23 9.93
CA ALA D 155 -7.22 33.00 9.17
C ALA D 155 -8.45 32.71 8.34
N LEU D 156 -9.61 32.90 8.95
CA LEU D 156 -10.85 32.53 8.28
C LEU D 156 -11.22 33.51 7.16
N GLU D 157 -10.95 34.81 7.32
CA GLU D 157 -11.05 35.75 6.18
C GLU D 157 -10.10 35.35 5.07
N ALA D 158 -8.90 34.88 5.40
CA ALA D 158 -7.94 34.51 4.34
C ALA D 158 -8.41 33.29 3.55
N ALA D 159 -8.93 32.30 4.28
CA ALA D 159 -9.45 31.09 3.65
C ALA D 159 -10.70 31.41 2.82
N SER D 160 -11.54 32.28 3.33
CA SER D 160 -12.72 32.72 2.56
C SER D 160 -12.33 33.42 1.23
N SER D 161 -11.26 34.23 1.26
CA SER D 161 -10.78 34.93 0.06
C SER D 161 -10.20 33.96 -0.98
N ILE D 162 -9.45 32.97 -0.47
CA ILE D 162 -8.92 31.86 -1.27
C ILE D 162 -10.06 31.04 -1.87
N ALA D 163 -11.11 30.79 -1.09
CA ALA D 163 -12.26 30.04 -1.59
C ALA D 163 -12.90 30.80 -2.75
N GLU D 164 -12.96 32.12 -2.65
CA GLU D 164 -13.55 32.88 -3.75
C GLU D 164 -12.72 32.70 -4.98
N SER D 165 -11.41 32.98 -4.90
CA SER D 165 -10.50 32.77 -6.04
C SER D 165 -10.66 31.36 -6.59
N ALA D 166 -10.69 30.37 -5.69
CA ALA D 166 -10.62 28.97 -6.13
C ALA D 166 -11.90 28.62 -6.86
N ALA D 167 -13.02 29.16 -6.41
CA ALA D 167 -14.28 28.97 -7.13
C ALA D 167 -14.24 29.59 -8.55
N GLN D 168 -13.74 30.82 -8.65
CA GLN D 168 -13.60 31.50 -9.95
C GLN D 168 -12.65 30.69 -10.85
N SER D 169 -11.64 30.07 -10.25
CA SER D 169 -10.69 29.26 -10.98
C SER D 169 -11.35 28.07 -11.73
N THR D 170 -12.51 27.60 -11.27
CA THR D 170 -13.19 26.45 -11.92
C THR D 170 -13.82 26.81 -13.26
N ILE D 171 -13.94 28.12 -13.51
CA ILE D 171 -14.63 28.64 -14.69
C ILE D 171 -14.05 28.18 -16.01
N THR D 172 -12.71 28.14 -16.08
CA THR D 172 -12.02 27.76 -17.33
C THR D 172 -11.72 26.25 -17.40
N MET D 173 -12.05 25.52 -16.32
CA MET D 173 -11.78 24.09 -16.27
C MET D 173 -12.82 23.29 -17.06
N GLN D 174 -12.37 22.27 -17.78
CA GLN D 174 -13.27 21.31 -18.38
C GLN D 174 -13.57 20.20 -17.34
N ALA D 175 -14.81 19.83 -17.20
CA ALA D 175 -15.15 18.86 -16.16
C ALA D 175 -14.74 17.43 -16.50
N ARG D 176 -14.17 16.75 -15.52
CA ARG D 176 -13.80 15.34 -15.63
C ARG D 176 -14.61 14.45 -14.69
N LYS D 177 -15.28 15.03 -13.70
CA LYS D 177 -16.23 14.27 -12.84
C LYS D 177 -17.61 14.92 -12.83
N GLY D 178 -18.62 14.16 -12.40
CA GLY D 178 -19.94 14.72 -12.20
C GLY D 178 -20.70 14.89 -13.50
N ARG D 179 -21.89 15.43 -13.38
CA ARG D 179 -22.76 15.48 -14.55
C ARG D 179 -22.29 16.49 -15.60
N ALA D 180 -21.46 17.44 -15.18
CA ALA D 180 -20.86 18.41 -16.08
C ALA D 180 -19.92 17.78 -17.10
N SER D 181 -19.32 16.65 -16.75
CA SER D 181 -18.34 16.00 -17.62
C SER D 181 -19.05 15.37 -18.83
N TYR D 182 -20.36 15.18 -18.71
CA TYR D 182 -21.18 14.72 -19.82
C TYR D 182 -21.06 15.65 -21.01
N LEU D 183 -20.92 16.94 -20.70
CA LEU D 183 -20.94 17.98 -21.71
C LEU D 183 -19.64 18.04 -22.52
N GLY D 184 -18.58 17.44 -21.97
CA GLY D 184 -17.24 17.51 -22.56
C GLY D 184 -16.74 18.94 -22.46
N GLU D 185 -16.24 19.44 -23.59
CA GLU D 185 -15.68 20.81 -23.74
C GLU D 185 -16.68 21.91 -23.42
N ARG D 186 -17.97 21.59 -23.51
CA ARG D 186 -18.99 22.61 -23.30
C ARG D 186 -19.14 23.03 -21.83
N SER D 187 -18.38 22.42 -20.92
CA SER D 187 -18.39 22.87 -19.55
C SER D 187 -17.42 24.02 -19.25
N ILE D 188 -16.51 24.30 -20.19
CA ILE D 188 -15.55 25.42 -20.11
C ILE D 188 -16.35 26.70 -20.26
N GLY D 189 -16.03 27.70 -19.44
CA GLY D 189 -16.78 28.94 -19.48
C GLY D 189 -17.71 29.12 -18.30
N HIS D 190 -18.05 28.04 -17.59
CA HIS D 190 -19.06 28.10 -16.54
C HIS D 190 -18.56 27.66 -15.16
N GLN D 191 -18.78 28.52 -14.17
CA GLN D 191 -18.42 28.23 -12.78
C GLN D 191 -19.07 26.92 -12.24
N ASP D 192 -18.31 26.12 -11.51
CA ASP D 192 -18.87 24.90 -10.90
C ASP D 192 -19.79 25.22 -9.70
N PRO D 193 -21.02 24.68 -9.67
CA PRO D 193 -21.94 24.90 -8.54
C PRO D 193 -21.41 24.34 -7.20
N GLY D 194 -20.95 23.10 -7.17
CA GLY D 194 -20.43 22.54 -5.92
C GLY D 194 -19.34 23.44 -5.34
N ALA D 195 -18.47 23.94 -6.22
CA ALA D 195 -17.35 24.80 -5.80
C ALA D 195 -17.85 26.09 -5.17
N THR D 196 -18.95 26.60 -5.69
CA THR D 196 -19.51 27.86 -5.22
C THR D 196 -20.17 27.71 -3.85
N SER D 197 -20.76 26.52 -3.62
CA SER D 197 -21.25 26.17 -2.30
C SER D 197 -20.12 26.21 -1.28
N VAL D 198 -18.97 25.67 -1.61
CA VAL D 198 -17.88 25.62 -0.59
C VAL D 198 -17.50 27.05 -0.20
N MET D 199 -17.41 27.89 -1.23
CA MET D 199 -17.14 29.31 -1.07
C MET D 199 -18.09 29.91 -0.06
N PHE D 200 -19.40 29.73 -0.32
CA PHE D 200 -20.43 30.24 0.54
C PHE D 200 -20.25 29.83 1.98
N MET D 201 -19.95 28.54 2.18
CA MET D 201 -19.68 28.05 3.53
C MET D 201 -18.48 28.72 4.17
N MET D 202 -17.36 28.80 3.46
CA MET D 202 -16.22 29.51 3.97
C MET D 202 -16.49 31.02 4.27
N GLN D 203 -17.31 31.68 3.44
CA GLN D 203 -17.67 33.08 3.69
C GLN D 203 -18.46 33.16 4.97
N MET D 204 -19.46 32.27 5.13
CA MET D 204 -20.29 32.30 6.36
C MET D 204 -19.47 31.95 7.62
N LEU D 205 -18.43 31.12 7.47
CA LEU D 205 -17.58 30.73 8.64
C LEU D 205 -16.74 31.93 9.08
N ALA D 206 -16.13 32.59 8.10
CA ALA D 206 -15.49 33.90 8.32
C ALA D 206 -16.39 34.86 9.10
N LEU D 207 -17.66 34.96 8.75
CA LEU D 207 -18.53 35.87 9.47
C LEU D 207 -18.73 35.46 10.94
N ALA D 208 -19.12 34.18 11.12
CA ALA D 208 -19.40 33.59 12.42
C ALA D 208 -18.23 33.72 13.37
N ALA D 209 -17.00 33.65 12.86
CA ALA D 209 -15.81 33.86 13.71
C ALA D 209 -15.66 35.26 14.30
N LYS D 210 -16.35 36.26 13.73
CA LYS D 210 -16.30 37.62 14.28
C LYS D 210 -17.11 37.76 15.56
N GLU D 211 -18.01 36.82 15.77
CA GLU D 211 -19.00 36.95 16.84
C GLU D 211 -18.74 35.98 18.01
N SER E 13 -54.82 -13.68 -8.05
CA SER E 13 -54.34 -13.53 -6.64
C SER E 13 -55.48 -13.38 -5.64
N PRO E 14 -55.38 -14.04 -4.45
CA PRO E 14 -56.48 -13.85 -3.47
C PRO E 14 -56.58 -12.37 -3.06
N LEU E 15 -55.44 -11.68 -3.11
CA LEU E 15 -55.36 -10.27 -2.78
C LEU E 15 -56.12 -9.39 -3.77
N ILE E 16 -55.96 -9.67 -5.05
CA ILE E 16 -56.59 -8.89 -6.08
C ILE E 16 -58.09 -9.16 -6.06
N ALA E 17 -58.46 -10.43 -5.89
CA ALA E 17 -59.85 -10.86 -6.01
C ALA E 17 -60.67 -10.38 -4.81
N THR E 18 -60.06 -10.38 -3.63
CA THR E 18 -60.65 -9.81 -2.42
C THR E 18 -60.89 -8.32 -2.63
N SER E 19 -59.88 -7.65 -3.21
CA SER E 19 -59.97 -6.22 -3.52
C SER E 19 -61.11 -5.94 -4.51
N TRP E 20 -61.22 -6.77 -5.55
CA TRP E 20 -62.31 -6.65 -6.51
C TRP E 20 -63.66 -6.79 -5.80
N GLU E 21 -63.83 -7.72 -4.87
CA GLU E 21 -65.12 -7.80 -4.12
C GLU E 21 -65.44 -6.54 -3.36
N ARG E 22 -64.43 -5.83 -2.83
CA ARG E 22 -64.67 -4.55 -2.19
C ARG E 22 -65.18 -3.47 -3.18
N CYS E 23 -64.54 -3.39 -4.34
CA CYS E 23 -64.88 -2.41 -5.40
C CYS E 23 -66.23 -2.70 -6.09
N ASN E 24 -66.58 -3.98 -6.23
CA ASN E 24 -67.85 -4.44 -6.81
C ASN E 24 -69.10 -3.79 -6.24
N LYS E 25 -69.09 -3.54 -4.93
CA LYS E 25 -70.15 -2.84 -4.22
C LYS E 25 -70.42 -1.44 -4.78
N LEU E 26 -69.38 -0.59 -4.83
CA LEU E 26 -69.57 0.86 -5.03
C LEU E 26 -69.09 1.47 -6.34
N MET E 27 -68.73 0.65 -7.30
CA MET E 27 -67.87 1.10 -8.36
C MET E 27 -68.10 0.28 -9.63
N LYS E 28 -67.98 0.92 -10.78
CA LYS E 28 -67.98 0.23 -12.05
C LYS E 28 -66.60 0.22 -12.69
N ARG E 29 -66.35 -0.80 -13.53
CA ARG E 29 -65.09 -0.98 -14.22
C ARG E 29 -64.78 0.10 -15.26
N GLU E 30 -65.82 0.61 -15.93
CA GLU E 30 -65.62 1.48 -17.11
C GLU E 30 -65.70 2.97 -16.81
N THR E 31 -66.02 3.36 -15.59
CA THR E 31 -66.15 4.78 -15.30
C THR E 31 -64.84 5.38 -14.82
N TRP E 32 -64.65 6.66 -15.13
CA TRP E 32 -63.49 7.41 -14.71
C TRP E 32 -63.86 8.87 -14.80
N ASN E 33 -63.43 9.66 -13.82
CA ASN E 33 -63.77 11.05 -13.80
C ASN E 33 -62.64 11.85 -13.23
N VAL E 34 -62.81 13.16 -13.26
CA VAL E 34 -62.06 14.13 -12.50
C VAL E 34 -61.59 13.55 -11.15
N PRO E 35 -60.33 13.86 -10.74
CA PRO E 35 -59.86 13.25 -9.51
C PRO E 35 -60.43 13.92 -8.23
N HIS E 36 -60.30 13.18 -7.13
CA HIS E 36 -60.49 13.71 -5.80
C HIS E 36 -59.08 14.11 -5.40
N GLN E 37 -58.87 15.42 -5.27
CA GLN E 37 -57.53 15.97 -5.18
C GLN E 37 -57.43 16.99 -4.06
N ALA E 38 -56.51 16.80 -3.14
CA ALA E 38 -56.30 17.76 -2.07
C ALA E 38 -55.81 19.09 -2.67
N GLN E 39 -56.11 20.16 -1.98
CA GLN E 39 -56.30 21.43 -2.64
C GLN E 39 -55.61 22.57 -1.93
N GLY E 40 -55.05 23.50 -2.71
CA GLY E 40 -54.50 24.78 -2.20
C GLY E 40 -53.84 24.66 -0.82
N VAL E 41 -54.66 24.94 0.21
CA VAL E 41 -54.22 25.11 1.63
C VAL E 41 -54.32 23.88 2.55
N THR E 42 -55.26 22.99 2.24
CA THR E 42 -55.43 21.76 3.02
C THR E 42 -54.38 20.76 2.54
N PHE E 43 -53.88 21.02 1.33
CA PHE E 43 -52.80 20.25 0.74
C PHE E 43 -51.51 20.68 1.39
N ALA E 44 -51.35 21.99 1.59
CA ALA E 44 -50.14 22.57 2.21
C ALA E 44 -49.93 21.99 3.60
N SER E 45 -51.02 21.68 4.27
CA SER E 45 -50.97 21.07 5.58
C SER E 45 -50.56 19.62 5.50
N ILE E 46 -51.06 18.93 4.47
CA ILE E 46 -50.74 17.54 4.31
C ILE E 46 -49.24 17.50 4.07
N TYR E 47 -48.80 18.36 3.16
CA TYR E 47 -47.43 18.45 2.70
C TYR E 47 -46.49 18.78 3.88
N ARG E 48 -46.82 19.79 4.69
CA ARG E 48 -46.13 20.06 5.97
C ARG E 48 -46.09 18.90 7.02
N ARG E 49 -47.21 18.27 7.33
CA ARG E 49 -47.23 17.07 8.19
C ARG E 49 -46.21 16.01 7.74
N LYS E 50 -45.93 15.98 6.46
CA LYS E 50 -45.17 14.90 5.87
C LYS E 50 -43.70 15.21 5.58
N LYS E 51 -43.26 16.39 6.01
CA LYS E 51 -41.96 16.93 5.65
C LYS E 51 -40.78 15.95 5.89
N ALA E 52 -40.74 15.30 7.05
CA ALA E 52 -39.63 14.44 7.38
C ALA E 52 -39.50 13.33 6.35
N MET E 53 -40.59 12.60 6.10
CA MET E 53 -40.60 11.49 5.17
C MET E 53 -40.39 11.98 3.72
N LEU E 54 -40.97 13.11 3.38
CA LEU E 54 -40.94 13.65 2.04
C LEU E 54 -39.56 14.02 1.56
N THR E 55 -38.84 14.81 2.34
CA THR E 55 -37.53 15.22 1.90
C THR E 55 -36.61 14.01 1.66
N LEU E 56 -36.70 12.98 2.51
CA LEU E 56 -35.92 11.78 2.33
C LEU E 56 -36.37 11.00 1.09
N GLY E 57 -37.69 10.85 0.95
CA GLY E 57 -38.24 10.20 -0.23
C GLY E 57 -37.82 10.87 -1.54
N GLN E 58 -37.88 12.19 -1.58
CA GLN E 58 -37.62 12.95 -2.79
C GLN E 58 -36.16 12.88 -3.22
N ALA E 59 -35.23 12.81 -2.25
CA ALA E 59 -33.79 12.70 -2.57
C ALA E 59 -33.52 11.31 -3.11
N ALA E 60 -34.15 10.31 -2.48
CA ALA E 60 -34.06 8.92 -2.88
C ALA E 60 -34.66 8.64 -4.27
N LEU E 61 -35.79 9.27 -4.55
CA LEU E 61 -36.48 9.16 -5.81
C LEU E 61 -35.76 9.88 -6.93
N GLU E 62 -35.25 11.08 -6.68
CA GLU E 62 -34.35 11.74 -7.65
C GLU E 62 -33.17 10.86 -8.03
N ASP E 63 -32.50 10.26 -7.04
CA ASP E 63 -31.39 9.32 -7.30
C ASP E 63 -31.85 8.10 -8.07
N ALA E 64 -33.04 7.54 -7.74
CA ALA E 64 -33.55 6.40 -8.50
C ALA E 64 -33.70 6.79 -9.96
N TRP E 65 -34.25 7.96 -10.23
CA TRP E 65 -34.52 8.32 -11.63
C TRP E 65 -33.21 8.52 -12.42
N GLU E 66 -32.27 9.26 -11.85
CA GLU E 66 -30.98 9.51 -12.45
C GLU E 66 -30.30 8.24 -12.98
N TYR E 67 -30.33 7.14 -12.22
CA TYR E 67 -29.64 5.93 -12.63
C TYR E 67 -30.45 5.00 -13.51
N MET E 68 -31.67 5.44 -13.82
CA MET E 68 -32.62 4.68 -14.61
C MET E 68 -33.01 5.36 -15.93
N ALA E 69 -32.85 6.69 -15.97
CA ALA E 69 -33.22 7.50 -17.12
C ALA E 69 -32.26 7.11 -18.27
N PRO E 70 -32.75 7.02 -19.52
CA PRO E 70 -34.10 7.27 -20.03
C PRO E 70 -35.00 6.01 -20.01
N ARG E 71 -36.28 6.25 -19.72
CA ARG E 71 -37.26 5.22 -19.45
C ARG E 71 -38.61 5.91 -19.35
N GLU E 72 -39.65 5.26 -19.82
CA GLU E 72 -41.00 5.78 -19.70
C GLU E 72 -41.59 5.36 -18.35
N CYS E 73 -41.34 6.16 -17.34
CA CYS E 73 -41.84 5.82 -16.03
C CYS E 73 -41.95 7.05 -15.17
N ALA E 74 -42.70 6.93 -14.08
CA ALA E 74 -42.89 7.96 -13.09
C ALA E 74 -42.70 7.30 -11.75
N LEU E 75 -42.30 8.10 -10.78
CA LEU E 75 -42.18 7.67 -9.43
C LEU E 75 -43.03 8.58 -8.52
N PHE E 76 -43.77 7.97 -7.57
CA PHE E 76 -44.62 8.71 -6.67
C PHE E 76 -44.26 8.45 -5.22
N ILE E 77 -44.36 9.46 -4.39
CA ILE E 77 -44.42 9.23 -2.93
C ILE E 77 -45.86 9.55 -2.53
N LEU E 78 -46.48 8.70 -1.71
CA LEU E 78 -47.82 8.98 -1.25
C LEU E 78 -47.83 8.96 0.27
N ASP E 79 -48.79 9.68 0.88
CA ASP E 79 -48.86 9.68 2.34
C ASP E 79 -49.63 8.46 2.80
N GLU E 80 -49.85 8.31 4.11
CA GLU E 80 -50.50 7.10 4.57
C GLU E 80 -51.98 6.95 4.12
N THR E 81 -52.62 8.04 3.66
CA THR E 81 -53.98 8.00 3.12
C THR E 81 -54.04 7.90 1.58
N ALA E 82 -52.93 7.45 0.94
CA ALA E 82 -52.80 7.43 -0.52
C ALA E 82 -52.97 8.76 -1.27
N CYS E 83 -52.59 9.86 -0.65
CA CYS E 83 -52.52 11.14 -1.33
C CYS E 83 -51.15 11.31 -1.95
N ILE E 84 -51.10 11.57 -3.26
CA ILE E 84 -49.83 11.84 -3.92
C ILE E 84 -49.16 13.13 -3.40
N LEU E 85 -47.99 12.99 -2.80
CA LEU E 85 -47.22 14.12 -2.26
C LEU E 85 -46.23 14.74 -3.27
N SER E 86 -45.61 13.86 -4.10
CA SER E 86 -44.57 14.26 -5.02
C SER E 86 -44.43 13.24 -6.15
N ARG E 87 -44.14 13.76 -7.34
CA ARG E 87 -43.91 12.96 -8.54
C ARG E 87 -42.64 13.38 -9.25
N ASN E 88 -41.93 12.42 -9.84
CA ASN E 88 -40.80 12.73 -10.70
C ASN E 88 -40.58 11.60 -11.68
N GLY E 89 -39.59 11.76 -12.55
CA GLY E 89 -39.40 10.79 -13.61
C GLY E 89 -39.58 11.39 -14.98
N ASP E 90 -40.03 10.58 -15.91
CA ASP E 90 -40.09 11.01 -17.29
C ASP E 90 -41.18 12.07 -17.55
N PRO E 91 -40.80 13.25 -18.06
CA PRO E 91 -41.80 14.28 -18.45
C PRO E 91 -43.07 13.77 -19.22
N GLN E 92 -42.88 13.08 -20.32
CA GLN E 92 -44.02 12.61 -21.09
C GLN E 92 -44.90 11.65 -20.28
N THR E 93 -44.28 10.78 -19.47
CA THR E 93 -45.03 9.78 -18.73
C THR E 93 -45.83 10.48 -17.64
N LEU E 94 -45.21 11.44 -16.97
CA LEU E 94 -45.86 12.25 -15.93
C LEU E 94 -47.02 13.03 -16.49
N GLN E 95 -46.87 13.53 -17.73
CA GLN E 95 -47.98 14.23 -18.38
C GLN E 95 -49.15 13.30 -18.68
N GLN E 96 -48.87 12.10 -19.17
CA GLN E 96 -49.91 11.10 -19.39
C GLN E 96 -50.65 10.72 -18.09
N LEU E 97 -49.96 10.68 -16.97
CA LEU E 97 -50.62 10.34 -15.71
C LEU E 97 -51.38 11.57 -15.21
N SER E 98 -50.83 12.75 -15.48
CA SER E 98 -51.50 13.99 -15.14
C SER E 98 -52.86 14.03 -15.89
N ALA E 99 -52.87 13.75 -17.19
CA ALA E 99 -54.13 13.70 -17.96
C ALA E 99 -55.18 12.72 -17.38
N LEU E 100 -54.74 11.61 -16.79
CA LEU E 100 -55.65 10.69 -16.11
C LEU E 100 -56.11 11.20 -14.72
N GLY E 101 -55.59 12.33 -14.26
CA GLY E 101 -55.97 12.86 -12.94
C GLY E 101 -54.96 12.66 -11.82
N PHE E 102 -53.80 12.09 -12.13
CA PHE E 102 -52.79 11.88 -11.08
C PHE E 102 -51.83 13.06 -10.94
N ASN E 103 -52.09 13.93 -9.99
CA ASN E 103 -51.27 15.12 -9.78
C ASN E 103 -50.88 15.14 -8.35
N ASP E 104 -50.06 16.12 -7.98
CA ASP E 104 -49.85 16.44 -6.56
C ASP E 104 -51.20 16.61 -5.86
N GLY E 105 -51.41 15.87 -4.78
CA GLY E 105 -52.66 15.92 -3.99
C GLY E 105 -53.81 15.00 -4.41
N THR E 106 -53.67 14.30 -5.51
CA THR E 106 -54.65 13.31 -5.94
C THR E 106 -54.65 12.14 -4.97
N TYR E 107 -55.85 11.77 -4.52
CA TYR E 107 -56.04 10.58 -3.66
C TYR E 107 -56.29 9.36 -4.52
N CYS E 108 -55.62 8.26 -4.20
CA CYS E 108 -55.55 7.08 -5.06
C CYS E 108 -56.10 5.90 -4.26
N ALA E 109 -56.91 6.21 -3.27
CA ALA E 109 -57.58 5.19 -2.49
C ALA E 109 -58.29 4.14 -3.38
N GLU E 110 -58.36 2.92 -2.83
CA GLU E 110 -59.06 1.83 -3.46
C GLU E 110 -60.52 2.21 -3.76
N GLY E 111 -61.20 2.86 -2.82
CA GLY E 111 -62.57 3.32 -3.02
C GLY E 111 -62.72 4.42 -4.08
N ILE E 112 -61.62 4.95 -4.62
CA ILE E 112 -61.73 5.96 -5.68
C ILE E 112 -61.27 5.43 -7.04
N ILE E 113 -60.07 4.85 -7.08
CA ILE E 113 -59.51 4.41 -8.35
C ILE E 113 -59.58 2.89 -8.57
N GLY E 114 -60.13 2.15 -7.59
CA GLY E 114 -60.16 0.72 -7.72
C GLY E 114 -58.85 0.02 -7.35
N THR E 115 -58.89 -1.29 -7.40
CA THR E 115 -57.75 -2.14 -7.16
C THR E 115 -56.54 -1.65 -7.90
N CYS E 116 -55.47 -1.40 -7.16
CA CYS E 116 -54.26 -0.78 -7.69
C CYS E 116 -53.18 -0.82 -6.63
N ALA E 117 -51.94 -1.11 -7.01
CA ALA E 117 -50.86 -1.20 -6.00
C ALA E 117 -50.73 0.08 -5.17
N LEU E 118 -51.05 1.21 -5.80
CA LEU E 118 -51.00 2.52 -5.11
C LEU E 118 -51.67 2.48 -3.74
N SER E 119 -52.77 1.70 -3.65
CA SER E 119 -53.45 1.49 -2.37
C SER E 119 -53.24 0.07 -1.85
N LEU E 120 -53.20 -0.92 -2.73
CA LEU E 120 -53.18 -2.32 -2.27
C LEU E 120 -51.93 -2.60 -1.45
N ALA E 121 -50.86 -1.83 -1.69
CA ALA E 121 -49.64 -1.94 -0.89
C ALA E 121 -49.90 -1.65 0.57
N ALA E 122 -50.44 -0.49 0.87
CA ALA E 122 -50.73 -0.18 2.29
C ALA E 122 -51.80 -1.09 2.85
N ILE E 123 -52.79 -1.46 2.03
CA ILE E 123 -53.84 -2.34 2.50
C ILE E 123 -53.27 -3.70 2.90
N SER E 124 -52.33 -4.22 2.13
CA SER E 124 -51.83 -5.57 2.38
C SER E 124 -50.61 -5.55 3.31
N GLY E 125 -49.98 -4.39 3.43
CA GLY E 125 -48.80 -4.24 4.27
C GLY E 125 -47.53 -4.64 3.52
N GLN E 126 -47.60 -4.84 2.22
CA GLN E 126 -46.36 -5.22 1.57
C GLN E 126 -46.15 -4.75 0.14
N ALA E 127 -44.97 -5.00 -0.40
CA ALA E 127 -44.63 -4.65 -1.78
C ALA E 127 -45.63 -5.32 -2.68
N VAL E 128 -46.28 -4.55 -3.53
CA VAL E 128 -47.29 -5.13 -4.43
C VAL E 128 -47.15 -4.56 -5.86
N LYS E 129 -47.50 -5.37 -6.85
CA LYS E 129 -47.51 -4.94 -8.24
C LYS E 129 -48.86 -5.28 -8.88
N THR E 130 -49.45 -4.35 -9.63
CA THR E 130 -50.70 -4.64 -10.36
C THR E 130 -50.52 -4.23 -11.81
N MET E 131 -50.95 -5.05 -12.76
CA MET E 131 -50.76 -4.76 -14.19
C MET E 131 -52.03 -4.98 -14.99
N ALA E 132 -52.25 -4.17 -16.03
CA ALA E 132 -53.28 -4.45 -17.02
C ALA E 132 -54.62 -4.68 -16.32
N ASP E 133 -55.28 -5.81 -16.59
CA ASP E 133 -56.66 -6.04 -16.17
C ASP E 133 -56.80 -6.65 -14.78
N GLN E 134 -55.69 -6.77 -14.05
CA GLN E 134 -55.78 -6.87 -12.58
C GLN E 134 -56.37 -5.56 -12.00
N HIS E 135 -56.18 -4.43 -12.69
CA HIS E 135 -56.73 -3.16 -12.22
C HIS E 135 -58.26 -3.20 -12.39
N PHE E 136 -59.02 -2.80 -11.36
CA PHE E 136 -60.50 -2.82 -11.48
C PHE E 136 -60.98 -1.84 -12.58
N LYS E 137 -60.40 -0.65 -12.61
CA LYS E 137 -60.73 0.37 -13.61
C LYS E 137 -60.06 0.13 -14.95
N GLN E 138 -60.87 0.04 -16.00
CA GLN E 138 -60.41 -0.09 -17.39
C GLN E 138 -59.37 0.93 -17.84
N VAL E 139 -59.48 2.16 -17.35
CA VAL E 139 -58.60 3.26 -17.76
C VAL E 139 -57.12 3.00 -17.40
N LEU E 140 -56.89 2.12 -16.43
CA LEU E 140 -55.56 1.74 -15.98
C LEU E 140 -55.03 0.41 -16.57
N TRP E 141 -55.74 -0.16 -17.55
CA TRP E 141 -55.27 -1.42 -18.16
C TRP E 141 -54.05 -1.21 -19.02
N ASN E 142 -53.77 0.05 -19.37
CA ASN E 142 -52.55 0.38 -20.09
C ASN E 142 -51.32 0.46 -19.22
N TRP E 143 -51.50 0.31 -17.92
CA TRP E 143 -50.49 0.62 -16.91
C TRP E 143 -50.11 -0.56 -16.06
N ALA E 144 -48.87 -0.47 -15.55
CA ALA E 144 -48.36 -1.30 -14.46
C ALA E 144 -48.03 -0.35 -13.32
N PHE E 145 -48.29 -0.77 -12.07
CA PHE E 145 -47.90 -0.03 -10.86
C PHE E 145 -47.18 -0.98 -9.91
N CYS E 146 -46.10 -0.55 -9.29
CA CYS E 146 -45.49 -1.28 -8.18
C CYS E 146 -45.52 -0.33 -7.01
N ALA E 147 -45.67 -0.84 -5.79
CA ALA E 147 -45.69 0.02 -4.61
C ALA E 147 -45.32 -0.77 -3.39
N THR E 148 -44.76 -0.07 -2.42
CA THR E 148 -44.39 -0.71 -1.18
C THR E 148 -44.74 0.33 -0.12
N PRO E 149 -45.39 -0.09 0.98
CA PRO E 149 -45.67 0.85 2.04
C PRO E 149 -44.36 1.15 2.77
N LEU E 150 -44.30 2.32 3.43
CA LEU E 150 -43.16 2.52 4.29
C LEU E 150 -43.53 2.88 5.69
N PHE E 151 -42.60 2.53 6.59
CA PHE E 151 -42.92 2.60 8.00
C PHE E 151 -42.16 3.66 8.79
N ASP E 152 -42.86 4.16 9.79
CA ASP E 152 -42.40 5.10 10.79
C ASP E 152 -41.03 4.97 11.40
N SER E 153 -40.80 5.94 12.27
CA SER E 153 -39.66 6.04 13.14
C SER E 153 -39.85 4.88 14.16
N LYS E 154 -41.11 4.45 14.30
CA LYS E 154 -41.60 3.56 15.35
C LYS E 154 -42.68 2.59 14.83
N GLY E 155 -42.58 2.13 13.57
CA GLY E 155 -43.41 1.05 13.01
C GLY E 155 -44.79 1.27 12.40
N ARG E 156 -45.27 2.52 12.36
CA ARG E 156 -46.58 2.86 11.79
C ARG E 156 -46.48 3.12 10.27
N LEU E 157 -47.55 2.81 9.53
CA LEU E 157 -47.64 3.21 8.14
C LEU E 157 -47.47 4.74 7.99
N THR E 158 -46.59 5.14 7.12
CA THR E 158 -46.39 6.59 6.96
C THR E 158 -46.49 7.04 5.50
N GLY E 159 -46.62 6.10 4.58
CA GLY E 159 -46.64 6.44 3.18
C GLY E 159 -46.33 5.28 2.31
N THR E 160 -46.14 5.55 1.00
CA THR E 160 -46.00 4.47 0.02
C THR E 160 -45.08 4.95 -1.07
N ILE E 161 -44.22 4.07 -1.55
CA ILE E 161 -43.36 4.43 -2.70
C ILE E 161 -43.87 3.68 -3.90
N ALA E 162 -44.12 4.37 -4.99
CA ALA E 162 -44.67 3.74 -6.17
C ALA E 162 -43.92 4.09 -7.45
N LEU E 163 -43.95 3.13 -8.39
CA LEU E 163 -43.40 3.28 -9.74
C LEU E 163 -44.50 2.98 -10.77
N ALA E 164 -44.75 3.92 -11.71
CA ALA E 164 -45.79 3.74 -12.73
C ALA E 164 -45.17 3.69 -14.12
N CYS E 165 -45.49 2.67 -14.88
CA CYS E 165 -45.05 2.65 -16.27
C CYS E 165 -46.11 2.08 -17.21
N PRO E 166 -46.04 2.42 -18.53
CA PRO E 166 -46.86 1.68 -19.50
C PRO E 166 -46.69 0.19 -19.27
N VAL E 167 -47.76 -0.57 -19.34
CA VAL E 167 -47.73 -1.98 -18.94
C VAL E 167 -46.74 -2.83 -19.76
N GLU E 168 -46.55 -2.51 -21.03
CA GLU E 168 -45.65 -3.30 -21.89
C GLU E 168 -44.16 -3.04 -21.59
N GLN E 169 -43.85 -2.05 -20.78
CA GLN E 169 -42.46 -1.73 -20.47
C GLN E 169 -42.03 -2.14 -19.05
N THR E 170 -42.90 -2.86 -18.35
CA THR E 170 -42.61 -3.26 -17.00
C THR E 170 -41.36 -4.11 -16.92
N THR E 171 -40.54 -3.91 -15.90
CA THR E 171 -39.41 -4.80 -15.72
C THR E 171 -39.52 -5.51 -14.39
N ALA E 172 -38.85 -6.64 -14.31
CA ALA E 172 -38.80 -7.50 -13.16
C ALA E 172 -38.09 -6.85 -11.95
N ALA E 173 -37.33 -5.78 -12.22
CA ALA E 173 -36.62 -5.06 -11.17
C ALA E 173 -37.39 -3.90 -10.50
N ASP E 174 -38.53 -3.54 -11.06
CA ASP E 174 -39.33 -2.42 -10.61
C ASP E 174 -39.89 -2.61 -9.21
N LEU E 175 -40.38 -3.79 -8.90
CA LEU E 175 -40.96 -3.98 -7.60
C LEU E 175 -39.88 -3.97 -6.52
N PRO E 176 -38.88 -4.87 -6.62
CA PRO E 176 -37.85 -4.85 -5.56
C PRO E 176 -37.21 -3.47 -5.45
N LEU E 177 -37.23 -2.68 -6.52
CA LEU E 177 -36.76 -1.29 -6.43
C LEU E 177 -37.56 -0.39 -5.46
N THR E 178 -38.91 -0.49 -5.54
CA THR E 178 -39.76 0.31 -4.68
C THR E 178 -39.55 -0.21 -3.27
N LEU E 179 -39.48 -1.54 -3.13
CA LEU E 179 -39.23 -2.16 -1.84
C LEU E 179 -37.99 -1.61 -1.16
N ALA E 180 -36.89 -1.72 -1.88
CA ALA E 180 -35.61 -1.22 -1.44
C ALA E 180 -35.59 0.26 -1.11
N ILE E 181 -36.25 1.11 -1.91
CA ILE E 181 -36.34 2.55 -1.60
C ILE E 181 -37.25 2.84 -0.37
N ALA E 182 -38.37 2.15 -0.27
CA ALA E 182 -39.21 2.30 0.92
C ALA E 182 -38.45 1.88 2.19
N ARG E 183 -37.75 0.75 2.14
CA ARG E 183 -36.88 0.41 3.29
C ARG E 183 -35.80 1.43 3.60
N GLU E 184 -35.16 1.94 2.56
CA GLU E 184 -34.12 2.94 2.77
C GLU E 184 -34.71 4.18 3.44
N VAL E 185 -35.86 4.67 2.96
CA VAL E 185 -36.48 5.87 3.54
C VAL E 185 -36.92 5.59 4.99
N GLY E 186 -37.63 4.49 5.19
CA GLY E 186 -37.92 3.99 6.53
C GLY E 186 -36.73 4.00 7.48
N ASN E 187 -35.62 3.43 7.08
CA ASN E 187 -34.50 3.36 8.00
CA ASN E 187 -34.48 3.35 7.99
C ASN E 187 -33.87 4.71 8.24
N LEU E 188 -33.98 5.61 7.27
CA LEU E 188 -33.46 6.93 7.50
C LEU E 188 -34.33 7.63 8.55
N LEU E 189 -35.65 7.37 8.54
CA LEU E 189 -36.50 7.95 9.59
C LEU E 189 -35.99 7.40 10.91
N LEU E 190 -35.72 6.11 10.95
CA LEU E 190 -35.20 5.48 12.14
C LEU E 190 -33.89 6.13 12.64
N THR E 191 -32.94 6.33 11.73
CA THR E 191 -31.72 6.95 12.17
C THR E 191 -31.96 8.39 12.64
N ASP E 192 -32.85 9.15 12.00
CA ASP E 192 -33.21 10.48 12.57
C ASP E 192 -33.67 10.31 14.04
N SER E 193 -34.43 9.28 14.35
CA SER E 193 -34.98 9.18 15.68
C SER E 193 -33.96 8.69 16.73
N LEU E 194 -32.99 7.89 16.29
CA LEU E 194 -31.91 7.46 17.17
C LEU E 194 -31.02 8.60 17.56
N LEU E 195 -30.71 9.48 16.61
CA LEU E 195 -29.94 10.69 16.93
C LEU E 195 -30.68 11.57 17.96
N ALA E 196 -31.98 11.72 17.83
CA ALA E 196 -32.78 12.48 18.81
C ALA E 196 -32.78 11.79 20.18
N GLU E 197 -32.94 10.47 20.18
CA GLU E 197 -32.90 9.76 21.46
C GLU E 197 -31.52 9.87 22.15
N THR E 198 -30.44 9.81 21.38
CA THR E 198 -29.17 10.08 22.01
C THR E 198 -29.02 11.51 22.47
N ASN E 199 -29.63 12.47 21.76
CA ASN E 199 -29.65 13.83 22.24
C ASN E 199 -30.39 13.99 23.61
N ARG E 200 -31.58 13.40 23.72
CA ARG E 200 -32.27 13.34 25.02
C ARG E 200 -31.42 12.77 26.14
N HIS E 201 -30.61 11.76 25.84
CA HIS E 201 -29.74 11.19 26.88
C HIS E 201 -28.61 12.11 27.23
N LEU E 202 -28.10 12.84 26.25
CA LEU E 202 -27.10 13.86 26.57
C LEU E 202 -27.67 14.99 27.44
N ASN E 203 -28.93 15.30 27.23
CA ASN E 203 -29.61 16.34 27.99
C ASN E 203 -29.67 15.95 29.49
N GLN E 204 -30.14 14.73 29.74
CA GLN E 204 -30.10 14.10 31.07
C GLN E 204 -28.74 14.16 31.67
N LEU E 205 -27.74 13.79 30.89
CA LEU E 205 -26.40 13.80 31.45
C LEU E 205 -25.88 15.22 31.77
N ASN E 206 -26.11 16.18 30.85
CA ASN E 206 -25.57 17.54 31.08
C ASN E 206 -26.28 18.21 32.23
N ALA E 207 -27.60 18.04 32.29
CA ALA E 207 -28.41 18.56 33.38
C ALA E 207 -27.91 18.03 34.71
N LEU E 208 -27.70 16.72 34.81
CA LEU E 208 -27.19 16.14 36.04
C LEU E 208 -25.85 16.77 36.40
N LEU E 209 -24.90 16.77 35.45
CA LEU E 209 -23.60 17.45 35.63
C LEU E 209 -23.64 18.92 36.10
N GLU E 210 -24.55 19.72 35.56
CA GLU E 210 -24.67 21.11 35.94
C GLU E 210 -25.25 21.33 37.35
N SER E 211 -25.97 20.35 37.88
CA SER E 211 -26.80 20.61 39.05
C SER E 211 -26.35 19.92 40.33
N MET E 212 -25.48 18.94 40.18
CA MET E 212 -25.02 18.13 41.32
C MET E 212 -23.92 18.84 42.08
N ASP E 213 -23.62 18.31 43.27
CA ASP E 213 -22.64 18.90 44.17
C ASP E 213 -21.21 18.46 43.89
N ASP E 214 -21.00 17.24 43.43
CA ASP E 214 -19.63 16.79 43.21
C ASP E 214 -19.02 17.44 41.96
N GLY E 215 -17.75 17.83 42.06
CA GLY E 215 -16.99 18.10 40.85
C GLY E 215 -16.80 16.80 40.07
N VAL E 216 -16.89 16.87 38.76
CA VAL E 216 -16.67 15.66 37.96
C VAL E 216 -15.88 15.86 36.70
N ILE E 217 -15.02 14.89 36.43
CA ILE E 217 -14.14 14.92 35.26
C ILE E 217 -14.18 13.51 34.77
N SER E 218 -14.41 13.33 33.48
CA SER E 218 -14.42 12.00 32.91
C SER E 218 -13.60 11.94 31.66
N TRP E 219 -12.91 10.80 31.48
CA TRP E 219 -12.18 10.55 30.24
C TRP E 219 -12.31 9.14 29.63
N ASP E 220 -11.93 9.12 28.36
CA ASP E 220 -11.91 8.03 27.40
C ASP E 220 -10.94 6.92 27.70
N GLU E 221 -11.14 5.75 27.06
CA GLU E 221 -10.08 4.71 27.01
C GLU E 221 -8.84 5.20 26.26
N GLN E 222 -9.01 6.24 25.44
CA GLN E 222 -7.89 6.79 24.69
CA GLN E 222 -7.97 6.90 24.63
C GLN E 222 -7.26 7.97 25.43
N GLY E 223 -7.76 8.28 26.62
CA GLY E 223 -7.21 9.39 27.42
C GLY E 223 -7.77 10.81 27.23
N ASN E 224 -8.73 10.98 26.32
CA ASN E 224 -9.39 12.28 26.08
C ASN E 224 -10.60 12.58 26.97
N LEU E 225 -10.53 13.73 27.61
CA LEU E 225 -11.54 14.19 28.52
C LEU E 225 -12.85 14.32 27.74
N GLN E 226 -13.92 13.77 28.30
CA GLN E 226 -15.21 13.77 27.63
C GLN E 226 -16.09 14.81 28.28
N PHE E 227 -16.00 14.94 29.60
CA PHE E 227 -16.76 15.96 30.33
C PHE E 227 -16.17 16.37 31.67
N ILE E 228 -16.46 17.62 32.00
CA ILE E 228 -16.01 18.28 33.21
C ILE E 228 -17.07 19.31 33.52
N ASN E 229 -17.48 19.37 34.78
CA ASN E 229 -18.47 20.36 35.17
C ASN E 229 -17.83 21.60 35.80
N ALA E 230 -18.59 22.67 35.90
CA ALA E 230 -18.10 23.91 36.46
C ALA E 230 -17.35 23.70 37.80
N GLN E 231 -17.90 22.87 38.67
CA GLN E 231 -17.31 22.61 39.98
C GLN E 231 -15.87 22.10 39.93
N ALA E 232 -15.58 21.15 39.03
CA ALA E 232 -14.26 20.53 38.95
C ALA E 232 -13.26 21.44 38.27
N ALA E 233 -13.77 22.29 37.39
CA ALA E 233 -12.97 23.24 36.68
C ALA E 233 -12.49 24.34 37.63
N ARG E 234 -13.34 24.72 38.59
CA ARG E 234 -12.99 25.65 39.68
C ARG E 234 -11.78 25.13 40.43
N VAL E 235 -11.99 23.98 41.08
CA VAL E 235 -11.00 23.32 41.94
C VAL E 235 -9.68 23.06 41.24
N LEU E 236 -9.72 22.31 40.14
CA LEU E 236 -8.54 21.86 39.44
C LEU E 236 -8.00 22.88 38.46
N ARG E 237 -8.59 24.09 38.51
CA ARG E 237 -8.20 25.23 37.68
C ARG E 237 -7.94 24.89 36.19
N LEU E 238 -8.73 23.95 35.66
CA LEU E 238 -8.65 23.67 34.23
C LEU E 238 -9.55 24.65 33.49
N ASP E 239 -9.32 24.85 32.20
CA ASP E 239 -10.18 25.72 31.42
C ASP E 239 -11.56 25.11 31.26
N ALA E 240 -12.57 25.86 31.68
CA ALA E 240 -13.98 25.41 31.67
C ALA E 240 -14.49 24.82 30.32
N THR E 241 -13.98 25.33 29.19
CA THR E 241 -14.41 24.92 27.83
C THR E 241 -13.29 24.36 26.90
N ALA E 242 -12.03 24.70 27.13
CA ALA E 242 -10.99 24.23 26.18
C ALA E 242 -10.43 22.87 26.51
N SER E 243 -10.83 22.31 27.65
CA SER E 243 -10.23 21.06 28.12
C SER E 243 -10.85 19.83 27.48
N GLN E 244 -12.16 19.90 27.22
CA GLN E 244 -12.87 18.77 26.69
C GLN E 244 -12.37 18.37 25.28
N GLY E 245 -12.28 17.06 25.06
CA GLY E 245 -11.72 16.50 23.84
C GLY E 245 -10.20 16.50 23.79
N ARG E 246 -9.54 17.03 24.81
CA ARG E 246 -8.08 17.03 24.90
C ARG E 246 -7.57 15.92 25.86
N ALA E 247 -6.32 15.49 25.62
CA ALA E 247 -5.66 14.49 26.47
C ALA E 247 -5.60 14.94 27.91
N ILE E 248 -5.93 14.04 28.81
CA ILE E 248 -6.04 14.40 30.20
C ILE E 248 -4.65 14.61 30.86
N THR E 249 -3.60 14.04 30.26
CA THR E 249 -2.24 14.19 30.78
C THR E 249 -1.67 15.55 30.39
N GLU E 250 -2.09 16.05 29.23
CA GLU E 250 -1.68 17.37 28.77
C GLU E 250 -2.39 18.48 29.54
N LEU E 251 -3.43 18.09 30.28
CA LEU E 251 -4.21 19.02 31.10
C LEU E 251 -3.70 19.12 32.55
N LEU E 252 -3.60 17.99 33.24
CA LEU E 252 -3.16 18.01 34.64
C LEU E 252 -2.41 16.75 35.10
N THR E 253 -1.44 16.95 36.00
CA THR E 253 -0.69 15.87 36.62
C THR E 253 -1.51 15.26 37.77
N LEU E 254 -1.62 13.94 37.75
CA LEU E 254 -2.44 13.20 38.71
C LEU E 254 -1.57 12.62 39.82
N PRO E 255 -2.07 12.64 41.08
CA PRO E 255 -1.30 12.08 42.21
C PRO E 255 -0.87 10.62 41.99
N ALA E 256 0.12 10.18 42.76
CA ALA E 256 0.60 8.79 42.75
C ALA E 256 -0.53 7.79 43.06
N VAL E 257 -1.36 8.13 44.05
CA VAL E 257 -2.50 7.31 44.44
C VAL E 257 -3.50 7.07 43.30
N LEU E 258 -3.83 8.12 42.55
CA LEU E 258 -4.69 7.98 41.37
C LEU E 258 -4.00 7.26 40.21
N GLN E 259 -2.78 7.66 39.91
CA GLN E 259 -2.03 7.11 38.79
C GLN E 259 -2.00 5.58 38.87
N GLN E 260 -1.79 5.07 40.09
CA GLN E 260 -1.68 3.63 40.38
C GLN E 260 -3.04 2.93 40.21
N ALA E 261 -4.07 3.47 40.83
CA ALA E 261 -5.45 2.96 40.69
C ALA E 261 -5.97 2.98 39.24
N ILE E 262 -5.52 3.98 38.46
CA ILE E 262 -5.89 4.08 37.04
C ILE E 262 -5.29 2.95 36.23
N LYS E 263 -3.98 2.73 36.41
CA LYS E 263 -3.25 1.60 35.82
C LYS E 263 -3.96 0.26 36.05
N GLN E 264 -4.36 0.01 37.30
CA GLN E 264 -4.96 -1.27 37.68
C GLN E 264 -6.50 -1.26 37.70
N ALA E 265 -7.11 -0.25 37.06
CA ALA E 265 -8.57 -0.10 36.93
C ALA E 265 -9.33 -0.40 38.22
N HIS E 266 -8.81 0.11 39.34
CA HIS E 266 -9.33 -0.18 40.67
C HIS E 266 -10.11 1.01 41.23
N PRO E 267 -11.35 0.76 41.68
CA PRO E 267 -12.13 1.83 42.29
C PRO E 267 -11.51 2.39 43.57
N LEU E 268 -11.72 3.68 43.80
CA LEU E 268 -11.36 4.35 45.05
C LEU E 268 -12.59 5.13 45.50
N LYS E 269 -12.92 5.06 46.79
CA LYS E 269 -14.14 5.71 47.29
C LYS E 269 -13.87 6.62 48.48
N HIS E 270 -14.24 7.89 48.37
CA HIS E 270 -13.95 8.95 49.36
C HIS E 270 -12.50 8.95 49.90
N VAL E 271 -11.53 8.72 49.01
CA VAL E 271 -10.12 8.65 49.36
C VAL E 271 -9.45 10.03 49.23
N GLU E 272 -8.28 10.18 49.85
CA GLU E 272 -7.54 11.45 49.83
C GLU E 272 -6.52 11.58 48.70
N ALA E 273 -6.53 12.74 48.04
CA ALA E 273 -5.60 13.02 46.95
C ALA E 273 -5.14 14.48 46.90
N THR E 274 -3.93 14.69 46.39
CA THR E 274 -3.37 16.04 46.21
C THR E 274 -3.04 16.27 44.75
N PHE E 275 -3.56 17.36 44.19
CA PHE E 275 -3.42 17.60 42.76
C PHE E 275 -2.40 18.68 42.43
N GLU E 276 -1.74 18.52 41.29
CA GLU E 276 -0.92 19.59 40.74
C GLU E 276 -1.53 20.20 39.46
N SER E 277 -1.96 21.46 39.58
CA SER E 277 -2.43 22.26 38.46
C SER E 277 -1.29 23.14 37.93
N GLN E 278 -1.60 24.44 37.71
CA GLN E 278 -0.64 25.38 37.15
C GLN E 278 0.38 25.87 38.21
N HIS E 279 1.32 24.97 38.52
CA HIS E 279 2.41 25.18 39.50
C HIS E 279 1.99 25.25 40.99
N GLN E 280 0.84 24.65 41.33
CA GLN E 280 0.32 24.68 42.71
C GLN E 280 -0.39 23.39 43.19
N PHE E 281 -0.44 23.24 44.52
CA PHE E 281 -0.89 22.01 45.21
C PHE E 281 -2.35 22.07 45.76
N ILE E 282 -3.25 21.26 45.18
CA ILE E 282 -4.65 21.16 45.69
C ILE E 282 -4.95 19.81 46.36
N ASP E 283 -5.56 19.87 47.54
CA ASP E 283 -6.00 18.69 48.29
C ASP E 283 -7.53 18.52 48.30
N ALA E 284 -8.01 17.40 47.75
CA ALA E 284 -9.45 17.14 47.69
C ALA E 284 -9.76 15.76 48.19
N VAL E 285 -11.05 15.47 48.39
CA VAL E 285 -11.46 14.09 48.60
C VAL E 285 -12.13 13.56 47.31
N ILE E 286 -11.71 12.38 46.85
CA ILE E 286 -12.01 11.91 45.52
C ILE E 286 -12.62 10.50 45.50
N THR E 287 -13.48 10.25 44.50
CA THR E 287 -13.88 8.90 44.13
C THR E 287 -13.40 8.66 42.70
N LEU E 288 -12.99 7.43 42.42
CA LEU E 288 -12.68 7.06 41.07
C LEU E 288 -13.50 5.87 40.68
N LYS E 289 -14.30 6.07 39.65
CA LYS E 289 -15.25 5.09 39.15
C LYS E 289 -14.78 4.60 37.79
N PRO E 290 -14.22 3.39 37.72
CA PRO E 290 -13.90 2.90 36.37
C PRO E 290 -15.15 2.51 35.59
N ILE E 291 -15.08 2.59 34.26
CA ILE E 291 -16.15 2.11 33.39
C ILE E 291 -15.56 1.15 32.38
N ILE E 292 -15.98 -0.10 32.48
CA ILE E 292 -15.36 -1.18 31.74
C ILE E 292 -16.28 -1.55 30.60
N GLU E 293 -15.72 -1.54 29.38
CA GLU E 293 -16.48 -1.67 28.14
C GLU E 293 -15.62 -2.51 27.20
N THR E 294 -16.21 -2.98 26.11
CA THR E 294 -15.46 -3.81 25.17
C THR E 294 -14.30 -3.04 24.54
N GLN E 295 -14.42 -1.70 24.51
CA GLN E 295 -13.44 -0.83 23.86
C GLN E 295 -12.25 -0.43 24.76
N GLY E 296 -12.37 -0.73 26.04
CA GLY E 296 -11.33 -0.38 26.99
C GLY E 296 -12.00 0.19 28.22
N THR E 297 -11.20 0.74 29.11
CA THR E 297 -11.70 1.24 30.37
C THR E 297 -11.66 2.77 30.36
N SER E 298 -12.77 3.38 30.78
CA SER E 298 -12.95 4.79 30.96
C SER E 298 -13.07 5.08 32.46
N PHE E 299 -13.00 6.36 32.83
CA PHE E 299 -13.03 6.71 34.22
C PHE E 299 -13.89 7.91 34.47
N ILE E 300 -14.52 7.94 35.63
CA ILE E 300 -15.05 9.17 36.16
C ILE E 300 -14.37 9.46 37.49
N LEU E 301 -13.82 10.66 37.61
CA LEU E 301 -13.26 11.15 38.86
C LEU E 301 -14.20 12.20 39.43
N LEU E 302 -14.64 11.97 40.66
CA LEU E 302 -15.50 12.91 41.38
C LEU E 302 -14.74 13.62 42.49
N LEU E 303 -14.93 14.92 42.60
CA LEU E 303 -14.29 15.71 43.63
C LEU E 303 -15.36 16.07 44.62
N HIS E 304 -15.18 15.58 45.84
CA HIS E 304 -16.19 15.72 46.86
C HIS E 304 -15.92 17.03 47.58
N PRO E 305 -16.99 17.81 47.80
CA PRO E 305 -16.81 19.16 48.35
C PRO E 305 -16.74 19.12 49.88
N VAL E 306 -15.54 19.37 50.41
CA VAL E 306 -15.22 19.15 51.84
C VAL E 306 -16.05 20.00 52.82
N SER F 13 24.46 -13.04 23.36
CA SER F 13 23.87 -13.35 22.03
C SER F 13 23.60 -14.83 21.87
N PRO F 14 22.42 -15.21 21.31
CA PRO F 14 22.13 -16.62 21.04
C PRO F 14 23.15 -17.20 20.06
N LEU F 15 23.65 -16.35 19.16
CA LEU F 15 24.68 -16.76 18.21
C LEU F 15 25.96 -17.23 18.90
N ILE F 16 26.42 -16.47 19.89
CA ILE F 16 27.59 -16.81 20.68
C ILE F 16 27.36 -18.07 21.53
N ALA F 17 26.26 -18.06 22.28
CA ALA F 17 25.89 -19.13 23.18
C ALA F 17 25.79 -20.47 22.45
N THR F 18 25.17 -20.45 21.27
CA THR F 18 25.04 -21.62 20.42
C THR F 18 26.40 -22.13 19.98
N SER F 19 27.27 -21.17 19.60
CA SER F 19 28.65 -21.46 19.24
C SER F 19 29.42 -22.11 20.40
N TRP F 20 29.23 -21.56 21.60
CA TRP F 20 29.78 -22.15 22.81
C TRP F 20 29.34 -23.59 23.02
N GLU F 21 28.06 -23.90 22.79
CA GLU F 21 27.59 -25.30 22.90
C GLU F 21 28.30 -26.24 21.92
N ARG F 22 28.64 -25.79 20.72
CA ARG F 22 29.37 -26.65 19.76
C ARG F 22 30.80 -26.86 20.23
N CYS F 23 31.41 -25.79 20.71
CA CYS F 23 32.79 -25.80 21.21
C CYS F 23 32.98 -26.63 22.49
N ASN F 24 31.93 -26.69 23.30
CA ASN F 24 31.90 -27.42 24.57
C ASN F 24 32.15 -28.93 24.42
N LYS F 25 31.69 -29.51 23.31
CA LYS F 25 31.84 -30.92 23.01
C LYS F 25 33.30 -31.37 23.04
N LEU F 26 34.18 -30.61 22.37
CA LEU F 26 35.50 -31.11 21.96
C LEU F 26 36.71 -30.28 22.36
N MET F 27 36.52 -29.34 23.27
CA MET F 27 37.45 -28.25 23.33
C MET F 27 37.32 -27.63 24.71
N LYS F 28 38.43 -27.12 25.22
CA LYS F 28 38.44 -26.45 26.52
C LYS F 28 38.79 -24.96 26.36
N ARG F 29 38.25 -24.14 27.27
CA ARG F 29 38.47 -22.72 27.30
C ARG F 29 39.92 -22.30 27.55
N GLU F 30 40.69 -23.09 28.28
CA GLU F 30 42.03 -22.60 28.66
C GLU F 30 43.17 -23.10 27.81
N THR F 31 42.93 -23.98 26.86
CA THR F 31 44.05 -24.55 26.12
C THR F 31 44.37 -23.70 24.91
N TRP F 32 45.65 -23.72 24.52
CA TRP F 32 46.10 -23.04 23.31
C TRP F 32 47.39 -23.69 22.90
N ASN F 33 47.51 -23.99 21.62
CA ASN F 33 48.71 -24.60 21.10
C ASN F 33 49.11 -24.03 19.75
N VAL F 34 50.18 -24.61 19.23
CA VAL F 34 50.69 -24.44 17.89
C VAL F 34 49.56 -24.43 16.84
N PRO F 35 49.61 -23.49 15.88
CA PRO F 35 48.49 -23.46 14.91
C PRO F 35 48.45 -24.68 13.97
N HIS F 36 47.26 -24.88 13.41
CA HIS F 36 47.07 -25.77 12.28
C HIS F 36 47.21 -24.80 11.09
N GLN F 37 48.22 -25.03 10.27
CA GLN F 37 48.69 -24.02 9.36
C GLN F 37 49.04 -24.67 8.05
N ALA F 38 48.39 -24.25 6.98
CA ALA F 38 48.73 -24.76 5.66
C ALA F 38 50.16 -24.35 5.33
N GLN F 39 50.78 -25.13 4.47
CA GLN F 39 52.22 -25.28 4.46
C GLN F 39 52.74 -25.46 3.05
N GLY F 40 53.95 -24.95 2.81
CA GLY F 40 54.71 -25.21 1.58
C GLY F 40 53.88 -25.18 0.30
N VAL F 41 53.49 -26.38 -0.16
CA VAL F 41 52.87 -26.58 -1.48
C VAL F 41 51.36 -26.47 -1.47
N THR F 42 50.73 -27.16 -0.53
CA THR F 42 49.27 -27.12 -0.36
C THR F 42 48.78 -25.68 -0.15
N PHE F 43 49.62 -24.87 0.51
CA PHE F 43 49.32 -23.45 0.75
C PHE F 43 49.39 -22.70 -0.57
N ALA F 44 50.48 -22.90 -1.30
CA ALA F 44 50.68 -22.29 -2.61
C ALA F 44 49.48 -22.58 -3.52
N SER F 45 48.92 -23.78 -3.41
CA SER F 45 47.74 -24.13 -4.18
C SER F 45 46.47 -23.41 -3.74
N ILE F 46 46.32 -23.22 -2.42
CA ILE F 46 45.17 -22.50 -1.91
C ILE F 46 45.31 -21.04 -2.40
N TYR F 47 46.52 -20.48 -2.25
CA TYR F 47 46.79 -19.10 -2.61
C TYR F 47 46.50 -18.91 -4.09
N ARG F 48 47.04 -19.82 -4.91
CA ARG F 48 46.80 -19.82 -6.34
C ARG F 48 45.31 -19.85 -6.72
N ARG F 49 44.50 -20.76 -6.18
CA ARG F 49 43.10 -20.77 -6.63
C ARG F 49 42.22 -19.62 -6.07
N LYS F 50 42.74 -18.91 -5.09
CA LYS F 50 42.02 -17.76 -4.54
C LYS F 50 42.46 -16.41 -5.16
N LYS F 51 43.33 -16.48 -6.17
CA LYS F 51 43.99 -15.36 -6.81
C LYS F 51 43.01 -14.20 -7.11
N ALA F 52 41.90 -14.51 -7.78
CA ALA F 52 40.97 -13.50 -8.20
C ALA F 52 40.46 -12.69 -7.00
N MET F 53 39.92 -13.36 -5.99
CA MET F 53 39.45 -12.65 -4.80
C MET F 53 40.64 -12.00 -4.04
N LEU F 54 41.80 -12.63 -4.06
CA LEU F 54 42.94 -12.15 -3.28
C LEU F 54 43.47 -10.83 -3.73
N THR F 55 43.72 -10.74 -5.03
CA THR F 55 44.36 -9.56 -5.54
C THR F 55 43.44 -8.37 -5.31
N LEU F 56 42.14 -8.59 -5.44
CA LEU F 56 41.15 -7.54 -5.24
C LEU F 56 41.09 -7.18 -3.76
N GLY F 57 41.06 -8.21 -2.93
CA GLY F 57 41.05 -8.03 -1.48
C GLY F 57 42.27 -7.31 -0.93
N GLN F 58 43.45 -7.60 -1.46
CA GLN F 58 44.72 -7.05 -0.94
C GLN F 58 44.84 -5.53 -1.27
N ALA F 59 44.39 -5.14 -2.48
CA ALA F 59 44.38 -3.72 -2.86
C ALA F 59 43.45 -2.91 -1.94
N ALA F 60 42.26 -3.48 -1.69
CA ALA F 60 41.23 -2.88 -0.87
C ALA F 60 41.67 -2.71 0.60
N LEU F 61 42.39 -3.72 1.07
CA LEU F 61 42.92 -3.76 2.42
C LEU F 61 44.09 -2.82 2.63
N GLU F 62 45.05 -2.81 1.72
CA GLU F 62 46.07 -1.75 1.68
C GLU F 62 45.48 -0.35 1.80
N ASP F 63 44.45 -0.07 1.02
CA ASP F 63 43.77 1.22 1.07
C ASP F 63 43.09 1.45 2.43
N ALA F 64 42.48 0.43 3.02
CA ALA F 64 41.74 0.65 4.27
C ALA F 64 42.78 1.02 5.30
N TRP F 65 43.91 0.35 5.25
CA TRP F 65 45.01 0.60 6.21
C TRP F 65 45.56 2.03 6.09
N GLU F 66 45.91 2.41 4.88
CA GLU F 66 46.44 3.74 4.57
C GLU F 66 45.64 4.88 5.22
N TYR F 67 44.31 4.87 5.11
CA TYR F 67 43.46 5.93 5.69
C TYR F 67 43.12 5.78 7.17
N MET F 68 43.64 4.71 7.77
CA MET F 68 43.47 4.38 9.17
C MET F 68 44.73 4.50 10.02
N ALA F 69 45.90 4.23 9.45
CA ALA F 69 47.18 4.33 10.18
C ALA F 69 47.34 5.76 10.72
N PRO F 70 47.77 5.93 12.01
CA PRO F 70 48.26 5.00 13.04
C PRO F 70 47.14 4.44 13.92
N ARG F 71 47.26 3.15 14.25
CA ARG F 71 46.23 2.40 14.93
C ARG F 71 46.80 1.00 15.21
N GLU F 72 46.58 0.46 16.40
CA GLU F 72 46.97 -0.94 16.71
C GLU F 72 45.93 -1.92 16.19
N CYS F 73 46.07 -2.36 14.94
CA CYS F 73 45.14 -3.29 14.38
C CYS F 73 45.72 -4.04 13.19
N ALA F 74 45.03 -5.08 12.77
CA ALA F 74 45.48 -5.92 11.68
C ALA F 74 44.26 -6.23 10.86
N LEU F 75 44.50 -6.42 9.58
CA LEU F 75 43.43 -6.79 8.67
C LEU F 75 43.83 -8.14 8.03
N PHE F 76 42.84 -9.03 7.86
CA PHE F 76 43.05 -10.35 7.32
C PHE F 76 42.12 -10.61 6.13
N ILE F 77 42.60 -11.31 5.11
CA ILE F 77 41.70 -11.99 4.18
C ILE F 77 41.75 -13.51 4.47
N LEU F 78 40.59 -14.17 4.59
CA LEU F 78 40.57 -15.61 4.76
C LEU F 78 39.78 -16.24 3.60
N ASP F 79 40.14 -17.48 3.22
CA ASP F 79 39.38 -18.19 2.18
C ASP F 79 38.09 -18.78 2.74
N GLU F 80 37.30 -19.49 1.92
CA GLU F 80 36.07 -20.02 2.48
C GLU F 80 36.25 -21.04 3.61
N THR F 81 37.46 -21.56 3.84
CA THR F 81 37.64 -22.56 4.94
C THR F 81 38.28 -21.92 6.17
N ALA F 82 38.19 -20.59 6.30
CA ALA F 82 38.88 -19.89 7.38
C ALA F 82 40.41 -19.96 7.35
N CYS F 83 41.01 -20.19 6.19
CA CYS F 83 42.46 -20.17 6.10
C CYS F 83 42.93 -18.75 5.79
N ILE F 84 43.86 -18.23 6.62
CA ILE F 84 44.41 -16.88 6.42
C ILE F 84 45.25 -16.83 5.14
N LEU F 85 44.81 -16.01 4.19
CA LEU F 85 45.48 -15.88 2.89
C LEU F 85 46.50 -14.71 2.87
N SER F 86 46.13 -13.60 3.54
CA SER F 86 46.97 -12.40 3.61
C SER F 86 46.67 -11.59 4.86
N ARG F 87 47.70 -10.90 5.35
CA ARG F 87 47.59 -10.03 6.51
C ARG F 87 48.25 -8.67 6.24
N ASN F 88 47.71 -7.59 6.77
CA ASN F 88 48.43 -6.32 6.71
C ASN F 88 47.94 -5.46 7.84
N GLY F 89 48.49 -4.24 7.97
CA GLY F 89 48.16 -3.40 9.12
C GLY F 89 49.39 -3.08 9.96
N ASP F 90 49.19 -2.88 11.25
CA ASP F 90 50.27 -2.42 12.09
C ASP F 90 51.27 -3.54 12.42
N PRO F 91 52.55 -3.31 12.11
CA PRO F 91 53.67 -4.27 12.33
C PRO F 91 53.64 -4.96 13.72
N GLN F 92 53.58 -4.16 14.78
CA GLN F 92 53.49 -4.67 16.15
C GLN F 92 52.26 -5.58 16.38
N THR F 93 51.11 -5.18 15.86
CA THR F 93 49.90 -5.93 16.08
C THR F 93 50.04 -7.27 15.34
N LEU F 94 50.55 -7.21 14.13
CA LEU F 94 50.85 -8.39 13.33
C LEU F 94 51.86 -9.30 14.00
N GLN F 95 52.86 -8.74 14.67
CA GLN F 95 53.74 -9.63 15.41
C GLN F 95 53.05 -10.28 16.61
N GLN F 96 52.21 -9.54 17.34
CA GLN F 96 51.45 -10.14 18.46
C GLN F 96 50.49 -11.27 18.02
N LEU F 97 49.78 -11.08 16.91
CA LEU F 97 48.86 -12.09 16.40
C LEU F 97 49.65 -13.29 15.88
N SER F 98 50.81 -13.01 15.32
CA SER F 98 51.74 -14.03 14.85
C SER F 98 52.27 -14.86 16.06
N ALA F 99 52.61 -14.21 17.17
CA ALA F 99 52.97 -14.93 18.40
C ALA F 99 51.88 -15.90 18.89
N LEU F 100 50.62 -15.56 18.68
CA LEU F 100 49.52 -16.44 19.06
C LEU F 100 49.25 -17.53 18.05
N GLY F 101 50.01 -17.57 16.94
CA GLY F 101 49.78 -18.54 15.87
C GLY F 101 49.08 -18.09 14.58
N PHE F 102 48.70 -16.82 14.49
CA PHE F 102 48.01 -16.38 13.30
C PHE F 102 49.02 -15.90 12.25
N ASN F 103 49.25 -16.67 11.20
CA ASN F 103 50.21 -16.36 10.15
C ASN F 103 49.49 -16.66 8.86
N ASP F 104 50.12 -16.38 7.72
CA ASP F 104 49.60 -16.84 6.44
C ASP F 104 49.44 -18.37 6.50
N GLY F 105 48.31 -18.85 6.03
CA GLY F 105 47.98 -20.28 6.09
C GLY F 105 47.41 -20.88 7.37
N THR F 106 47.35 -20.13 8.47
CA THR F 106 46.72 -20.62 9.71
C THR F 106 45.21 -20.74 9.46
N TYR F 107 44.64 -21.89 9.81
CA TYR F 107 43.19 -22.09 9.80
C TYR F 107 42.58 -21.64 11.12
N CYS F 108 41.46 -20.95 11.04
CA CYS F 108 40.84 -20.29 12.18
C CYS F 108 39.42 -20.79 12.39
N ALA F 109 39.15 -21.99 11.84
CA ALA F 109 37.88 -22.68 12.09
C ALA F 109 37.47 -22.65 13.56
N GLU F 110 36.17 -22.68 13.77
CA GLU F 110 35.59 -22.66 15.08
C GLU F 110 36.04 -23.89 15.84
N GLY F 111 36.19 -25.01 15.13
CA GLY F 111 36.62 -26.28 15.73
C GLY F 111 38.10 -26.21 16.15
N ILE F 112 38.80 -25.13 15.79
CA ILE F 112 40.23 -25.03 16.19
C ILE F 112 40.45 -23.91 17.21
N ILE F 113 39.86 -22.76 16.99
CA ILE F 113 40.18 -21.64 17.86
C ILE F 113 38.98 -21.22 18.71
N GLY F 114 37.86 -21.93 18.56
CA GLY F 114 36.67 -21.57 19.30
C GLY F 114 35.92 -20.39 18.69
N THR F 115 34.81 -20.04 19.32
CA THR F 115 33.96 -18.95 18.94
C THR F 115 34.77 -17.70 18.77
N CYS F 116 34.64 -17.14 17.55
CA CYS F 116 35.40 -16.00 17.06
C CYS F 116 34.81 -15.54 15.74
N ALA F 117 34.69 -14.22 15.58
CA ALA F 117 34.20 -13.64 14.34
C ALA F 117 34.87 -14.26 13.08
N LEU F 118 36.17 -14.55 13.18
CA LEU F 118 36.94 -15.11 12.07
C LEU F 118 36.21 -16.29 11.43
N SER F 119 35.53 -17.10 12.26
CA SER F 119 34.67 -18.19 11.69
C SER F 119 33.19 -17.90 11.74
N LEU F 120 32.74 -17.23 12.79
CA LEU F 120 31.30 -17.11 13.00
C LEU F 120 30.64 -16.30 11.87
N ALA F 121 31.43 -15.45 11.21
CA ALA F 121 30.87 -14.67 10.12
C ALA F 121 30.39 -15.56 9.00
N ALA F 122 31.22 -16.51 8.57
CA ALA F 122 30.84 -17.46 7.53
C ALA F 122 29.84 -18.48 8.02
N ILE F 123 29.95 -18.87 9.28
CA ILE F 123 28.96 -19.79 9.84
C ILE F 123 27.59 -19.12 9.83
N SER F 124 27.53 -17.82 10.18
CA SER F 124 26.24 -17.15 10.32
C SER F 124 25.79 -16.51 9.02
N GLY F 125 26.73 -16.26 8.13
CA GLY F 125 26.44 -15.68 6.85
C GLY F 125 26.41 -14.16 6.98
N GLN F 126 26.80 -13.63 8.13
CA GLN F 126 26.81 -12.16 8.26
C GLN F 126 27.96 -11.47 8.96
N ALA F 127 27.99 -10.14 8.86
CA ALA F 127 28.99 -9.35 9.53
C ALA F 127 28.85 -9.63 11.00
N VAL F 128 29.97 -9.96 11.66
CA VAL F 128 29.93 -10.32 13.09
C VAL F 128 31.18 -9.79 13.84
N LYS F 129 30.97 -9.41 15.08
CA LYS F 129 32.02 -8.95 15.97
C LYS F 129 32.05 -9.74 17.28
N THR F 130 33.22 -10.22 17.70
CA THR F 130 33.32 -10.89 19.00
C THR F 130 34.43 -10.18 19.79
N MET F 131 34.20 -9.93 21.09
CA MET F 131 35.16 -9.19 21.93
C MET F 131 35.39 -9.93 23.24
N ALA F 132 36.60 -9.82 23.79
CA ALA F 132 36.90 -10.21 25.14
C ALA F 132 36.40 -11.64 25.39
N ASP F 133 35.65 -11.82 26.48
CA ASP F 133 35.21 -13.15 26.94
C ASP F 133 33.97 -13.73 26.23
N GLN F 134 33.49 -13.06 25.18
CA GLN F 134 32.61 -13.75 24.20
C GLN F 134 33.40 -14.83 23.47
N HIS F 135 34.73 -14.68 23.39
CA HIS F 135 35.58 -15.67 22.76
C HIS F 135 35.63 -16.95 23.64
N PHE F 136 35.59 -18.12 23.03
CA PHE F 136 35.65 -19.36 23.83
C PHE F 136 37.00 -19.51 24.54
N LYS F 137 38.07 -19.34 23.77
CA LYS F 137 39.46 -19.48 24.23
C LYS F 137 39.89 -18.26 24.99
N GLN F 138 40.42 -18.47 26.20
CA GLN F 138 40.91 -17.39 27.06
C GLN F 138 42.04 -16.57 26.44
N VAL F 139 42.81 -17.19 25.56
CA VAL F 139 43.93 -16.50 24.92
C VAL F 139 43.43 -15.29 24.11
N LEU F 140 42.20 -15.36 23.64
CA LEU F 140 41.61 -14.29 22.83
C LEU F 140 40.87 -13.20 23.60
N TRP F 141 40.84 -13.29 24.93
CA TRP F 141 40.10 -12.31 25.75
C TRP F 141 40.64 -10.88 25.66
N ASN F 142 41.88 -10.75 25.22
CA ASN F 142 42.46 -9.43 25.00
C ASN F 142 42.17 -8.83 23.63
N TRP F 143 41.50 -9.58 22.77
CA TRP F 143 41.24 -9.22 21.39
C TRP F 143 39.77 -8.96 21.09
N ALA F 144 39.55 -8.08 20.12
CA ALA F 144 38.29 -7.89 19.46
C ALA F 144 38.47 -8.36 18.00
N PHE F 145 37.51 -9.10 17.45
CA PHE F 145 37.52 -9.43 16.01
C PHE F 145 36.22 -8.97 15.33
N CYS F 146 36.33 -8.40 14.14
CA CYS F 146 35.17 -8.15 13.30
C CYS F 146 35.40 -8.90 12.02
N ALA F 147 34.32 -9.42 11.44
CA ALA F 147 34.46 -10.14 10.18
C ALA F 147 33.17 -10.13 9.40
N THR F 148 33.32 -10.23 8.10
CA THR F 148 32.17 -10.30 7.26
C THR F 148 32.51 -11.31 6.19
N PRO F 149 31.56 -12.16 5.81
CA PRO F 149 31.83 -13.07 4.73
C PRO F 149 31.70 -12.37 3.36
N LEU F 150 32.42 -12.87 2.35
CA LEU F 150 32.14 -12.41 1.03
C LEU F 150 31.83 -13.47 0.01
N PHE F 151 31.13 -13.02 -1.01
CA PHE F 151 30.49 -13.94 -1.96
C PHE F 151 30.93 -13.82 -3.42
N ASP F 152 30.85 -14.93 -4.13
CA ASP F 152 31.17 -15.10 -5.54
C ASP F 152 30.61 -14.08 -6.51
N SER F 153 30.67 -14.50 -7.78
CA SER F 153 29.98 -13.88 -8.89
C SER F 153 28.60 -14.58 -8.95
N LYS F 154 28.54 -15.77 -8.36
CA LYS F 154 27.46 -16.74 -8.51
C LYS F 154 26.80 -17.01 -7.16
N GLY F 155 27.15 -16.20 -6.17
CA GLY F 155 26.44 -16.16 -4.89
C GLY F 155 26.91 -17.02 -3.73
N ARG F 156 27.96 -17.82 -3.89
CA ARG F 156 28.44 -18.65 -2.76
C ARG F 156 29.65 -18.07 -2.05
N LEU F 157 29.93 -18.63 -0.87
CA LEU F 157 30.93 -18.12 0.04
C LEU F 157 32.33 -18.36 -0.55
N THR F 158 33.15 -17.34 -0.47
CA THR F 158 34.45 -17.40 -1.13
C THR F 158 35.55 -16.90 -0.22
N GLY F 159 35.15 -16.28 0.89
CA GLY F 159 36.14 -15.77 1.85
C GLY F 159 35.54 -14.88 2.90
N THR F 160 36.42 -14.25 3.68
CA THR F 160 36.01 -13.43 4.84
C THR F 160 36.99 -12.28 5.01
N ILE F 161 36.48 -11.11 5.38
CA ILE F 161 37.35 -9.94 5.64
C ILE F 161 37.26 -9.73 7.12
N ALA F 162 38.41 -9.62 7.77
CA ALA F 162 38.42 -9.38 9.19
C ALA F 162 39.43 -8.30 9.60
N LEU F 163 39.12 -7.73 10.77
CA LEU F 163 39.89 -6.72 11.43
C LEU F 163 40.09 -7.17 12.89
N ALA F 164 41.35 -7.25 13.32
CA ALA F 164 41.73 -7.68 14.67
C ALA F 164 42.36 -6.50 15.39
N CYS F 165 42.02 -6.31 16.67
CA CYS F 165 42.60 -5.26 17.50
C CYS F 165 42.50 -5.55 18.98
N PRO F 166 43.44 -5.01 19.79
CA PRO F 166 43.29 -5.12 21.25
C PRO F 166 41.89 -4.67 21.66
N VAL F 167 41.28 -5.44 22.55
CA VAL F 167 39.88 -5.23 22.91
C VAL F 167 39.59 -3.78 23.38
N GLU F 168 40.50 -3.19 24.16
CA GLU F 168 40.30 -1.82 24.66
C GLU F 168 40.27 -0.74 23.56
N GLN F 169 40.80 -1.03 22.38
CA GLN F 169 40.83 -0.06 21.30
C GLN F 169 39.81 -0.23 20.18
N THR F 170 38.83 -1.10 20.39
CA THR F 170 37.82 -1.36 19.37
C THR F 170 37.10 -0.05 19.04
N THR F 171 36.69 0.15 17.79
CA THR F 171 35.81 1.31 17.50
C THR F 171 34.50 0.84 16.88
N ALA F 172 33.49 1.68 16.98
CA ALA F 172 32.15 1.40 16.44
C ALA F 172 32.11 1.31 14.89
N ALA F 173 33.13 1.83 14.23
CA ALA F 173 33.21 1.78 12.77
C ALA F 173 33.92 0.55 12.20
N ASP F 174 34.50 -0.28 13.08
CA ASP F 174 35.25 -1.47 12.67
C ASP F 174 34.40 -2.49 11.90
N LEU F 175 33.23 -2.80 12.43
CA LEU F 175 32.37 -3.79 11.81
C LEU F 175 31.82 -3.35 10.42
N PRO F 176 31.13 -2.17 10.38
CA PRO F 176 30.66 -1.70 9.06
C PRO F 176 31.79 -1.54 8.05
N LEU F 177 33.01 -1.32 8.51
CA LEU F 177 34.15 -1.25 7.60
C LEU F 177 34.47 -2.58 6.92
N THR F 178 34.48 -3.69 7.71
CA THR F 178 34.72 -5.01 7.13
C THR F 178 33.55 -5.34 6.20
N LEU F 179 32.32 -5.02 6.64
CA LEU F 179 31.18 -5.23 5.77
C LEU F 179 31.26 -4.51 4.41
N ALA F 180 31.59 -3.24 4.46
CA ALA F 180 31.66 -2.46 3.23
C ALA F 180 32.78 -2.96 2.32
N ILE F 181 33.91 -3.35 2.90
CA ILE F 181 35.04 -3.92 2.13
C ILE F 181 34.67 -5.30 1.58
N ALA F 182 34.03 -6.14 2.37
CA ALA F 182 33.56 -7.45 1.81
C ALA F 182 32.61 -7.23 0.68
N ARG F 183 31.66 -6.35 0.86
CA ARG F 183 30.77 -6.06 -0.28
C ARG F 183 31.41 -5.45 -1.52
N GLU F 184 32.45 -4.65 -1.32
CA GLU F 184 33.18 -4.06 -2.42
C GLU F 184 33.93 -5.13 -3.19
N VAL F 185 34.69 -5.99 -2.51
CA VAL F 185 35.42 -7.08 -3.16
C VAL F 185 34.42 -8.06 -3.90
N GLY F 186 33.37 -8.46 -3.21
CA GLY F 186 32.24 -9.15 -3.86
C GLY F 186 31.80 -8.50 -5.16
N ASN F 187 31.48 -7.23 -5.12
CA ASN F 187 30.94 -6.63 -6.32
CA ASN F 187 30.94 -6.61 -6.33
C ASN F 187 31.98 -6.55 -7.43
N LEU F 188 33.24 -6.46 -7.05
CA LEU F 188 34.28 -6.41 -8.02
C LEU F 188 34.41 -7.76 -8.71
N LEU F 189 34.16 -8.86 -8.00
CA LEU F 189 34.20 -10.18 -8.62
C LEU F 189 33.04 -10.26 -9.59
N LEU F 190 31.91 -9.73 -9.20
CA LEU F 190 30.78 -9.64 -10.10
C LEU F 190 31.03 -8.80 -11.37
N THR F 191 31.78 -7.68 -11.24
CA THR F 191 32.05 -6.89 -12.43
C THR F 191 33.04 -7.61 -13.36
N ASP F 192 34.02 -8.33 -12.81
CA ASP F 192 34.90 -9.20 -13.64
C ASP F 192 34.06 -10.20 -14.44
N SER F 193 33.08 -10.79 -13.76
CA SER F 193 32.27 -11.81 -14.43
C SER F 193 31.28 -11.22 -15.44
N LEU F 194 30.84 -9.98 -15.22
CA LEU F 194 29.95 -9.31 -16.19
C LEU F 194 30.69 -9.01 -17.50
N LEU F 195 31.93 -8.56 -17.39
CA LEU F 195 32.82 -8.29 -18.52
C LEU F 195 33.13 -9.56 -19.29
N ALA F 196 33.41 -10.64 -18.58
CA ALA F 196 33.56 -11.95 -19.21
C ALA F 196 32.25 -12.40 -19.92
N GLU F 197 31.09 -12.18 -19.32
CA GLU F 197 29.80 -12.47 -20.01
C GLU F 197 29.67 -11.68 -21.32
N THR F 198 29.99 -10.40 -21.29
CA THR F 198 29.88 -9.65 -22.54
C THR F 198 30.85 -10.08 -23.61
N ASN F 199 32.07 -10.44 -23.22
CA ASN F 199 33.03 -11.01 -24.13
C ASN F 199 32.46 -12.29 -24.79
N ARG F 200 31.85 -13.18 -24.00
CA ARG F 200 31.19 -14.35 -24.61
C ARG F 200 30.10 -13.99 -25.60
N HIS F 201 29.34 -12.92 -25.36
CA HIS F 201 28.33 -12.52 -26.39
C HIS F 201 28.95 -11.92 -27.62
N LEU F 202 30.07 -11.25 -27.43
CA LEU F 202 30.81 -10.70 -28.57
C LEU F 202 31.37 -11.82 -29.44
N ASN F 203 31.87 -12.88 -28.80
CA ASN F 203 32.28 -14.09 -29.54
C ASN F 203 31.17 -14.68 -30.43
N GLN F 204 29.96 -14.80 -29.85
CA GLN F 204 28.78 -15.22 -30.62
C GLN F 204 28.56 -14.30 -31.78
N LEU F 205 28.65 -13.01 -31.49
CA LEU F 205 28.34 -12.06 -32.55
C LEU F 205 29.40 -12.11 -33.67
N ASN F 206 30.66 -12.18 -33.29
CA ASN F 206 31.77 -12.21 -34.26
C ASN F 206 31.79 -13.44 -35.11
N ALA F 207 31.63 -14.60 -34.48
CA ALA F 207 31.52 -15.87 -35.19
C ALA F 207 30.34 -15.85 -36.16
N LEU F 208 29.19 -15.32 -35.75
CA LEU F 208 28.07 -15.23 -36.68
C LEU F 208 28.49 -14.42 -37.89
N LEU F 209 29.01 -13.22 -37.67
CA LEU F 209 29.46 -12.32 -38.74
C LEU F 209 30.51 -12.93 -39.70
N GLU F 210 31.50 -13.64 -39.17
CA GLU F 210 32.52 -14.24 -40.02
C GLU F 210 32.02 -15.41 -40.86
N SER F 211 31.03 -16.15 -40.36
CA SER F 211 30.63 -17.38 -41.03
C SER F 211 29.36 -17.31 -41.85
N MET F 212 28.63 -16.21 -41.76
CA MET F 212 27.35 -16.11 -42.49
C MET F 212 27.54 -15.73 -43.95
N ASP F 213 26.45 -15.81 -44.72
CA ASP F 213 26.51 -15.49 -46.15
C ASP F 213 26.29 -14.04 -46.49
N ASP F 214 25.39 -13.39 -45.79
CA ASP F 214 25.08 -12.01 -46.11
C ASP F 214 26.24 -11.13 -45.75
N GLY F 215 26.43 -10.06 -46.52
CA GLY F 215 27.27 -8.95 -46.10
C GLY F 215 26.54 -8.17 -45.02
N VAL F 216 27.28 -7.63 -44.07
CA VAL F 216 26.65 -6.78 -43.05
C VAL F 216 27.45 -5.57 -42.62
N ILE F 217 26.74 -4.46 -42.46
CA ILE F 217 27.27 -3.20 -42.00
C ILE F 217 26.31 -2.76 -40.92
N SER F 218 26.82 -2.27 -39.82
CA SER F 218 25.95 -1.82 -38.75
C SER F 218 26.47 -0.58 -38.10
N TRP F 219 25.56 0.36 -37.86
CA TRP F 219 25.96 1.59 -37.22
C TRP F 219 25.09 2.04 -36.03
N ASP F 220 25.67 2.99 -35.30
CA ASP F 220 25.22 3.62 -34.05
C ASP F 220 24.08 4.59 -34.24
N GLU F 221 23.43 5.00 -33.14
CA GLU F 221 22.47 6.16 -33.17
C GLU F 221 23.24 7.44 -33.32
N GLN F 222 24.55 7.35 -33.14
CA GLN F 222 25.46 8.46 -33.32
C GLN F 222 26.05 8.48 -34.71
N GLY F 223 25.69 7.56 -35.59
CA GLY F 223 26.29 7.51 -36.94
C GLY F 223 27.58 6.70 -37.13
N ASN F 224 28.12 6.12 -36.06
CA ASN F 224 29.40 5.40 -36.06
C ASN F 224 29.31 3.90 -36.30
N LEU F 225 30.10 3.43 -37.26
CA LEU F 225 30.02 2.07 -37.75
C LEU F 225 30.49 1.15 -36.62
N GLN F 226 29.69 0.13 -36.30
CA GLN F 226 30.01 -0.75 -35.18
C GLN F 226 30.60 -2.05 -35.64
N PHE F 227 30.12 -2.57 -36.77
CA PHE F 227 30.67 -3.79 -37.35
C PHE F 227 30.42 -3.87 -38.83
N ILE F 228 31.32 -4.58 -39.51
CA ILE F 228 31.23 -4.87 -40.93
C ILE F 228 31.95 -6.19 -41.17
N ASN F 229 31.35 -7.11 -41.91
CA ASN F 229 32.03 -8.38 -42.17
C ASN F 229 32.81 -8.34 -43.46
N ALA F 230 33.68 -9.34 -43.69
CA ALA F 230 34.50 -9.38 -44.91
C ALA F 230 33.69 -9.19 -46.19
N GLN F 231 32.53 -9.84 -46.24
CA GLN F 231 31.64 -9.85 -47.40
C GLN F 231 31.15 -8.44 -47.75
N ALA F 232 30.75 -7.67 -46.75
CA ALA F 232 30.25 -6.31 -46.99
C ALA F 232 31.37 -5.37 -47.43
N ALA F 233 32.56 -5.63 -46.94
CA ALA F 233 33.68 -4.73 -47.11
C ALA F 233 34.28 -4.86 -48.50
N ARG F 234 34.23 -6.06 -49.08
CA ARG F 234 34.70 -6.23 -50.46
C ARG F 234 33.71 -5.62 -51.44
N VAL F 235 32.42 -5.94 -51.28
CA VAL F 235 31.33 -5.43 -52.12
C VAL F 235 31.24 -3.90 -52.16
N LEU F 236 31.19 -3.28 -50.99
CA LEU F 236 31.10 -1.82 -50.89
C LEU F 236 32.46 -1.16 -50.96
N ARG F 237 33.46 -1.94 -51.36
CA ARG F 237 34.84 -1.54 -51.32
C ARG F 237 35.20 -0.54 -50.18
N LEU F 238 34.94 -0.97 -48.96
CA LEU F 238 35.40 -0.26 -47.78
C LEU F 238 36.58 -1.00 -47.14
N ASP F 239 37.44 -0.23 -46.48
CA ASP F 239 38.55 -0.82 -45.74
C ASP F 239 38.05 -1.69 -44.59
N ALA F 240 38.51 -2.94 -44.63
CA ALA F 240 38.05 -4.00 -43.76
C ALA F 240 38.29 -3.81 -42.25
N THR F 241 39.31 -3.01 -41.89
CA THR F 241 39.72 -2.73 -40.50
C THR F 241 39.70 -1.23 -40.10
N ALA F 242 39.78 -0.29 -41.04
CA ALA F 242 39.81 1.12 -40.62
C ALA F 242 38.45 1.83 -40.63
N SER F 243 37.42 1.15 -41.13
CA SER F 243 36.09 1.74 -41.20
C SER F 243 35.41 1.79 -39.84
N GLN F 244 35.60 0.72 -39.04
CA GLN F 244 34.89 0.54 -37.79
C GLN F 244 35.17 1.69 -36.79
N GLY F 245 34.14 2.18 -36.14
CA GLY F 245 34.31 3.32 -35.26
C GLY F 245 34.35 4.68 -35.94
N ARG F 246 34.21 4.74 -37.26
CA ARG F 246 34.11 6.03 -37.97
C ARG F 246 32.69 6.29 -38.45
N ALA F 247 32.40 7.57 -38.65
CA ALA F 247 31.12 8.00 -39.19
C ALA F 247 30.84 7.29 -40.50
N ILE F 248 29.67 6.70 -40.57
CA ILE F 248 29.25 6.06 -41.80
C ILE F 248 29.04 7.08 -42.95
N THR F 249 28.67 8.31 -42.62
CA THR F 249 28.47 9.34 -43.65
C THR F 249 29.78 9.57 -44.38
N GLU F 250 30.88 9.64 -43.65
CA GLU F 250 32.20 9.76 -44.29
C GLU F 250 32.81 8.45 -44.75
N LEU F 251 32.04 7.37 -44.74
CA LEU F 251 32.54 6.11 -45.29
C LEU F 251 32.02 5.85 -46.68
N LEU F 252 30.71 5.95 -46.86
CA LEU F 252 30.11 5.77 -48.17
C LEU F 252 28.87 6.65 -48.34
N THR F 253 28.49 6.91 -49.59
CA THR F 253 27.26 7.65 -49.85
C THR F 253 26.11 6.69 -50.04
N LEU F 254 25.05 6.95 -49.28
CA LEU F 254 23.90 6.08 -49.27
C LEU F 254 22.87 6.48 -50.35
N PRO F 255 22.25 5.49 -51.00
CA PRO F 255 21.23 5.72 -52.03
C PRO F 255 20.03 6.52 -51.50
N ALA F 256 19.18 7.00 -52.41
CA ALA F 256 17.95 7.71 -52.05
C ALA F 256 16.96 6.86 -51.24
N VAL F 257 16.83 5.59 -51.63
CA VAL F 257 15.86 4.66 -51.03
C VAL F 257 16.20 4.42 -49.56
N LEU F 258 17.49 4.16 -49.32
CA LEU F 258 18.01 4.04 -47.98
C LEU F 258 17.92 5.32 -47.15
N GLN F 259 18.24 6.46 -47.76
CA GLN F 259 18.26 7.72 -47.05
C GLN F 259 16.91 8.00 -46.43
N GLN F 260 15.86 7.75 -47.22
CA GLN F 260 14.49 7.97 -46.79
C GLN F 260 14.22 7.06 -45.60
N ALA F 261 14.25 5.75 -45.87
CA ALA F 261 14.02 4.73 -44.84
C ALA F 261 14.81 4.99 -43.55
N ILE F 262 16.10 5.34 -43.67
CA ILE F 262 16.97 5.63 -42.52
C ILE F 262 16.51 6.81 -41.65
N LYS F 263 15.98 7.85 -42.30
CA LYS F 263 15.38 9.01 -41.60
C LYS F 263 14.03 8.65 -40.93
N GLN F 264 13.33 7.74 -41.60
CA GLN F 264 11.96 7.33 -41.28
C GLN F 264 11.91 6.12 -40.31
N ALA F 265 13.09 5.61 -39.93
CA ALA F 265 13.28 4.41 -39.10
C ALA F 265 12.40 3.24 -39.55
N HIS F 266 12.28 3.10 -40.87
CA HIS F 266 11.34 2.19 -41.50
C HIS F 266 12.14 1.05 -42.16
N PRO F 267 11.81 -0.22 -41.85
CA PRO F 267 12.50 -1.39 -42.39
C PRO F 267 12.40 -1.58 -43.91
N LEU F 268 13.37 -2.28 -44.50
CA LEU F 268 13.36 -2.61 -45.92
C LEU F 268 13.79 -4.05 -46.08
N LYS F 269 13.02 -4.84 -46.83
CA LYS F 269 13.33 -6.27 -47.00
C LYS F 269 13.54 -6.65 -48.46
N HIS F 270 14.68 -7.27 -48.74
CA HIS F 270 15.05 -7.77 -50.08
C HIS F 270 14.80 -6.76 -51.22
N VAL F 271 14.97 -5.47 -50.92
CA VAL F 271 14.79 -4.38 -51.89
C VAL F 271 16.06 -4.16 -52.76
N GLU F 272 15.90 -3.65 -53.98
CA GLU F 272 17.04 -3.27 -54.83
C GLU F 272 17.65 -1.92 -54.43
N ALA F 273 18.98 -1.80 -54.61
CA ALA F 273 19.72 -0.59 -54.23
C ALA F 273 21.05 -0.43 -54.96
N THR F 274 21.36 0.85 -55.25
CA THR F 274 22.56 1.23 -55.98
C THR F 274 23.46 2.12 -55.11
N PHE F 275 24.70 1.70 -54.89
CA PHE F 275 25.65 2.42 -54.02
C PHE F 275 26.77 3.16 -54.78
N GLU F 276 27.42 4.08 -54.05
CA GLU F 276 28.63 4.77 -54.51
C GLU F 276 29.81 4.67 -53.52
N SER F 277 30.90 4.06 -53.96
CA SER F 277 32.15 3.98 -53.19
C SER F 277 33.28 4.69 -53.97
N GLN F 278 33.93 5.67 -53.33
CA GLN F 278 34.92 6.57 -53.97
C GLN F 278 34.83 6.66 -55.52
N HIS F 279 33.81 7.38 -55.99
CA HIS F 279 33.45 7.49 -57.42
C HIS F 279 33.23 6.16 -58.18
N GLN F 280 32.22 5.37 -57.76
CA GLN F 280 31.89 4.09 -58.41
C GLN F 280 30.59 3.41 -57.94
N PHE F 281 29.82 2.89 -58.92
CA PHE F 281 28.45 2.38 -58.72
C PHE F 281 28.33 0.87 -58.44
N ILE F 282 27.76 0.51 -57.28
CA ILE F 282 27.51 -0.90 -56.92
C ILE F 282 26.02 -1.20 -56.85
N ASP F 283 25.61 -2.28 -57.52
CA ASP F 283 24.21 -2.74 -57.46
C ASP F 283 24.03 -3.95 -56.54
N ALA F 284 22.99 -3.90 -55.69
CA ALA F 284 22.80 -4.90 -54.64
C ALA F 284 21.35 -5.03 -54.19
N VAL F 285 21.04 -6.18 -53.59
CA VAL F 285 19.76 -6.38 -52.94
C VAL F 285 19.99 -6.35 -51.43
N ILE F 286 19.21 -5.52 -50.74
CA ILE F 286 19.51 -5.21 -49.36
C ILE F 286 18.34 -5.51 -48.44
N THR F 287 18.62 -5.54 -47.14
CA THR F 287 17.62 -5.46 -46.08
C THR F 287 18.10 -4.43 -45.08
N LEU F 288 17.18 -3.63 -44.56
CA LEU F 288 17.53 -2.66 -43.53
C LEU F 288 16.76 -2.97 -42.28
N LYS F 289 17.49 -3.23 -41.21
CA LYS F 289 16.91 -3.60 -39.93
C LYS F 289 17.15 -2.49 -38.92
N PRO F 290 16.11 -1.71 -38.60
CA PRO F 290 16.22 -0.74 -37.49
C PRO F 290 16.35 -1.45 -36.16
N ILE F 291 17.10 -0.86 -35.24
CA ILE F 291 17.14 -1.34 -33.86
C ILE F 291 16.79 -0.17 -32.96
N ILE F 292 15.69 -0.30 -32.23
CA ILE F 292 15.10 0.85 -31.55
C ILE F 292 15.38 0.70 -30.06
N GLU F 293 16.10 1.66 -29.49
CA GLU F 293 16.55 1.54 -28.11
C GLU F 293 16.27 2.85 -27.39
N THR F 294 16.29 2.85 -26.06
CA THR F 294 16.07 4.10 -25.33
C THR F 294 16.97 5.23 -25.88
N GLN F 295 18.24 4.93 -26.17
CA GLN F 295 19.19 5.99 -26.61
C GLN F 295 19.14 6.48 -28.06
N GLY F 296 18.26 5.91 -28.88
CA GLY F 296 18.19 6.25 -30.29
C GLY F 296 18.03 4.99 -31.16
N THR F 297 18.03 5.20 -32.47
CA THR F 297 17.87 4.09 -33.38
C THR F 297 19.22 3.76 -33.97
N SER F 298 19.54 2.46 -34.00
CA SER F 298 20.70 1.90 -34.65
C SER F 298 20.18 1.11 -35.85
N PHE F 299 21.11 0.77 -36.77
CA PHE F 299 20.74 0.09 -37.99
C PHE F 299 21.63 -1.09 -38.32
N ILE F 300 21.02 -2.11 -38.92
CA ILE F 300 21.79 -3.14 -39.59
C ILE F 300 21.39 -3.17 -41.06
N LEU F 301 22.40 -3.22 -41.92
CA LEU F 301 22.18 -3.33 -43.34
C LEU F 301 22.82 -4.60 -43.84
N LEU F 302 22.01 -5.45 -44.44
CA LEU F 302 22.49 -6.68 -45.04
C LEU F 302 22.52 -6.64 -46.55
N LEU F 303 23.61 -7.12 -47.10
CA LEU F 303 23.77 -7.16 -48.53
C LEU F 303 23.64 -8.60 -48.89
N HIS F 304 22.56 -8.89 -49.59
CA HIS F 304 22.20 -10.24 -49.96
C HIS F 304 22.97 -10.61 -51.23
N PRO F 305 23.57 -11.80 -51.26
CA PRO F 305 24.29 -12.19 -52.48
C PRO F 305 23.28 -12.62 -53.56
N VAL F 306 23.51 -12.22 -54.82
CA VAL F 306 22.55 -12.51 -55.91
C VAL F 306 22.76 -13.88 -56.62
N SER G 13 -17.55 5.63 -22.66
CA SER G 13 -17.36 6.50 -21.45
C SER G 13 -15.88 6.70 -21.13
N PRO G 14 -15.47 7.95 -20.74
CA PRO G 14 -14.11 8.18 -20.25
C PRO G 14 -13.75 7.29 -19.05
N LEU G 15 -14.76 6.77 -18.38
CA LEU G 15 -14.55 5.83 -17.28
C LEU G 15 -14.07 4.48 -17.79
N ILE G 16 -14.74 3.99 -18.82
CA ILE G 16 -14.46 2.73 -19.45
C ILE G 16 -13.12 2.75 -20.17
N ALA G 17 -12.97 3.77 -21.04
CA ALA G 17 -11.77 3.97 -21.84
C ALA G 17 -10.53 4.09 -20.97
N THR G 18 -10.64 4.83 -19.88
CA THR G 18 -9.54 5.01 -18.92
C THR G 18 -9.18 3.69 -18.26
N SER G 19 -10.21 2.89 -17.99
CA SER G 19 -10.06 1.55 -17.45
C SER G 19 -9.35 0.61 -18.46
N TRP G 20 -9.72 0.69 -19.73
CA TRP G 20 -9.05 -0.06 -20.79
C TRP G 20 -7.55 0.22 -20.85
N GLU G 21 -7.14 1.49 -20.77
CA GLU G 21 -5.71 1.85 -20.76
C GLU G 21 -4.96 1.18 -19.61
N ARG G 22 -5.59 1.04 -18.43
CA ARG G 22 -4.94 0.36 -17.30
C ARG G 22 -4.79 -1.13 -17.57
N CYS G 23 -5.79 -1.68 -18.24
CA CYS G 23 -5.81 -3.10 -18.63
C CYS G 23 -4.86 -3.46 -19.80
N ASN G 24 -4.65 -2.50 -20.72
CA ASN G 24 -3.86 -2.73 -21.94
C ASN G 24 -2.43 -3.09 -21.63
N LYS G 25 -1.96 -2.55 -20.51
CA LYS G 25 -0.61 -2.75 -20.05
C LYS G 25 -0.36 -4.23 -19.83
N LEU G 26 -1.17 -4.87 -19.00
CA LEU G 26 -0.82 -6.17 -18.42
C LEU G 26 -1.71 -7.35 -18.78
N MET G 27 -2.58 -7.18 -19.77
CA MET G 27 -3.72 -8.08 -19.91
C MET G 27 -4.15 -8.21 -21.37
N LYS G 28 -4.66 -9.37 -21.79
CA LYS G 28 -5.24 -9.47 -23.16
C LYS G 28 -6.76 -9.61 -23.11
N ARG G 29 -7.44 -9.11 -24.14
CA ARG G 29 -8.87 -9.23 -24.28
C ARG G 29 -9.40 -10.67 -24.44
N GLU G 30 -8.58 -11.57 -24.96
CA GLU G 30 -9.08 -12.92 -25.29
C GLU G 30 -8.76 -13.96 -24.25
N THR G 31 -7.88 -13.72 -23.29
CA THR G 31 -7.55 -14.82 -22.39
C THR G 31 -8.54 -14.85 -21.22
N TRP G 32 -8.78 -16.06 -20.69
CA TRP G 32 -9.58 -16.25 -19.50
C TRP G 32 -9.01 -17.51 -18.85
N ASN G 33 -8.80 -17.50 -17.54
CA ASN G 33 -8.32 -18.73 -16.91
C ASN G 33 -9.03 -19.00 -15.62
N VAL G 34 -8.53 -20.01 -14.93
CA VAL G 34 -8.88 -20.41 -13.60
C VAL G 34 -8.92 -19.17 -12.69
N PRO G 35 -9.91 -19.10 -11.79
CA PRO G 35 -10.01 -17.83 -11.07
C PRO G 35 -8.92 -17.68 -9.97
N HIS G 36 -8.72 -16.46 -9.53
CA HIS G 36 -7.97 -16.20 -8.33
C HIS G 36 -9.05 -16.14 -7.24
N GLN G 37 -9.00 -17.09 -6.32
CA GLN G 37 -10.12 -17.41 -5.45
C GLN G 37 -9.63 -17.71 -4.04
N ALA G 38 -10.04 -16.90 -3.07
CA ALA G 38 -9.74 -17.17 -1.67
C ALA G 38 -10.34 -18.52 -1.27
N GLN G 39 -9.62 -19.21 -0.40
CA GLN G 39 -9.74 -20.66 -0.33
C GLN G 39 -9.83 -21.15 1.10
N GLY G 40 -10.68 -22.16 1.29
CA GLY G 40 -10.83 -22.88 2.55
C GLY G 40 -10.84 -21.99 3.78
N VAL G 41 -9.69 -21.94 4.46
CA VAL G 41 -9.58 -21.26 5.76
C VAL G 41 -9.31 -19.73 5.71
N THR G 42 -8.60 -19.24 4.69
CA THR G 42 -8.36 -17.79 4.58
C THR G 42 -9.62 -17.08 4.05
N PHE G 43 -10.46 -17.85 3.35
CA PHE G 43 -11.77 -17.36 2.97
C PHE G 43 -12.62 -17.20 4.24
N ALA G 44 -12.49 -18.14 5.16
CA ALA G 44 -13.23 -18.10 6.43
C ALA G 44 -12.94 -16.83 7.22
N SER G 45 -11.69 -16.38 7.17
CA SER G 45 -11.29 -15.16 7.87
C SER G 45 -11.81 -13.89 7.22
N ILE G 46 -11.85 -13.88 5.88
CA ILE G 46 -12.40 -12.77 5.16
C ILE G 46 -13.89 -12.71 5.55
N TYR G 47 -14.55 -13.87 5.47
CA TYR G 47 -15.97 -14.02 5.78
C TYR G 47 -16.27 -13.54 7.21
N ARG G 48 -15.52 -14.05 8.20
CA ARG G 48 -15.53 -13.54 9.59
C ARG G 48 -15.39 -11.99 9.72
N ARG G 49 -14.35 -11.41 9.13
CA ARG G 49 -14.19 -9.95 9.16
C ARG G 49 -15.41 -9.19 8.64
N LYS G 50 -16.18 -9.81 7.81
CA LYS G 50 -17.21 -9.07 7.09
C LYS G 50 -18.64 -9.36 7.62
N LYS G 51 -18.71 -10.07 8.75
CA LYS G 51 -19.98 -10.49 9.37
C LYS G 51 -21.03 -9.39 9.34
N ALA G 52 -20.70 -8.24 9.91
CA ALA G 52 -21.64 -7.15 10.07
C ALA G 52 -22.27 -6.73 8.72
N MET G 53 -21.44 -6.37 7.75
CA MET G 53 -21.94 -6.02 6.40
C MET G 53 -22.64 -7.22 5.73
N LEU G 54 -22.19 -8.41 6.06
CA LEU G 54 -22.61 -9.59 5.32
C LEU G 54 -24.04 -9.96 5.65
N THR G 55 -24.32 -10.10 6.93
CA THR G 55 -25.63 -10.57 7.35
C THR G 55 -26.71 -9.59 6.91
N LEU G 56 -26.42 -8.29 7.01
CA LEU G 56 -27.29 -7.26 6.51
C LEU G 56 -27.52 -7.43 5.00
N GLY G 57 -26.43 -7.58 4.26
CA GLY G 57 -26.51 -7.66 2.82
C GLY G 57 -27.21 -8.90 2.30
N GLN G 58 -26.97 -10.04 2.96
CA GLN G 58 -27.61 -11.33 2.61
C GLN G 58 -29.13 -11.27 2.72
N ALA G 59 -29.64 -10.70 3.82
CA ALA G 59 -31.05 -10.54 4.03
C ALA G 59 -31.69 -9.64 2.97
N ALA G 60 -31.02 -8.52 2.68
CA ALA G 60 -31.45 -7.57 1.66
C ALA G 60 -31.48 -8.18 0.25
N LEU G 61 -30.45 -8.93 -0.05
CA LEU G 61 -30.33 -9.63 -1.34
C LEU G 61 -31.34 -10.74 -1.57
N GLU G 62 -31.54 -11.60 -0.56
CA GLU G 62 -32.60 -12.61 -0.58
C GLU G 62 -34.00 -11.97 -0.91
N ASP G 63 -34.33 -10.89 -0.19
CA ASP G 63 -35.52 -10.08 -0.39
C ASP G 63 -35.61 -9.50 -1.78
N ALA G 64 -34.54 -8.89 -2.29
CA ALA G 64 -34.54 -8.40 -3.68
C ALA G 64 -34.84 -9.53 -4.64
N TRP G 65 -34.26 -10.70 -4.40
CA TRP G 65 -34.50 -11.84 -5.29
C TRP G 65 -36.00 -12.29 -5.27
N GLU G 66 -36.53 -12.45 -4.07
CA GLU G 66 -37.91 -12.85 -3.86
C GLU G 66 -38.90 -12.01 -4.68
N TYR G 67 -38.67 -10.70 -4.79
CA TYR G 67 -39.62 -9.85 -5.51
C TYR G 67 -39.38 -9.66 -7.00
N MET G 68 -38.36 -10.36 -7.52
CA MET G 68 -37.87 -10.26 -8.90
C MET G 68 -37.92 -11.60 -9.66
N ALA G 69 -37.92 -12.70 -8.91
CA ALA G 69 -37.89 -14.01 -9.52
C ALA G 69 -39.30 -14.29 -10.11
N PRO G 70 -39.38 -14.97 -11.27
CA PRO G 70 -38.35 -15.63 -12.07
C PRO G 70 -37.69 -14.67 -13.06
N ARG G 71 -36.41 -14.94 -13.33
CA ARG G 71 -35.58 -14.05 -14.10
C ARG G 71 -34.17 -14.62 -14.07
N GLU G 72 -33.50 -14.63 -15.22
CA GLU G 72 -32.11 -15.07 -15.34
C GLU G 72 -31.15 -14.03 -14.74
N CYS G 73 -30.93 -14.09 -13.44
CA CYS G 73 -29.98 -13.16 -12.87
C CYS G 73 -29.35 -13.69 -11.59
N ALA G 74 -28.31 -13.01 -11.15
CA ALA G 74 -27.53 -13.39 -10.00
C ALA G 74 -27.19 -12.14 -9.20
N LEU G 75 -27.20 -12.26 -7.88
CA LEU G 75 -26.81 -11.12 -7.04
C LEU G 75 -25.55 -11.50 -6.21
N PHE G 76 -24.60 -10.58 -6.13
CA PHE G 76 -23.34 -10.82 -5.41
C PHE G 76 -23.14 -9.78 -4.34
N ILE G 77 -22.56 -10.15 -3.22
CA ILE G 77 -22.06 -9.13 -2.30
C ILE G 77 -20.55 -9.33 -2.36
N LEU G 78 -19.81 -8.22 -2.45
CA LEU G 78 -18.37 -8.29 -2.43
C LEU G 78 -17.79 -7.41 -1.35
N ASP G 79 -16.60 -7.79 -0.89
CA ASP G 79 -15.91 -7.06 0.14
C ASP G 79 -15.12 -5.93 -0.53
N GLU G 80 -14.37 -5.13 0.23
CA GLU G 80 -13.67 -4.01 -0.38
C GLU G 80 -12.56 -4.46 -1.34
N THR G 81 -12.03 -5.66 -1.22
CA THR G 81 -10.95 -6.05 -2.17
C THR G 81 -11.53 -6.73 -3.41
N ALA G 82 -12.81 -6.47 -3.73
CA ALA G 82 -13.58 -7.17 -4.76
C ALA G 82 -13.64 -8.72 -4.64
N CYS G 83 -13.60 -9.26 -3.44
CA CYS G 83 -13.72 -10.72 -3.25
C CYS G 83 -15.18 -11.10 -3.01
N ILE G 84 -15.71 -12.04 -3.82
CA ILE G 84 -17.14 -12.44 -3.71
C ILE G 84 -17.39 -13.14 -2.40
N LEU G 85 -18.24 -12.54 -1.55
CA LEU G 85 -18.58 -13.11 -0.24
C LEU G 85 -19.82 -14.02 -0.27
N SER G 86 -20.79 -13.68 -1.11
CA SER G 86 -22.08 -14.38 -1.12
C SER G 86 -22.74 -14.19 -2.48
N ARG G 87 -23.43 -15.21 -2.94
CA ARG G 87 -24.15 -15.15 -4.20
C ARG G 87 -25.58 -15.64 -4.01
N ASN G 88 -26.55 -15.08 -4.72
CA ASN G 88 -27.89 -15.68 -4.74
C ASN G 88 -28.62 -15.29 -6.00
N GLY G 89 -29.83 -15.79 -6.19
CA GLY G 89 -30.56 -15.54 -7.42
C GLY G 89 -30.86 -16.81 -8.20
N ASP G 90 -30.93 -16.69 -9.51
CA ASP G 90 -31.40 -17.82 -10.31
C ASP G 90 -30.38 -18.97 -10.33
N PRO G 91 -30.80 -20.20 -10.01
CA PRO G 91 -29.88 -21.36 -9.97
C PRO G 91 -29.05 -21.59 -11.27
N GLN G 92 -29.69 -21.49 -12.43
CA GLN G 92 -28.99 -21.67 -13.70
C GLN G 92 -28.00 -20.53 -14.03
N THR G 93 -28.41 -19.28 -13.82
CA THR G 93 -27.51 -18.15 -14.03
C THR G 93 -26.30 -18.29 -13.08
N LEU G 94 -26.52 -18.68 -11.84
CA LEU G 94 -25.43 -18.89 -10.87
C LEU G 94 -24.51 -20.02 -11.29
N GLN G 95 -25.08 -21.08 -11.90
CA GLN G 95 -24.23 -22.14 -12.43
C GLN G 95 -23.39 -21.60 -13.58
N GLN G 96 -23.96 -20.81 -14.49
CA GLN G 96 -23.22 -20.24 -15.62
C GLN G 96 -22.02 -19.41 -15.14
N LEU G 97 -22.20 -18.69 -14.04
CA LEU G 97 -21.21 -17.75 -13.57
C LEU G 97 -20.12 -18.49 -12.81
N SER G 98 -20.54 -19.52 -12.08
CA SER G 98 -19.66 -20.46 -11.45
C SER G 98 -18.72 -21.07 -12.54
N ALA G 99 -19.26 -21.51 -13.67
CA ALA G 99 -18.40 -22.10 -14.71
C ALA G 99 -17.42 -21.08 -15.30
N LEU G 100 -17.78 -19.80 -15.24
CA LEU G 100 -16.82 -18.76 -15.63
C LEU G 100 -15.78 -18.53 -14.53
N GLY G 101 -15.97 -19.13 -13.35
CA GLY G 101 -15.03 -18.95 -12.23
C GLY G 101 -15.49 -18.00 -11.12
N PHE G 102 -16.73 -17.52 -11.20
CA PHE G 102 -17.31 -16.67 -10.13
C PHE G 102 -17.93 -17.50 -8.98
N ASN G 103 -17.15 -17.82 -7.95
CA ASN G 103 -17.64 -18.57 -6.82
C ASN G 103 -17.46 -17.73 -5.55
N ASP G 104 -17.91 -18.24 -4.41
CA ASP G 104 -17.52 -17.63 -3.14
C ASP G 104 -16.01 -17.63 -3.07
N GLY G 105 -15.45 -16.46 -2.77
CA GLY G 105 -14.01 -16.29 -2.64
C GLY G 105 -13.29 -15.84 -3.89
N THR G 106 -13.99 -15.74 -5.02
CA THR G 106 -13.34 -15.31 -6.26
C THR G 106 -13.11 -13.81 -6.18
N TYR G 107 -11.91 -13.37 -6.54
CA TYR G 107 -11.55 -11.95 -6.61
C TYR G 107 -11.82 -11.39 -8.00
N CYS G 108 -12.45 -10.22 -8.06
CA CYS G 108 -12.95 -9.66 -9.32
C CYS G 108 -12.27 -8.34 -9.58
N ALA G 109 -11.10 -8.15 -8.97
CA ALA G 109 -10.32 -6.95 -9.22
C ALA G 109 -10.18 -6.71 -10.73
N GLU G 110 -10.06 -5.42 -11.08
CA GLU G 110 -9.88 -5.01 -12.44
C GLU G 110 -8.62 -5.66 -13.06
N GLY G 111 -7.58 -5.81 -12.25
CA GLY G 111 -6.31 -6.35 -12.67
C GLY G 111 -6.46 -7.83 -12.93
N ILE G 112 -7.60 -8.42 -12.58
CA ILE G 112 -7.80 -9.85 -12.91
C ILE G 112 -8.82 -10.13 -14.01
N ILE G 113 -10.00 -9.51 -13.94
CA ILE G 113 -11.04 -9.88 -14.90
C ILE G 113 -11.32 -8.77 -15.90
N GLY G 114 -10.54 -7.70 -15.83
CA GLY G 114 -10.71 -6.58 -16.73
C GLY G 114 -11.79 -5.59 -16.28
N THR G 115 -11.95 -4.53 -17.06
CA THR G 115 -12.98 -3.54 -16.91
C THR G 115 -14.28 -4.25 -16.71
N CYS G 116 -14.89 -3.97 -15.55
CA CYS G 116 -16.13 -4.57 -15.13
C CYS G 116 -16.69 -3.76 -13.98
N ALA G 117 -18.01 -3.56 -14.01
CA ALA G 117 -18.71 -2.90 -12.90
C ALA G 117 -18.28 -3.44 -11.55
N LEU G 118 -18.04 -4.76 -11.49
CA LEU G 118 -17.68 -5.44 -10.22
C LEU G 118 -16.57 -4.74 -9.49
N SER G 119 -15.64 -4.17 -10.28
CA SER G 119 -14.52 -3.40 -9.70
C SER G 119 -14.66 -1.90 -9.93
N LEU G 120 -15.26 -1.51 -11.04
CA LEU G 120 -15.30 -0.11 -11.42
C LEU G 120 -16.19 0.71 -10.47
N ALA G 121 -17.17 0.06 -9.85
CA ALA G 121 -17.95 0.73 -8.81
C ALA G 121 -17.07 1.30 -7.73
N ALA G 122 -16.26 0.44 -7.14
CA ALA G 122 -15.39 0.85 -6.05
C ALA G 122 -14.28 1.77 -6.52
N ILE G 123 -13.82 1.57 -7.75
CA ILE G 123 -12.73 2.40 -8.28
C ILE G 123 -13.26 3.82 -8.50
N SER G 124 -14.46 3.96 -9.06
CA SER G 124 -15.03 5.27 -9.36
C SER G 124 -15.77 5.83 -8.16
N GLY G 125 -16.13 4.95 -7.22
CA GLY G 125 -16.79 5.34 -6.01
C GLY G 125 -18.28 5.52 -6.27
N GLN G 126 -18.77 5.05 -7.41
CA GLN G 126 -20.20 5.17 -7.67
C GLN G 126 -20.90 4.01 -8.38
N ALA G 127 -22.22 4.10 -8.48
CA ALA G 127 -23.02 3.12 -9.15
C ALA G 127 -22.60 3.05 -10.61
N VAL G 128 -22.23 1.88 -11.06
CA VAL G 128 -21.72 1.73 -12.44
C VAL G 128 -22.35 0.51 -13.08
N LYS G 129 -22.59 0.58 -14.38
CA LYS G 129 -23.03 -0.58 -15.17
C LYS G 129 -22.10 -0.82 -16.37
N THR G 130 -21.74 -2.08 -16.61
CA THR G 130 -20.97 -2.41 -17.82
C THR G 130 -21.69 -3.53 -18.54
N MET G 131 -21.70 -3.46 -19.87
CA MET G 131 -22.43 -4.39 -20.71
C MET G 131 -21.64 -4.79 -21.93
N ALA G 132 -21.81 -6.03 -22.37
CA ALA G 132 -21.30 -6.49 -23.65
C ALA G 132 -19.82 -6.13 -23.79
N ASP G 133 -19.47 -5.52 -24.93
CA ASP G 133 -18.08 -5.25 -25.30
C ASP G 133 -17.52 -4.00 -24.60
N GLN G 134 -18.29 -3.40 -23.69
CA GLN G 134 -17.65 -2.46 -22.76
C GLN G 134 -16.66 -3.23 -21.88
N HIS G 135 -16.91 -4.52 -21.66
CA HIS G 135 -16.02 -5.35 -20.90
C HIS G 135 -14.67 -5.54 -21.65
N PHE G 136 -13.55 -5.38 -20.95
CA PHE G 136 -12.24 -5.65 -21.57
C PHE G 136 -12.16 -7.10 -22.01
N LYS G 137 -12.52 -8.03 -21.14
CA LYS G 137 -12.49 -9.47 -21.47
C LYS G 137 -13.68 -9.93 -22.33
N GLN G 138 -13.36 -10.50 -23.48
CA GLN G 138 -14.34 -11.07 -24.42
C GLN G 138 -15.27 -12.11 -23.80
N VAL G 139 -14.77 -12.91 -22.86
CA VAL G 139 -15.63 -13.89 -22.15
C VAL G 139 -16.85 -13.23 -21.47
N LEU G 140 -16.72 -11.95 -21.12
CA LEU G 140 -17.81 -11.22 -20.46
C LEU G 140 -18.76 -10.49 -21.41
N TRP G 141 -18.58 -10.67 -22.72
CA TRP G 141 -19.39 -9.95 -23.72
C TRP G 141 -20.83 -10.37 -23.68
N ASN G 142 -21.08 -11.56 -23.16
CA ASN G 142 -22.43 -12.07 -23.06
C ASN G 142 -23.17 -11.64 -21.77
N TRP G 143 -22.57 -10.74 -20.97
CA TRP G 143 -23.07 -10.36 -19.66
C TRP G 143 -23.22 -8.87 -19.49
N ALA G 144 -24.09 -8.49 -18.57
CA ALA G 144 -24.20 -7.11 -18.07
C ALA G 144 -23.91 -7.14 -16.56
N PHE G 145 -23.12 -6.20 -16.03
CA PHE G 145 -22.98 -6.09 -14.56
C PHE G 145 -23.40 -4.69 -14.09
N CYS G 146 -24.03 -4.61 -12.93
CA CYS G 146 -24.35 -3.34 -12.29
C CYS G 146 -23.79 -3.48 -10.93
N ALA G 147 -23.20 -2.42 -10.43
CA ALA G 147 -22.62 -2.53 -9.11
C ALA G 147 -22.60 -1.17 -8.44
N THR G 148 -22.61 -1.19 -7.13
CA THR G 148 -22.58 0.06 -6.38
C THR G 148 -21.76 -0.25 -5.15
N PRO G 149 -20.84 0.64 -4.80
CA PRO G 149 -20.08 0.38 -3.60
C PRO G 149 -20.89 0.77 -2.36
N LEU G 150 -20.52 0.22 -1.21
CA LEU G 150 -21.12 0.66 0.04
C LEU G 150 -20.12 0.98 1.08
N PHE G 151 -20.56 1.88 1.98
CA PHE G 151 -19.69 2.48 2.95
C PHE G 151 -20.03 2.13 4.40
N ASP G 152 -19.01 2.18 5.24
CA ASP G 152 -19.05 2.05 6.70
C ASP G 152 -20.14 2.71 7.53
N SER G 153 -19.90 2.74 8.86
CA SER G 153 -20.50 3.77 9.77
C SER G 153 -19.63 5.02 9.64
N LYS G 154 -18.38 4.85 9.26
CA LYS G 154 -17.40 5.93 9.25
C LYS G 154 -16.99 6.38 7.84
N GLY G 155 -17.67 5.91 6.80
CA GLY G 155 -17.38 6.36 5.42
C GLY G 155 -16.28 5.65 4.62
N ARG G 156 -15.69 4.57 5.14
CA ARG G 156 -14.73 3.79 4.33
C ARG G 156 -15.51 2.88 3.39
N LEU G 157 -14.94 2.58 2.22
CA LEU G 157 -15.46 1.55 1.34
C LEU G 157 -15.44 0.22 2.11
N THR G 158 -16.55 -0.47 2.08
CA THR G 158 -16.60 -1.68 2.84
C THR G 158 -17.01 -2.87 1.99
N GLY G 159 -17.50 -2.59 0.79
CA GLY G 159 -17.88 -3.63 -0.14
C GLY G 159 -18.67 -3.12 -1.30
N THR G 160 -19.26 -4.05 -2.03
CA THR G 160 -19.95 -3.69 -3.26
C THR G 160 -21.17 -4.58 -3.40
N ILE G 161 -22.27 -4.05 -3.96
CA ILE G 161 -23.48 -4.83 -4.28
C ILE G 161 -23.58 -4.91 -5.79
N ALA G 162 -23.69 -6.12 -6.32
CA ALA G 162 -23.74 -6.35 -7.76
C ALA G 162 -24.90 -7.28 -8.22
N LEU G 163 -25.36 -6.98 -9.42
CA LEU G 163 -26.37 -7.72 -10.15
C LEU G 163 -25.77 -8.15 -11.50
N ALA G 164 -25.90 -9.44 -11.84
CA ALA G 164 -25.35 -9.98 -13.11
C ALA G 164 -26.46 -10.63 -13.87
N CYS G 165 -26.59 -10.33 -15.16
CA CYS G 165 -27.55 -11.00 -16.02
C CYS G 165 -27.01 -11.17 -17.45
N PRO G 166 -27.59 -12.10 -18.25
CA PRO G 166 -27.27 -12.09 -19.69
C PRO G 166 -27.60 -10.72 -20.27
N VAL G 167 -26.78 -10.29 -21.21
CA VAL G 167 -26.78 -8.90 -21.60
C VAL G 167 -28.12 -8.49 -22.25
N GLU G 168 -28.70 -9.39 -23.03
CA GLU G 168 -29.98 -9.12 -23.69
C GLU G 168 -31.15 -9.01 -22.71
N GLN G 169 -30.95 -9.41 -21.46
CA GLN G 169 -32.01 -9.31 -20.46
C GLN G 169 -31.84 -8.22 -19.41
N THR G 170 -30.96 -7.25 -19.62
CA THR G 170 -30.77 -6.25 -18.59
C THR G 170 -31.97 -5.31 -18.56
N THR G 171 -32.25 -4.69 -17.41
CA THR G 171 -33.38 -3.76 -17.35
C THR G 171 -32.90 -2.42 -16.83
N ALA G 172 -33.66 -1.37 -17.12
CA ALA G 172 -33.32 -0.03 -16.71
C ALA G 172 -33.34 0.10 -15.18
N ALA G 173 -34.02 -0.81 -14.50
CA ALA G 173 -34.11 -0.77 -13.05
C ALA G 173 -32.99 -1.47 -12.28
N ASP G 174 -32.14 -2.24 -12.97
CA ASP G 174 -31.09 -3.05 -12.32
C ASP G 174 -30.10 -2.18 -11.59
N LEU G 175 -29.70 -1.06 -12.17
CA LEU G 175 -28.66 -0.28 -11.55
C LEU G 175 -29.15 0.52 -10.36
N PRO G 176 -30.31 1.24 -10.50
CA PRO G 176 -30.81 1.93 -9.28
C PRO G 176 -31.09 0.96 -8.14
N LEU G 177 -31.45 -0.27 -8.44
CA LEU G 177 -31.66 -1.29 -7.43
C LEU G 177 -30.41 -1.64 -6.64
N THR G 178 -29.27 -1.82 -7.30
CA THR G 178 -28.03 -2.15 -6.57
C THR G 178 -27.71 -0.91 -5.73
N LEU G 179 -27.92 0.28 -6.30
CA LEU G 179 -27.71 1.53 -5.57
C LEU G 179 -28.54 1.65 -4.28
N ALA G 180 -29.83 1.41 -4.38
CA ALA G 180 -30.72 1.52 -3.26
C ALA G 180 -30.41 0.44 -2.27
N ILE G 181 -30.03 -0.74 -2.72
CA ILE G 181 -29.59 -1.78 -1.75
C ILE G 181 -28.30 -1.40 -1.05
N ALA G 182 -27.29 -0.88 -1.77
CA ALA G 182 -26.01 -0.60 -1.08
C ALA G 182 -26.22 0.51 -0.08
N ARG G 183 -27.08 1.46 -0.44
CA ARG G 183 -27.38 2.50 0.52
C ARG G 183 -28.14 2.00 1.73
N GLU G 184 -29.08 1.08 1.54
CA GLU G 184 -29.85 0.49 2.62
CA GLU G 184 -29.83 0.58 2.69
C GLU G 184 -28.88 -0.22 3.60
N VAL G 185 -27.99 -1.03 3.04
CA VAL G 185 -26.97 -1.72 3.86
C VAL G 185 -26.04 -0.73 4.56
N GLY G 186 -25.51 0.22 3.82
CA GLY G 186 -24.75 1.31 4.46
C GLY G 186 -25.48 1.96 5.65
N ASN G 187 -26.73 2.29 5.49
CA ASN G 187 -27.44 2.97 6.56
CA ASN G 187 -27.40 2.99 6.57
C ASN G 187 -27.66 2.07 7.77
N LEU G 188 -27.93 0.80 7.52
CA LEU G 188 -28.08 -0.13 8.59
C LEU G 188 -26.80 -0.24 9.42
N LEU G 189 -25.64 -0.16 8.78
CA LEU G 189 -24.37 -0.23 9.52
C LEU G 189 -24.31 0.97 10.45
N LEU G 190 -24.80 2.08 9.94
CA LEU G 190 -24.83 3.29 10.65
C LEU G 190 -25.81 3.24 11.84
N THR G 191 -26.97 2.62 11.67
CA THR G 191 -27.91 2.57 12.79
C THR G 191 -27.29 1.68 13.87
N ASP G 192 -26.67 0.58 13.47
CA ASP G 192 -25.94 -0.25 14.44
C ASP G 192 -24.93 0.56 15.22
N SER G 193 -24.19 1.43 14.56
CA SER G 193 -23.21 2.21 15.35
C SER G 193 -23.83 3.36 16.16
N LEU G 194 -25.01 3.85 15.75
CA LEU G 194 -25.72 4.89 16.54
C LEU G 194 -26.20 4.35 17.84
N LEU G 195 -26.77 3.14 17.80
CA LEU G 195 -27.16 2.40 18.98
C LEU G 195 -26.00 2.11 19.94
N ALA G 196 -24.83 1.77 19.41
CA ALA G 196 -23.66 1.53 20.27
C ALA G 196 -23.22 2.84 20.91
N GLU G 197 -23.26 3.93 20.13
CA GLU G 197 -22.97 5.24 20.69
C GLU G 197 -23.94 5.61 21.84
N THR G 198 -25.23 5.39 21.65
CA THR G 198 -26.08 5.65 22.76
C THR G 198 -25.82 4.73 23.95
N ASN G 199 -25.49 3.47 23.74
CA ASN G 199 -25.13 2.58 24.87
C ASN G 199 -23.96 3.15 25.68
N ARG G 200 -22.95 3.67 25.00
CA ARG G 200 -21.80 4.29 25.67
C ARG G 200 -22.15 5.51 26.52
N HIS G 201 -23.17 6.27 26.13
CA HIS G 201 -23.57 7.44 26.93
C HIS G 201 -24.37 6.97 28.12
N LEU G 202 -25.16 5.90 27.91
CA LEU G 202 -25.85 5.25 29.04
C LEU G 202 -24.84 4.74 30.05
N ASN G 203 -23.73 4.22 29.57
CA ASN G 203 -22.68 3.77 30.49
C ASN G 203 -22.13 4.92 31.34
N GLN G 204 -21.91 6.08 30.70
CA GLN G 204 -21.48 7.29 31.41
C GLN G 204 -22.51 7.73 32.41
N LEU G 205 -23.75 7.84 31.96
CA LEU G 205 -24.84 8.28 32.83
C LEU G 205 -25.00 7.34 34.04
N ASN G 206 -25.00 6.02 33.77
CA ASN G 206 -25.12 5.01 34.85
C ASN G 206 -23.98 5.01 35.83
N ALA G 207 -22.75 5.04 35.31
CA ALA G 207 -21.62 5.18 36.22
C ALA G 207 -21.68 6.45 37.08
N LEU G 208 -22.09 7.60 36.52
CA LEU G 208 -22.17 8.79 37.35
C LEU G 208 -23.22 8.65 38.48
N LEU G 209 -24.44 8.25 38.14
CA LEU G 209 -25.50 7.94 39.11
C LEU G 209 -25.07 7.03 40.23
N GLU G 210 -24.36 5.96 39.91
CA GLU G 210 -23.90 5.02 40.91
C GLU G 210 -22.83 5.60 41.83
N SER G 211 -21.98 6.50 41.34
CA SER G 211 -20.85 6.92 42.17
C SER G 211 -21.01 8.28 42.87
N MET G 212 -21.93 9.12 42.40
CA MET G 212 -22.06 10.44 43.02
C MET G 212 -22.70 10.39 44.42
N ASP G 213 -22.45 11.43 45.20
CA ASP G 213 -22.95 11.55 46.55
C ASP G 213 -24.44 11.87 46.60
N ASP G 214 -24.94 12.70 45.70
CA ASP G 214 -26.36 13.08 45.73
C ASP G 214 -27.28 11.92 45.43
N GLY G 215 -28.48 12.00 45.98
CA GLY G 215 -29.57 11.14 45.57
C GLY G 215 -30.15 11.81 44.34
N VAL G 216 -30.61 10.99 43.39
CA VAL G 216 -31.22 11.54 42.18
C VAL G 216 -32.38 10.72 41.67
N ILE G 217 -33.39 11.43 41.20
CA ILE G 217 -34.60 10.83 40.73
C ILE G 217 -34.87 11.72 39.54
N SER G 218 -35.14 11.12 38.40
CA SER G 218 -35.47 11.89 37.24
C SER G 218 -36.64 11.21 36.58
N TRP G 219 -37.51 12.06 36.05
CA TRP G 219 -38.65 11.64 35.30
C TRP G 219 -38.88 12.49 34.08
N ASP G 220 -39.82 11.94 33.33
CA ASP G 220 -40.24 12.20 31.99
C ASP G 220 -41.22 13.31 31.87
N GLU G 221 -41.41 13.84 30.65
CA GLU G 221 -42.53 14.75 30.33
C GLU G 221 -43.88 14.05 30.44
N GLN G 222 -43.86 12.72 30.36
CA GLN G 222 -45.07 11.93 30.46
C GLN G 222 -45.40 11.54 31.91
N GLY G 223 -44.54 11.93 32.84
CA GLY G 223 -44.65 11.48 34.24
C GLY G 223 -43.90 10.21 34.69
N ASN G 224 -43.24 9.50 33.78
CA ASN G 224 -42.61 8.22 34.11
C ASN G 224 -41.15 8.30 34.62
N LEU G 225 -40.89 7.68 35.76
CA LEU G 225 -39.54 7.64 36.30
C LEU G 225 -38.55 7.00 35.29
N GLN G 226 -37.45 7.69 35.02
CA GLN G 226 -36.46 7.23 34.08
C GLN G 226 -35.26 6.68 34.84
N PHE G 227 -34.92 7.31 35.96
CA PHE G 227 -33.83 6.82 36.74
C PHE G 227 -33.86 7.25 38.20
N ILE G 228 -33.25 6.41 39.03
CA ILE G 228 -33.18 6.61 40.45
C ILE G 228 -31.94 5.85 40.92
N ASN G 229 -31.08 6.52 41.66
CA ASN G 229 -29.94 5.84 42.20
C ASN G 229 -30.17 5.21 43.60
N ALA G 230 -29.21 4.43 44.07
CA ALA G 230 -29.38 3.72 45.32
C ALA G 230 -29.53 4.71 46.50
N GLN G 231 -28.83 5.82 46.43
CA GLN G 231 -28.84 6.81 47.49
C GLN G 231 -30.27 7.37 47.64
N ALA G 232 -30.89 7.79 46.53
CA ALA G 232 -32.26 8.34 46.57
C ALA G 232 -33.29 7.32 46.99
N ALA G 233 -33.11 6.08 46.52
CA ALA G 233 -33.99 4.96 46.81
C ALA G 233 -34.06 4.63 48.32
N ARG G 234 -32.91 4.68 49.00
CA ARG G 234 -32.80 4.47 50.44
C ARG G 234 -33.59 5.56 51.16
N VAL G 235 -33.13 6.82 50.97
CA VAL G 235 -33.73 8.00 51.57
C VAL G 235 -35.25 8.06 51.37
N LEU G 236 -35.73 7.79 50.17
CA LEU G 236 -37.15 7.99 49.91
C LEU G 236 -37.93 6.69 50.01
N ARG G 237 -37.32 5.67 50.58
CA ARG G 237 -37.99 4.40 50.81
C ARG G 237 -38.73 3.87 49.54
N LEU G 238 -38.03 3.90 48.41
CA LEU G 238 -38.56 3.38 47.18
C LEU G 238 -37.81 2.11 46.74
N ASP G 239 -38.52 1.20 46.09
CA ASP G 239 -37.91 0.05 45.43
C ASP G 239 -36.83 0.46 44.41
N ALA G 240 -35.60 0.01 44.63
CA ALA G 240 -34.44 0.43 43.85
C ALA G 240 -34.45 -0.01 42.36
N THR G 241 -35.26 -1.04 42.03
CA THR G 241 -35.34 -1.63 40.71
C THR G 241 -36.77 -1.63 40.16
N ALA G 242 -37.78 -1.65 41.02
CA ALA G 242 -39.14 -1.69 40.51
C ALA G 242 -39.76 -0.33 40.21
N SER G 243 -39.10 0.77 40.59
CA SER G 243 -39.69 2.11 40.42
C SER G 243 -39.55 2.68 39.01
N GLN G 244 -38.48 2.28 38.32
CA GLN G 244 -38.18 2.93 37.09
C GLN G 244 -39.18 2.51 36.06
N GLY G 245 -39.58 3.45 35.23
CA GLY G 245 -40.58 3.18 34.22
C GLY G 245 -42.00 3.37 34.71
N ARG G 246 -42.18 3.68 35.99
CA ARG G 246 -43.52 3.94 36.56
C ARG G 246 -43.82 5.43 36.81
N ALA G 247 -45.11 5.77 36.77
CA ALA G 247 -45.58 7.12 37.11
C ALA G 247 -45.06 7.55 38.47
N ILE G 248 -44.38 8.68 38.51
CA ILE G 248 -43.88 9.20 39.79
C ILE G 248 -45.00 9.61 40.77
N THR G 249 -46.20 9.92 40.26
CA THR G 249 -47.31 10.24 41.14
C THR G 249 -47.81 8.96 41.79
N GLU G 250 -47.48 7.80 41.20
CA GLU G 250 -47.84 6.53 41.79
C GLU G 250 -46.77 6.02 42.73
N LEU G 251 -45.61 6.66 42.74
CA LEU G 251 -44.51 6.22 43.59
C LEU G 251 -44.50 6.93 44.93
N LEU G 252 -44.69 8.24 44.92
CA LEU G 252 -44.58 9.01 46.13
C LEU G 252 -45.32 10.34 45.98
N THR G 253 -45.71 10.90 47.13
CA THR G 253 -46.40 12.16 47.18
C THR G 253 -45.38 13.30 47.29
N LEU G 254 -45.51 14.25 46.37
CA LEU G 254 -44.59 15.34 46.26
C LEU G 254 -45.06 16.55 47.09
N PRO G 255 -44.14 17.17 47.87
CA PRO G 255 -44.41 18.39 48.61
C PRO G 255 -44.99 19.45 47.72
N ALA G 256 -45.82 20.31 48.32
CA ALA G 256 -46.44 21.46 47.67
C ALA G 256 -45.45 22.35 46.89
N VAL G 257 -44.27 22.59 47.47
CA VAL G 257 -43.20 23.35 46.78
C VAL G 257 -42.91 22.73 45.41
N LEU G 258 -42.55 21.45 45.40
CA LEU G 258 -42.22 20.79 44.17
C LEU G 258 -43.37 20.86 43.22
N GLN G 259 -44.57 20.52 43.67
CA GLN G 259 -45.70 20.46 42.76
C GLN G 259 -45.86 21.82 42.07
N GLN G 260 -45.54 22.88 42.80
CA GLN G 260 -45.65 24.23 42.30
C GLN G 260 -44.54 24.46 41.28
N ALA G 261 -43.30 24.25 41.70
CA ALA G 261 -42.13 24.34 40.81
C ALA G 261 -42.29 23.48 39.54
N ILE G 262 -42.86 22.29 39.69
CA ILE G 262 -43.17 21.44 38.54
C ILE G 262 -44.22 22.01 37.60
N LYS G 263 -45.27 22.63 38.14
CA LYS G 263 -46.33 23.22 37.33
C LYS G 263 -45.79 24.29 36.39
N GLN G 264 -44.75 25.00 36.82
CA GLN G 264 -44.27 26.19 36.13
C GLN G 264 -42.89 26.01 35.48
N ALA G 265 -42.34 24.79 35.56
CA ALA G 265 -41.02 24.45 34.97
C ALA G 265 -39.93 25.37 35.51
N HIS G 266 -39.90 25.48 36.83
CA HIS G 266 -39.12 26.49 37.51
C HIS G 266 -38.11 25.82 38.44
N PRO G 267 -36.84 26.20 38.36
CA PRO G 267 -35.83 25.56 39.22
C PRO G 267 -35.97 25.84 40.72
N LEU G 268 -35.30 25.03 41.52
CA LEU G 268 -35.21 25.18 42.97
C LEU G 268 -33.81 24.74 43.35
N LYS G 269 -33.11 25.56 44.13
CA LYS G 269 -31.74 25.26 44.52
C LYS G 269 -31.63 25.10 46.03
N HIS G 270 -30.93 24.04 46.47
CA HIS G 270 -30.73 23.75 47.90
C HIS G 270 -31.89 24.22 48.79
N VAL G 271 -33.09 23.73 48.47
CA VAL G 271 -34.33 24.12 49.11
C VAL G 271 -34.89 22.96 49.96
N GLU G 272 -35.40 23.29 51.15
CA GLU G 272 -35.95 22.31 52.08
C GLU G 272 -37.30 21.84 51.59
N ALA G 273 -37.53 20.53 51.73
CA ALA G 273 -38.77 19.88 51.33
C ALA G 273 -38.98 18.66 52.20
N THR G 274 -40.25 18.35 52.46
CA THR G 274 -40.61 17.20 53.25
C THR G 274 -41.38 16.21 52.40
N PHE G 275 -40.97 14.95 52.42
CA PHE G 275 -41.66 13.95 51.63
C PHE G 275 -42.47 13.01 52.51
N GLU G 276 -43.49 12.42 51.90
CA GLU G 276 -44.28 11.37 52.50
C GLU G 276 -44.10 10.06 51.68
N SER G 277 -43.53 9.02 52.31
CA SER G 277 -43.48 7.67 51.70
C SER G 277 -44.48 6.70 52.34
N GLN G 278 -44.10 5.43 52.54
CA GLN G 278 -45.04 4.53 53.21
C GLN G 278 -45.16 4.88 54.69
N HIS G 279 -46.10 5.80 54.96
CA HIS G 279 -46.40 6.34 56.31
C HIS G 279 -45.21 6.95 57.07
N GLN G 280 -44.35 7.69 56.37
CA GLN G 280 -43.22 8.36 57.04
C GLN G 280 -42.86 9.73 56.45
N PHE G 281 -42.36 10.64 57.30
CA PHE G 281 -41.93 11.97 56.85
C PHE G 281 -40.42 12.07 56.69
N ILE G 282 -39.97 12.23 55.44
CA ILE G 282 -38.55 12.44 55.18
C ILE G 282 -38.33 13.91 54.89
N ASP G 283 -37.49 14.55 55.71
CA ASP G 283 -37.06 15.94 55.43
C ASP G 283 -35.77 15.92 54.64
N ALA G 284 -35.70 16.76 53.60
CA ALA G 284 -34.54 16.75 52.72
C ALA G 284 -34.22 18.13 52.20
N VAL G 285 -32.97 18.35 51.82
CA VAL G 285 -32.65 19.47 50.96
C VAL G 285 -32.43 19.01 49.52
N ILE G 286 -33.19 19.65 48.65
CA ILE G 286 -33.38 19.21 47.31
C ILE G 286 -33.03 20.27 46.31
N THR G 287 -32.74 19.82 45.09
CA THR G 287 -32.61 20.70 43.94
C THR G 287 -33.55 20.14 42.88
N LEU G 288 -34.26 21.02 42.19
CA LEU G 288 -35.04 20.59 41.04
C LEU G 288 -34.43 21.27 39.84
N LYS G 289 -34.11 20.47 38.83
CA LYS G 289 -33.52 20.95 37.59
C LYS G 289 -34.48 20.69 36.44
N PRO G 290 -35.07 21.74 35.86
CA PRO G 290 -35.91 21.39 34.70
C PRO G 290 -35.05 21.05 33.48
N ILE G 291 -35.58 20.22 32.59
CA ILE G 291 -34.94 19.95 31.33
C ILE G 291 -35.98 20.21 30.29
N ILE G 292 -35.74 21.23 29.46
CA ILE G 292 -36.78 21.76 28.61
C ILE G 292 -36.44 21.35 27.19
N GLU G 293 -37.33 20.57 26.58
CA GLU G 293 -37.05 19.91 25.29
C GLU G 293 -38.27 20.17 24.40
N THR G 294 -38.18 19.81 23.13
CA THR G 294 -39.31 20.02 22.23
C THR G 294 -40.55 19.20 22.65
N GLN G 295 -40.32 17.97 23.14
CA GLN G 295 -41.45 17.09 23.53
C GLN G 295 -42.03 17.43 24.90
N GLY G 296 -41.37 18.29 25.65
CA GLY G 296 -41.92 18.69 26.91
C GLY G 296 -40.83 18.90 27.93
N THR G 297 -41.20 19.15 29.17
CA THR G 297 -40.21 19.39 30.18
C THR G 297 -40.05 18.11 31.02
N SER G 298 -38.81 17.69 31.24
CA SER G 298 -38.51 16.61 32.18
C SER G 298 -37.84 17.23 33.38
N PHE G 299 -37.61 16.42 34.44
CA PHE G 299 -36.96 16.96 35.64
C PHE G 299 -35.94 16.02 36.24
N ILE G 300 -34.90 16.58 36.82
CA ILE G 300 -34.06 15.82 37.72
C ILE G 300 -34.20 16.44 39.11
N LEU G 301 -34.50 15.62 40.09
CA LEU G 301 -34.55 16.01 41.47
C LEU G 301 -33.34 15.47 42.20
N LEU G 302 -32.57 16.34 42.84
CA LEU G 302 -31.47 15.89 43.68
C LEU G 302 -31.74 15.98 45.18
N LEU G 303 -31.21 15.00 45.90
CA LEU G 303 -31.34 14.96 47.35
C LEU G 303 -29.94 15.11 47.89
N HIS G 304 -29.70 16.24 48.56
CA HIS G 304 -28.37 16.60 49.03
C HIS G 304 -28.19 16.03 50.44
N PRO G 305 -27.02 15.42 50.68
CA PRO G 305 -26.80 14.74 51.96
C PRO G 305 -26.46 15.74 53.07
N VAL G 306 -27.19 15.66 54.19
CA VAL G 306 -27.10 16.63 55.32
C VAL G 306 -25.67 16.82 55.88
N SER H 13 48.32 20.97 7.43
CA SER H 13 48.22 20.37 6.06
C SER H 13 48.23 21.46 5.01
N PRO H 14 48.92 21.25 3.87
CA PRO H 14 48.88 22.26 2.79
C PRO H 14 47.51 22.31 2.09
N LEU H 15 46.79 21.20 2.13
CA LEU H 15 45.39 21.15 1.72
C LEU H 15 44.52 22.10 2.52
N ILE H 16 44.58 22.01 3.84
CA ILE H 16 43.79 22.85 4.70
C ILE H 16 44.18 24.33 4.56
N ALA H 17 45.48 24.61 4.64
CA ALA H 17 46.03 25.96 4.58
C ALA H 17 45.64 26.62 3.27
N THR H 18 45.86 25.92 2.16
CA THR H 18 45.49 26.40 0.83
C THR H 18 43.99 26.69 0.75
N SER H 19 43.21 25.84 1.40
CA SER H 19 41.78 26.05 1.47
C SER H 19 41.40 27.30 2.29
N TRP H 20 42.07 27.50 3.44
CA TRP H 20 41.89 28.70 4.25
C TRP H 20 42.22 29.96 3.44
N GLU H 21 43.28 29.93 2.64
CA GLU H 21 43.65 31.08 1.81
C GLU H 21 42.59 31.37 0.76
N ARG H 22 41.76 30.40 0.41
CA ARG H 22 40.64 30.71 -0.49
C ARG H 22 39.50 31.34 0.28
N CYS H 23 39.31 30.89 1.50
CA CYS H 23 38.26 31.37 2.40
C CYS H 23 38.53 32.76 2.97
N ASN H 24 39.81 33.08 3.21
CA ASN H 24 40.24 34.35 3.81
C ASN H 24 39.80 35.55 2.96
N LYS H 25 39.69 35.33 1.65
CA LYS H 25 39.21 36.37 0.74
C LYS H 25 37.79 36.83 1.10
N LEU H 26 36.83 35.90 1.18
CA LEU H 26 35.40 36.28 1.24
C LEU H 26 34.65 35.99 2.52
N MET H 27 35.32 35.46 3.53
CA MET H 27 34.59 34.86 4.65
C MET H 27 35.24 35.20 5.98
N LYS H 28 34.42 35.25 7.02
CA LYS H 28 34.99 35.38 8.36
C LYS H 28 34.82 34.10 9.14
N ARG H 29 35.78 33.82 10.01
CA ARG H 29 35.77 32.66 10.88
C ARG H 29 34.60 32.63 11.87
N GLU H 30 34.11 33.77 12.35
CA GLU H 30 33.08 33.69 13.41
C GLU H 30 31.65 33.80 12.92
N THR H 31 31.42 33.96 11.62
CA THR H 31 30.03 34.20 11.23
C THR H 31 29.41 32.89 10.87
N TRP H 32 28.08 32.85 10.96
CA TRP H 32 27.27 31.69 10.65
C TRP H 32 25.87 32.22 10.56
N ASN H 33 25.21 31.91 9.46
CA ASN H 33 23.84 32.29 9.27
C ASN H 33 23.07 31.08 8.74
N VAL H 34 21.78 31.30 8.55
CA VAL H 34 20.80 30.51 7.82
C VAL H 34 21.39 29.82 6.56
N PRO H 35 21.02 28.54 6.30
CA PRO H 35 21.66 27.85 5.19
C PRO H 35 21.27 28.36 3.79
N HIS H 36 22.12 28.08 2.82
CA HIS H 36 21.78 28.09 1.42
C HIS H 36 21.31 26.65 1.12
N GLN H 37 20.05 26.52 0.71
CA GLN H 37 19.31 25.28 0.79
C GLN H 37 18.36 25.19 -0.38
N ALA H 38 18.57 24.19 -1.23
CA ALA H 38 17.63 23.85 -2.32
C ALA H 38 16.27 23.52 -1.74
N GLN H 39 15.24 23.98 -2.40
CA GLN H 39 13.93 24.11 -1.80
C GLN H 39 12.83 23.59 -2.72
N GLY H 40 11.78 23.06 -2.09
CA GLY H 40 10.54 22.65 -2.78
C GLY H 40 10.79 21.91 -4.07
N VAL H 41 10.51 22.61 -5.18
CA VAL H 41 10.57 22.05 -6.55
C VAL H 41 12.00 21.75 -7.01
N THR H 42 12.85 22.77 -7.00
CA THR H 42 14.23 22.67 -7.49
C THR H 42 15.06 21.59 -6.78
N PHE H 43 14.66 21.22 -5.55
CA PHE H 43 15.30 20.14 -4.83
C PHE H 43 14.77 18.81 -5.35
N ALA H 44 13.48 18.80 -5.72
CA ALA H 44 12.83 17.58 -6.25
C ALA H 44 13.53 17.17 -7.54
N SER H 45 13.91 18.17 -8.32
CA SER H 45 14.65 17.94 -9.57
C SER H 45 16.08 17.42 -9.38
N ILE H 46 16.75 17.93 -8.33
CA ILE H 46 18.12 17.52 -8.05
C ILE H 46 18.06 16.06 -7.59
N TYR H 47 17.12 15.80 -6.67
CA TYR H 47 16.83 14.47 -6.15
C TYR H 47 16.57 13.49 -7.30
N ARG H 48 15.60 13.79 -8.17
CA ARG H 48 15.32 12.96 -9.35
C ARG H 48 16.55 12.76 -10.31
N ARG H 49 17.30 13.81 -10.59
CA ARG H 49 18.52 13.71 -11.41
C ARG H 49 19.54 12.70 -10.82
N LYS H 50 19.50 12.53 -9.51
CA LYS H 50 20.51 11.77 -8.79
C LYS H 50 20.03 10.37 -8.36
N LYS H 51 18.88 9.97 -8.90
CA LYS H 51 18.19 8.76 -8.52
C LYS H 51 19.13 7.56 -8.48
N ALA H 52 19.83 7.30 -9.58
CA ALA H 52 20.63 6.10 -9.70
C ALA H 52 21.64 6.01 -8.55
N MET H 53 22.41 7.07 -8.34
CA MET H 53 23.42 7.12 -7.30
C MET H 53 22.73 7.11 -5.91
N LEU H 54 21.58 7.75 -5.82
CA LEU H 54 20.94 7.95 -4.52
C LEU H 54 20.45 6.66 -3.93
N THR H 55 19.80 5.85 -4.74
CA THR H 55 19.17 4.68 -4.17
C THR H 55 20.23 3.69 -3.71
N LEU H 56 21.34 3.63 -4.43
CA LEU H 56 22.45 2.77 -4.08
C LEU H 56 23.08 3.29 -2.80
N GLY H 57 23.31 4.60 -2.76
CA GLY H 57 23.89 5.17 -1.57
C GLY H 57 23.07 5.07 -0.30
N GLN H 58 21.74 5.20 -0.40
CA GLN H 58 20.84 5.10 0.74
C GLN H 58 20.85 3.67 1.35
N ALA H 59 20.91 2.64 0.51
CA ALA H 59 20.91 1.26 1.00
C ALA H 59 22.22 0.99 1.73
N ALA H 60 23.32 1.41 1.11
CA ALA H 60 24.66 1.27 1.68
C ALA H 60 24.80 2.00 3.01
N LEU H 61 24.18 3.17 3.11
CA LEU H 61 24.31 3.99 4.29
C LEU H 61 23.43 3.48 5.40
N GLU H 62 22.20 3.10 5.08
CA GLU H 62 21.39 2.37 6.04
C GLU H 62 22.14 1.15 6.62
N ASP H 63 22.72 0.32 5.75
CA ASP H 63 23.53 -0.81 6.21
C ASP H 63 24.68 -0.39 7.10
N ALA H 64 25.49 0.60 6.69
CA ALA H 64 26.59 1.05 7.54
C ALA H 64 26.05 1.48 8.92
N TRP H 65 24.91 2.16 8.95
CA TRP H 65 24.38 2.62 10.24
C TRP H 65 24.03 1.45 11.19
N GLU H 66 23.23 0.52 10.71
CA GLU H 66 22.85 -0.67 11.44
C GLU H 66 24.02 -1.43 12.10
N TYR H 67 25.13 -1.64 11.40
CA TYR H 67 26.24 -2.40 11.99
C TYR H 67 27.11 -1.53 12.90
N MET H 68 26.76 -0.26 13.01
CA MET H 68 27.48 0.76 13.77
C MET H 68 26.72 1.29 14.99
N ALA H 69 25.38 1.29 14.92
CA ALA H 69 24.55 1.89 15.95
C ALA H 69 24.67 1.05 17.23
N PRO H 70 24.65 1.66 18.44
CA PRO H 70 24.45 3.05 18.79
C PRO H 70 25.75 3.86 18.86
N ARG H 71 25.67 5.12 18.44
CA ARG H 71 26.83 6.00 18.36
C ARG H 71 26.32 7.39 17.95
N GLU H 72 26.94 8.45 18.45
CA GLU H 72 26.62 9.83 18.02
C GLU H 72 27.25 10.19 16.67
N CYS H 73 26.62 9.78 15.58
CA CYS H 73 27.12 10.16 14.28
C CYS H 73 25.99 10.30 13.27
N ALA H 74 26.29 10.97 12.18
CA ALA H 74 25.39 11.17 11.08
C ALA H 74 26.12 10.80 9.80
N LEU H 75 25.36 10.27 8.85
CA LEU H 75 25.87 9.96 7.51
C LEU H 75 25.11 10.80 6.44
N PHE H 76 25.86 11.41 5.52
CA PHE H 76 25.24 12.20 4.46
C PHE H 76 25.62 11.65 3.09
N ILE H 77 24.70 11.69 2.15
CA ILE H 77 25.09 11.61 0.73
C ILE H 77 24.93 13.00 0.11
N LEU H 78 25.93 13.46 -0.65
CA LEU H 78 25.83 14.74 -1.33
C LEU H 78 26.06 14.54 -2.81
N ASP H 79 25.52 15.46 -3.64
CA ASP H 79 25.69 15.42 -5.08
C ASP H 79 26.96 16.13 -5.46
N GLU H 80 27.28 16.20 -6.76
CA GLU H 80 28.54 16.80 -7.16
C GLU H 80 28.60 18.27 -6.78
N THR H 81 27.47 18.91 -6.49
CA THR H 81 27.56 20.36 -6.21
C THR H 81 27.55 20.57 -4.71
N ALA H 82 27.91 19.51 -3.94
CA ALA H 82 27.89 19.53 -2.48
C ALA H 82 26.52 19.81 -1.82
N CYS H 83 25.43 19.49 -2.50
CA CYS H 83 24.10 19.64 -1.95
C CYS H 83 23.71 18.34 -1.23
N ILE H 84 23.23 18.48 0.03
CA ILE H 84 22.84 17.31 0.78
C ILE H 84 21.56 16.71 0.21
N LEU H 85 21.67 15.46 -0.20
CA LEU H 85 20.58 14.71 -0.83
C LEU H 85 19.83 13.84 0.21
N SER H 86 20.56 13.23 1.14
CA SER H 86 19.99 12.29 2.10
C SER H 86 20.85 12.18 3.36
N ARG H 87 20.19 12.07 4.50
CA ARG H 87 20.86 11.94 5.81
C ARG H 87 20.33 10.75 6.57
N ASN H 88 21.14 10.12 7.39
CA ASN H 88 20.64 9.04 8.25
C ASN H 88 21.64 8.82 9.36
N GLY H 89 21.29 7.99 10.33
CA GLY H 89 22.14 7.82 11.49
C GLY H 89 21.43 8.26 12.76
N ASP H 90 22.20 8.81 13.69
CA ASP H 90 21.68 9.01 15.05
C ASP H 90 20.71 10.18 15.10
N PRO H 91 19.45 9.94 15.52
CA PRO H 91 18.44 11.02 15.60
C PRO H 91 18.93 12.34 16.27
N GLN H 92 19.57 12.24 17.43
CA GLN H 92 20.02 13.42 18.18
C GLN H 92 21.16 14.17 17.45
N THR H 93 22.10 13.41 16.88
CA THR H 93 23.17 13.99 16.11
C THR H 93 22.58 14.69 14.89
N LEU H 94 21.63 14.05 14.22
CA LEU H 94 20.93 14.64 13.08
C LEU H 94 20.17 15.89 13.48
N GLN H 95 19.68 15.97 14.72
CA GLN H 95 19.02 17.20 15.12
C GLN H 95 20.03 18.31 15.39
N GLN H 96 21.16 17.98 16.02
CA GLN H 96 22.18 18.96 16.31
C GLN H 96 22.65 19.60 15.00
N LEU H 97 22.75 18.80 13.92
CA LEU H 97 23.28 19.28 12.65
C LEU H 97 22.21 20.02 11.88
N SER H 98 20.99 19.53 11.99
CA SER H 98 19.85 20.22 11.43
C SER H 98 19.79 21.63 12.03
N ALA H 99 19.99 21.76 13.33
CA ALA H 99 19.99 23.12 13.95
C ALA H 99 21.13 24.02 13.44
N LEU H 100 22.30 23.45 13.12
CA LEU H 100 23.37 24.21 12.47
C LEU H 100 23.05 24.58 11.01
N GLY H 101 21.96 24.04 10.46
CA GLY H 101 21.58 24.30 9.06
C GLY H 101 21.80 23.15 8.05
N PHE H 102 22.28 22.00 8.53
CA PHE H 102 22.43 20.82 7.65
C PHE H 102 21.14 19.98 7.48
N ASN H 103 20.35 20.29 6.46
CA ASN H 103 19.16 19.49 6.17
C ASN H 103 19.26 18.91 4.75
N ASP H 104 18.21 18.23 4.29
CA ASP H 104 18.12 17.87 2.88
C ASP H 104 18.07 19.17 2.09
N GLY H 105 18.90 19.28 1.07
CA GLY H 105 18.95 20.45 0.22
C GLY H 105 19.98 21.51 0.56
N THR H 106 20.67 21.37 1.69
CA THR H 106 21.61 22.36 2.17
C THR H 106 22.86 22.19 1.36
N TYR H 107 23.36 23.30 0.84
CA TYR H 107 24.61 23.35 0.10
C TYR H 107 25.79 23.56 1.03
N CYS H 108 26.85 22.77 0.85
CA CYS H 108 27.95 22.68 1.80
C CYS H 108 29.28 23.07 1.15
N ALA H 109 29.16 23.76 0.04
CA ALA H 109 30.29 24.27 -0.70
C ALA H 109 31.27 25.04 0.23
N GLU H 110 32.55 24.96 -0.10
CA GLU H 110 33.59 25.68 0.60
C GLU H 110 33.29 27.19 0.74
N GLY H 111 32.79 27.81 -0.33
CA GLY H 111 32.44 29.24 -0.35
C GLY H 111 31.24 29.52 0.54
N ILE H 112 30.63 28.48 1.11
CA ILE H 112 29.54 28.74 2.06
C ILE H 112 29.88 28.36 3.49
N ILE H 113 30.34 27.13 3.72
CA ILE H 113 30.56 26.72 5.09
C ILE H 113 32.04 26.68 5.50
N GLY H 114 32.92 27.15 4.61
CA GLY H 114 34.34 27.10 4.87
C GLY H 114 34.99 25.74 4.65
N THR H 115 36.31 25.70 4.85
CA THR H 115 37.12 24.52 4.80
C THR H 115 36.45 23.45 5.61
N CYS H 116 36.13 22.36 4.94
CA CYS H 116 35.43 21.24 5.54
C CYS H 116 35.54 20.07 4.58
N ALA H 117 35.70 18.85 5.11
CA ALA H 117 35.74 17.64 4.26
C ALA H 117 34.52 17.52 3.33
N LEU H 118 33.36 17.98 3.78
CA LEU H 118 32.17 17.94 2.95
C LEU H 118 32.42 18.46 1.55
N SER H 119 33.29 19.48 1.43
CA SER H 119 33.62 19.97 0.06
C SER H 119 35.02 19.60 -0.33
N LEU H 120 35.92 19.54 0.64
CA LEU H 120 37.35 19.34 0.35
C LEU H 120 37.62 18.01 -0.33
N ALA H 121 36.72 17.03 -0.12
CA ALA H 121 36.89 15.74 -0.77
C ALA H 121 36.79 15.86 -2.26
N ALA H 122 35.76 16.55 -2.70
CA ALA H 122 35.52 16.77 -4.13
C ALA H 122 36.57 17.68 -4.74
N ILE H 123 36.94 18.73 -4.00
CA ILE H 123 38.00 19.62 -4.46
C ILE H 123 39.32 18.89 -4.60
N SER H 124 39.70 18.04 -3.65
CA SER H 124 40.99 17.36 -3.75
C SER H 124 40.90 16.09 -4.59
N GLY H 125 39.69 15.56 -4.70
CA GLY H 125 39.45 14.36 -5.44
C GLY H 125 39.82 13.15 -4.57
N GLN H 126 39.94 13.32 -3.26
CA GLN H 126 40.15 12.14 -2.41
C GLN H 126 39.50 12.13 -1.02
N ALA H 127 39.62 11.01 -0.30
CA ALA H 127 39.11 10.90 1.06
C ALA H 127 39.79 11.91 1.94
N VAL H 128 38.99 12.67 2.67
CA VAL H 128 39.54 13.72 3.52
C VAL H 128 38.77 13.75 4.85
N LYS H 129 39.50 14.08 5.91
CA LYS H 129 38.92 14.27 7.25
C LYS H 129 39.31 15.65 7.78
N THR H 130 38.37 16.40 8.33
CA THR H 130 38.71 17.66 8.96
C THR H 130 38.13 17.66 10.37
N MET H 131 38.84 18.24 11.33
CA MET H 131 38.40 18.17 12.71
C MET H 131 38.63 19.46 13.41
N ALA H 132 37.75 19.81 14.34
CA ALA H 132 38.06 20.86 15.33
C ALA H 132 38.42 22.18 14.62
N ASP H 133 39.51 22.83 15.01
CA ASP H 133 39.91 24.11 14.39
C ASP H 133 40.57 23.95 13.01
N GLN H 134 40.65 22.74 12.46
CA GLN H 134 40.98 22.71 11.02
C GLN H 134 39.89 23.41 10.25
N HIS H 135 38.70 23.49 10.85
CA HIS H 135 37.54 24.02 10.18
C HIS H 135 37.68 25.54 10.13
N PHE H 136 37.45 26.14 8.97
CA PHE H 136 37.52 27.60 8.87
C PHE H 136 36.52 28.26 9.82
N LYS H 137 35.29 27.77 9.84
CA LYS H 137 34.22 28.34 10.65
C LYS H 137 34.22 27.78 12.05
N GLN H 138 34.29 28.67 13.06
CA GLN H 138 34.25 28.30 14.49
C GLN H 138 33.05 27.47 14.86
N VAL H 139 31.93 27.69 14.17
CA VAL H 139 30.73 26.90 14.48
C VAL H 139 31.01 25.39 14.33
N LEU H 140 31.96 25.05 13.48
CA LEU H 140 32.26 23.68 13.22
C LEU H 140 33.34 23.05 14.10
N TRP H 141 33.90 23.80 15.05
CA TRP H 141 35.05 23.32 15.87
C TRP H 141 34.69 22.16 16.80
N ASN H 142 33.40 21.98 17.06
CA ASN H 142 32.95 20.85 17.87
C ASN H 142 32.70 19.53 17.09
N TRP H 143 33.14 19.50 15.83
CA TRP H 143 32.74 18.49 14.88
C TRP H 143 33.92 17.92 14.12
N ALA H 144 33.77 16.66 13.72
CA ALA H 144 34.69 15.99 12.79
C ALA H 144 33.89 15.63 11.55
N PHE H 145 34.47 15.77 10.36
CA PHE H 145 33.80 15.31 9.11
C PHE H 145 34.76 14.42 8.33
N CYS H 146 34.26 13.32 7.81
CA CYS H 146 35.09 12.48 6.95
C CYS H 146 34.32 12.49 5.67
N ALA H 147 35.01 12.51 4.54
CA ALA H 147 34.27 12.47 3.30
C ALA H 147 35.11 11.87 2.18
N THR H 148 34.42 11.27 1.21
CA THR H 148 35.15 10.72 0.04
C THR H 148 34.30 11.00 -1.19
N PRO H 149 34.90 11.50 -2.26
CA PRO H 149 34.13 11.72 -3.45
C PRO H 149 33.79 10.36 -4.11
N LEU H 150 32.67 10.30 -4.85
CA LEU H 150 32.43 9.13 -5.68
C LEU H 150 32.17 9.44 -7.14
N PHE H 151 32.37 8.41 -7.96
CA PHE H 151 32.49 8.64 -9.38
C PHE H 151 31.51 7.79 -10.19
N ASP H 152 31.12 8.33 -11.33
CA ASP H 152 30.34 7.70 -12.39
C ASP H 152 30.53 6.24 -12.81
N SER H 153 29.93 5.89 -13.97
CA SER H 153 30.38 4.73 -14.78
C SER H 153 31.54 5.21 -15.66
N LYS H 154 31.58 6.51 -15.89
CA LYS H 154 32.47 7.13 -16.84
C LYS H 154 33.53 7.99 -16.16
N GLY H 155 33.74 7.82 -14.84
CA GLY H 155 34.84 8.49 -14.12
C GLY H 155 34.72 9.96 -13.71
N ARG H 156 33.53 10.56 -13.86
CA ARG H 156 33.37 11.94 -13.35
C ARG H 156 32.74 11.99 -11.95
N LEU H 157 33.05 13.04 -11.21
CA LEU H 157 32.49 13.24 -9.88
C LEU H 157 30.97 13.17 -9.98
N THR H 158 30.37 12.39 -9.10
CA THR H 158 28.94 12.35 -9.07
C THR H 158 28.35 12.63 -7.68
N GLY H 159 29.19 12.68 -6.65
CA GLY H 159 28.72 12.94 -5.31
C GLY H 159 29.74 12.67 -4.24
N THR H 160 29.28 12.63 -2.99
CA THR H 160 30.20 12.50 -1.86
C THR H 160 29.54 11.73 -0.74
N ILE H 161 30.33 10.89 -0.07
CA ILE H 161 29.85 10.17 1.11
C ILE H 161 30.53 10.78 2.29
N ALA H 162 29.75 11.21 3.27
CA ALA H 162 30.29 11.80 4.47
C ALA H 162 29.71 11.24 5.77
N LEU H 163 30.52 11.36 6.81
CA LEU H 163 30.23 10.95 8.16
C LEU H 163 30.58 12.12 9.07
N ALA H 164 29.64 12.47 9.95
CA ALA H 164 29.81 13.59 10.90
C ALA H 164 29.60 13.10 12.30
N CYS H 165 30.48 13.48 13.20
CA CYS H 165 30.32 13.15 14.59
C CYS H 165 30.96 14.23 15.47
N PRO H 166 30.52 14.35 16.76
CA PRO H 166 31.24 15.26 17.66
C PRO H 166 32.73 14.98 17.62
N VAL H 167 33.54 16.03 17.64
CA VAL H 167 34.97 15.86 17.43
C VAL H 167 35.61 14.87 18.43
N GLU H 168 35.16 14.88 19.68
CA GLU H 168 35.78 14.00 20.67
C GLU H 168 35.40 12.53 20.50
N GLN H 169 34.39 12.23 19.69
CA GLN H 169 34.03 10.84 19.44
C GLN H 169 34.58 10.24 18.14
N THR H 170 35.49 10.94 17.45
CA THR H 170 35.92 10.46 16.15
C THR H 170 36.71 9.16 16.28
N THR H 171 36.64 8.30 15.25
CA THR H 171 37.40 7.04 15.28
C THR H 171 38.27 6.86 14.03
N ALA H 172 39.36 6.13 14.19
CA ALA H 172 40.31 5.85 13.13
C ALA H 172 39.66 5.17 11.90
N ALA H 173 38.58 4.48 12.13
CA ALA H 173 37.91 3.76 11.07
C ALA H 173 36.91 4.60 10.26
N ASP H 174 36.57 5.79 10.72
CA ASP H 174 35.52 6.59 10.05
C ASP H 174 35.88 6.94 8.63
N LEU H 175 37.13 7.26 8.37
CA LEU H 175 37.53 7.73 7.06
C LEU H 175 37.57 6.58 6.05
N PRO H 176 38.34 5.49 6.36
CA PRO H 176 38.30 4.33 5.47
C PRO H 176 36.89 3.82 5.23
N LEU H 177 35.97 4.04 6.16
CA LEU H 177 34.57 3.63 5.96
C LEU H 177 33.89 4.41 4.85
N THR H 178 34.08 5.75 4.82
CA THR H 178 33.39 6.57 3.82
C THR H 178 34.01 6.18 2.47
N LEU H 179 35.31 5.91 2.47
CA LEU H 179 36.04 5.56 1.25
C LEU H 179 35.52 4.28 0.62
N ALA H 180 35.43 3.27 1.46
CA ALA H 180 34.94 2.00 1.07
C ALA H 180 33.49 2.08 0.67
N ILE H 181 32.66 2.84 1.34
CA ILE H 181 31.26 3.03 0.87
C ILE H 181 31.23 3.77 -0.48
N ALA H 182 32.04 4.81 -0.64
CA ALA H 182 32.00 5.54 -1.94
C ALA H 182 32.46 4.66 -3.09
N ARG H 183 33.52 3.91 -2.84
CA ARG H 183 33.91 2.92 -3.82
C ARG H 183 32.86 1.83 -4.11
N GLU H 184 32.18 1.34 -3.10
CA GLU H 184 31.07 0.37 -3.27
C GLU H 184 30.03 0.97 -4.20
N VAL H 185 29.56 2.18 -3.89
CA VAL H 185 28.54 2.86 -4.70
C VAL H 185 29.04 3.14 -6.12
N GLY H 186 30.27 3.62 -6.26
CA GLY H 186 30.87 3.77 -7.59
C GLY H 186 30.82 2.50 -8.43
N ASN H 187 31.25 1.42 -7.83
CA ASN H 187 31.34 0.21 -8.58
C ASN H 187 29.99 -0.34 -8.92
N LEU H 188 29.04 -0.12 -8.03
CA LEU H 188 27.68 -0.50 -8.31
C LEU H 188 27.11 0.30 -9.47
N LEU H 189 27.49 1.58 -9.65
CA LEU H 189 27.01 2.31 -10.84
C LEU H 189 27.64 1.69 -12.09
N LEU H 190 28.86 1.22 -11.94
CA LEU H 190 29.56 0.61 -13.03
C LEU H 190 28.91 -0.69 -13.47
N THR H 191 28.45 -1.51 -12.52
CA THR H 191 27.86 -2.79 -12.87
C THR H 191 26.51 -2.55 -13.51
N ASP H 192 25.79 -1.54 -13.06
CA ASP H 192 24.57 -1.15 -13.79
C ASP H 192 24.88 -0.85 -15.24
N SER H 193 25.99 -0.18 -15.49
CA SER H 193 26.26 0.21 -16.87
C SER H 193 26.80 -0.95 -17.74
N LEU H 194 27.49 -1.92 -17.13
CA LEU H 194 27.96 -3.13 -17.87
C LEU H 194 26.81 -3.95 -18.35
N LEU H 195 25.83 -4.18 -17.49
CA LEU H 195 24.57 -4.84 -17.87
C LEU H 195 23.83 -4.16 -19.03
N ALA H 196 23.72 -2.82 -19.00
CA ALA H 196 23.20 -2.07 -20.15
C ALA H 196 24.03 -2.33 -21.41
N GLU H 197 25.35 -2.25 -21.29
CA GLU H 197 26.23 -2.54 -22.46
C GLU H 197 25.99 -3.96 -22.97
N THR H 198 25.95 -4.94 -22.08
CA THR H 198 25.61 -6.27 -22.56
C THR H 198 24.23 -6.37 -23.20
N ASN H 199 23.23 -5.69 -22.65
CA ASN H 199 21.92 -5.60 -23.29
C ASN H 199 22.01 -5.04 -24.71
N ARG H 200 22.80 -3.99 -24.93
CA ARG H 200 22.95 -3.41 -26.26
C ARG H 200 23.58 -4.38 -27.27
N HIS H 201 24.48 -5.22 -26.79
CA HIS H 201 25.08 -6.25 -27.66
C HIS H 201 24.07 -7.32 -27.98
N LEU H 202 23.24 -7.68 -27.01
CA LEU H 202 22.13 -8.60 -27.30
C LEU H 202 21.16 -8.03 -28.32
N ASN H 203 20.86 -6.74 -28.23
CA ASN H 203 20.04 -6.13 -29.31
C ASN H 203 20.67 -6.31 -30.70
N GLN H 204 22.00 -6.22 -30.75
CA GLN H 204 22.71 -6.36 -32.02
C GLN H 204 22.57 -7.80 -32.52
N LEU H 205 22.88 -8.73 -31.64
CA LEU H 205 22.80 -10.13 -32.00
C LEU H 205 21.38 -10.58 -32.40
N ASN H 206 20.39 -10.16 -31.61
CA ASN H 206 18.98 -10.51 -31.93
C ASN H 206 18.48 -9.91 -33.22
N ALA H 207 18.81 -8.65 -33.47
CA ALA H 207 18.43 -8.04 -34.73
C ALA H 207 19.13 -8.74 -35.91
N LEU H 208 20.41 -9.11 -35.76
CA LEU H 208 21.09 -9.83 -36.86
C LEU H 208 20.38 -11.14 -37.14
N LEU H 209 20.23 -11.97 -36.12
CA LEU H 209 19.49 -13.25 -36.25
C LEU H 209 18.12 -13.16 -36.93
N GLU H 210 17.36 -12.13 -36.62
CA GLU H 210 16.01 -12.00 -37.16
C GLU H 210 15.95 -11.61 -38.63
N SER H 211 16.99 -10.93 -39.11
CA SER H 211 16.92 -10.34 -40.44
C SER H 211 17.76 -11.09 -41.49
N MET H 212 18.78 -11.81 -41.06
CA MET H 212 19.65 -12.48 -42.02
C MET H 212 18.94 -13.62 -42.73
N ASP H 213 19.50 -14.04 -43.86
CA ASP H 213 18.90 -15.09 -44.68
C ASP H 213 19.16 -16.48 -44.14
N ASP H 214 20.34 -16.73 -43.60
CA ASP H 214 20.69 -18.05 -43.09
C ASP H 214 19.87 -18.51 -41.90
N GLY H 215 19.67 -19.82 -41.81
CA GLY H 215 19.15 -20.38 -40.58
C GLY H 215 20.28 -20.49 -39.58
N VAL H 216 19.95 -20.27 -38.31
CA VAL H 216 20.96 -20.42 -37.25
C VAL H 216 20.55 -21.10 -35.94
N ILE H 217 21.45 -21.92 -35.43
CA ILE H 217 21.27 -22.60 -34.17
C ILE H 217 22.67 -22.56 -33.58
N SER H 218 22.72 -22.21 -32.31
CA SER H 218 23.95 -22.16 -31.58
C SER H 218 23.70 -22.72 -30.21
N TRP H 219 24.66 -23.51 -29.76
CA TRP H 219 24.60 -24.09 -28.47
C TRP H 219 25.92 -23.94 -27.74
N ASP H 220 25.80 -24.20 -26.46
CA ASP H 220 26.73 -24.00 -25.39
C ASP H 220 27.76 -25.10 -25.31
N GLU H 221 28.82 -24.90 -24.53
CA GLU H 221 29.78 -25.98 -24.20
C GLU H 221 29.18 -27.08 -23.32
N GLN H 222 28.06 -26.79 -22.66
CA GLN H 222 27.34 -27.72 -21.82
C GLN H 222 26.26 -28.48 -22.59
N GLY H 223 26.10 -28.15 -23.87
CA GLY H 223 25.06 -28.74 -24.71
C GLY H 223 23.75 -27.99 -24.93
N ASN H 224 23.55 -26.87 -24.23
CA ASN H 224 22.29 -26.14 -24.31
C ASN H 224 22.18 -25.08 -25.41
N LEU H 225 21.06 -25.14 -26.12
CA LEU H 225 20.75 -24.22 -27.19
C LEU H 225 20.67 -22.80 -26.63
N GLN H 226 21.44 -21.90 -27.22
CA GLN H 226 21.46 -20.53 -26.75
C GLN H 226 20.56 -19.67 -27.62
N PHE H 227 20.57 -19.94 -28.94
CA PHE H 227 19.71 -19.22 -29.85
C PHE H 227 19.41 -20.00 -31.12
N ILE H 228 18.24 -19.69 -31.67
CA ILE H 228 17.73 -20.29 -32.87
C ILE H 228 16.83 -19.24 -33.54
N ASN H 229 17.02 -19.01 -34.82
CA ASN H 229 16.19 -18.02 -35.47
C ASN H 229 14.96 -18.70 -36.12
N ALA H 230 14.00 -17.88 -36.53
CA ALA H 230 12.79 -18.38 -37.18
C ALA H 230 13.16 -19.33 -38.33
N GLN H 231 14.14 -18.93 -39.13
CA GLN H 231 14.51 -19.63 -40.35
C GLN H 231 14.95 -21.07 -40.03
N ALA H 232 15.88 -21.26 -39.10
CA ALA H 232 16.31 -22.60 -38.67
C ALA H 232 15.17 -23.43 -38.05
N ALA H 233 14.28 -22.76 -37.31
CA ALA H 233 13.11 -23.41 -36.68
C ALA H 233 12.17 -24.06 -37.68
N ARG H 234 11.86 -23.36 -38.77
CA ARG H 234 11.00 -23.87 -39.85
C ARG H 234 11.55 -25.16 -40.45
N VAL H 235 12.81 -25.08 -40.88
CA VAL H 235 13.51 -26.11 -41.66
C VAL H 235 13.68 -27.38 -40.81
N LEU H 236 14.22 -27.20 -39.60
CA LEU H 236 14.49 -28.33 -38.71
C LEU H 236 13.31 -28.65 -37.81
N ARG H 237 12.15 -28.07 -38.14
CA ARG H 237 10.89 -28.42 -37.51
C ARG H 237 10.99 -28.39 -35.98
N LEU H 238 11.71 -27.40 -35.45
CA LEU H 238 11.78 -27.22 -33.99
C LEU H 238 10.80 -26.17 -33.50
N ASP H 239 10.47 -26.27 -32.21
CA ASP H 239 9.67 -25.26 -31.57
C ASP H 239 10.47 -23.98 -31.40
N ALA H 240 9.99 -22.93 -32.06
CA ALA H 240 10.76 -21.71 -32.25
C ALA H 240 11.03 -20.95 -30.94
N THR H 241 10.30 -21.28 -29.85
CA THR H 241 10.47 -20.61 -28.54
C THR H 241 10.62 -21.53 -27.31
N ALA H 242 10.38 -22.84 -27.39
CA ALA H 242 10.73 -23.69 -26.24
C ALA H 242 11.99 -24.55 -26.42
N SER H 243 12.67 -24.36 -27.55
CA SER H 243 13.92 -25.04 -27.79
C SER H 243 15.08 -24.42 -27.02
N GLN H 244 15.07 -23.09 -26.88
CA GLN H 244 16.22 -22.42 -26.27
C GLN H 244 16.37 -22.73 -24.78
N GLY H 245 17.60 -22.87 -24.32
CA GLY H 245 17.89 -23.37 -22.96
C GLY H 245 17.77 -24.88 -22.76
N ARG H 246 17.37 -25.61 -23.79
CA ARG H 246 17.31 -27.09 -23.70
C ARG H 246 18.49 -27.79 -24.39
N ALA H 247 18.82 -29.00 -23.92
CA ALA H 247 19.88 -29.78 -24.53
C ALA H 247 19.59 -30.00 -26.01
N ILE H 248 20.56 -29.70 -26.86
CA ILE H 248 20.49 -29.97 -28.31
C ILE H 248 20.33 -31.47 -28.64
N THR H 249 20.86 -32.36 -27.80
CA THR H 249 20.70 -33.80 -28.00
C THR H 249 19.25 -34.26 -27.75
N GLU H 250 18.54 -33.58 -26.85
CA GLU H 250 17.10 -33.81 -26.65
C GLU H 250 16.22 -33.23 -27.76
N LEU H 251 16.76 -32.28 -28.52
CA LEU H 251 15.94 -31.57 -29.48
C LEU H 251 15.93 -32.19 -30.86
N LEU H 252 17.10 -32.62 -31.34
CA LEU H 252 17.14 -33.22 -32.66
C LEU H 252 18.30 -34.19 -32.85
N THR H 253 18.12 -35.09 -33.81
CA THR H 253 19.18 -36.04 -34.15
C THR H 253 20.10 -35.46 -35.20
N LEU H 254 21.35 -35.31 -34.81
CA LEU H 254 22.36 -34.71 -35.65
C LEU H 254 22.99 -35.74 -36.58
N PRO H 255 23.02 -35.44 -37.90
CA PRO H 255 23.68 -36.29 -38.90
C PRO H 255 25.11 -36.65 -38.52
N ALA H 256 25.51 -37.87 -38.87
CA ALA H 256 26.86 -38.43 -38.64
C ALA H 256 28.05 -37.47 -38.87
N VAL H 257 28.04 -36.79 -40.02
CA VAL H 257 29.04 -35.78 -40.38
C VAL H 257 29.21 -34.77 -39.26
N LEU H 258 28.17 -33.98 -39.05
CA LEU H 258 28.13 -33.03 -37.95
C LEU H 258 28.54 -33.69 -36.66
N GLN H 259 27.92 -34.82 -36.35
CA GLN H 259 28.15 -35.51 -35.08
C GLN H 259 29.64 -35.72 -34.80
N GLN H 260 30.38 -36.16 -35.83
CA GLN H 260 31.83 -36.38 -35.72
C GLN H 260 32.61 -35.06 -35.64
N ALA H 261 32.20 -34.07 -36.44
CA ALA H 261 32.80 -32.73 -36.43
C ALA H 261 32.68 -32.08 -35.06
N ILE H 262 31.48 -32.18 -34.50
CA ILE H 262 31.20 -31.71 -33.14
C ILE H 262 32.13 -32.36 -32.12
N LYS H 263 32.31 -33.68 -32.23
CA LYS H 263 33.16 -34.46 -31.30
C LYS H 263 34.59 -33.94 -31.26
N GLN H 264 35.01 -33.34 -32.37
CA GLN H 264 36.40 -33.00 -32.61
C GLN H 264 36.71 -31.50 -32.52
N ALA H 265 35.65 -30.68 -32.37
CA ALA H 265 35.74 -29.18 -32.43
C ALA H 265 36.29 -28.73 -33.79
N HIS H 266 35.71 -29.29 -34.84
CA HIS H 266 36.24 -29.13 -36.17
C HIS H 266 35.24 -28.40 -37.07
N PRO H 267 35.66 -27.29 -37.69
CA PRO H 267 34.80 -26.53 -38.58
C PRO H 267 34.34 -27.27 -39.84
N LEU H 268 33.12 -26.95 -40.28
CA LEU H 268 32.62 -27.37 -41.59
C LEU H 268 32.13 -26.13 -42.29
N LYS H 269 32.49 -26.00 -43.57
CA LYS H 269 32.07 -24.89 -44.42
C LYS H 269 31.27 -25.39 -45.60
N HIS H 270 30.04 -24.88 -45.74
CA HIS H 270 29.16 -25.21 -46.86
C HIS H 270 29.15 -26.71 -47.21
N VAL H 271 29.11 -27.55 -46.19
CA VAL H 271 29.07 -28.99 -46.35
C VAL H 271 27.61 -29.43 -46.49
N GLU H 272 27.38 -30.49 -47.27
CA GLU H 272 26.04 -31.08 -47.37
C GLU H 272 25.72 -32.08 -46.25
N ALA H 273 24.47 -32.08 -45.82
CA ALA H 273 24.02 -32.94 -44.74
C ALA H 273 22.51 -33.15 -44.79
N THR H 274 22.05 -34.14 -44.03
CA THR H 274 20.65 -34.58 -43.99
C THR H 274 20.22 -34.80 -42.55
N PHE H 275 19.10 -34.22 -42.16
CA PHE H 275 18.61 -34.33 -40.77
C PHE H 275 17.36 -35.24 -40.60
N GLU H 276 16.92 -35.39 -39.35
CA GLU H 276 15.76 -36.23 -38.99
C GLU H 276 14.78 -35.52 -38.02
N GLN H 280 11.47 -37.77 -40.02
CA GLN H 280 11.37 -37.33 -41.41
C GLN H 280 12.65 -36.59 -41.87
N PHE H 281 13.02 -36.76 -43.14
CA PHE H 281 14.34 -36.36 -43.66
C PHE H 281 14.46 -35.02 -44.43
N ILE H 282 15.39 -34.17 -43.97
CA ILE H 282 15.68 -32.85 -44.58
C ILE H 282 17.14 -32.68 -45.02
N ASP H 283 17.35 -32.30 -46.27
CA ASP H 283 18.69 -32.08 -46.86
C ASP H 283 19.09 -30.60 -46.89
N ALA H 284 20.20 -30.26 -46.25
CA ALA H 284 20.65 -28.87 -46.22
C ALA H 284 22.12 -28.72 -46.51
N VAL H 285 22.53 -27.48 -46.78
CA VAL H 285 23.94 -27.16 -46.88
C VAL H 285 24.33 -26.27 -45.70
N ILE H 286 25.10 -26.86 -44.79
CA ILE H 286 25.42 -26.27 -43.51
C ILE H 286 26.83 -25.69 -43.39
N THR H 287 27.01 -24.84 -42.39
CA THR H 287 28.31 -24.42 -41.89
C THR H 287 28.36 -24.62 -40.39
N LEU H 288 29.48 -25.11 -39.91
CA LEU H 288 29.68 -25.28 -38.51
C LEU H 288 30.81 -24.40 -38.14
N LYS H 289 30.65 -23.69 -37.03
CA LYS H 289 31.59 -22.69 -36.62
C LYS H 289 31.86 -22.90 -35.16
N PRO H 290 33.05 -23.40 -34.82
CA PRO H 290 33.30 -23.60 -33.40
C PRO H 290 33.72 -22.29 -32.77
N ILE H 291 33.39 -22.13 -31.48
CA ILE H 291 33.82 -20.95 -30.71
C ILE H 291 34.60 -21.49 -29.54
N ILE H 292 35.89 -21.18 -29.52
CA ILE H 292 36.81 -21.83 -28.60
C ILE H 292 37.13 -20.84 -27.51
N GLU H 293 36.78 -21.17 -26.28
CA GLU H 293 36.80 -20.25 -25.14
C GLU H 293 37.42 -20.99 -23.97
N THR H 294 37.71 -20.30 -22.89
CA THR H 294 38.37 -20.95 -21.77
C THR H 294 37.43 -21.92 -21.04
N GLN H 295 36.13 -21.60 -21.06
CA GLN H 295 35.11 -22.50 -20.49
C GLN H 295 34.78 -23.72 -21.34
N GLY H 296 35.22 -23.73 -22.60
CA GLY H 296 34.94 -24.88 -23.45
C GLY H 296 34.58 -24.51 -24.87
N THR H 297 34.11 -25.46 -25.64
CA THR H 297 33.80 -25.14 -27.01
C THR H 297 32.29 -25.01 -27.23
N SER H 298 31.88 -23.94 -27.90
CA SER H 298 30.51 -23.74 -28.36
C SER H 298 30.44 -23.78 -29.87
N PHE H 299 29.22 -23.83 -30.42
CA PHE H 299 29.03 -23.98 -31.85
C PHE H 299 27.95 -23.10 -32.43
N ILE H 300 28.19 -22.54 -33.60
CA ILE H 300 27.14 -22.00 -34.41
C ILE H 300 27.03 -22.92 -35.62
N LEU H 301 25.80 -23.29 -35.95
CA LEU H 301 25.49 -24.08 -37.10
C LEU H 301 24.56 -23.23 -37.92
N LEU H 302 24.96 -22.98 -39.17
CA LEU H 302 24.15 -22.25 -40.10
C LEU H 302 23.62 -23.12 -41.21
N LEU H 303 22.40 -22.83 -41.63
CA LEU H 303 21.76 -23.60 -42.66
C LEU H 303 21.58 -22.65 -43.80
N HIS H 304 22.44 -22.81 -44.79
CA HIS H 304 22.44 -21.97 -45.98
C HIS H 304 21.23 -22.30 -46.88
N PRO H 305 20.59 -21.26 -47.42
CA PRO H 305 19.32 -21.49 -48.10
C PRO H 305 19.58 -21.92 -49.54
N VAL H 306 19.44 -23.23 -49.78
CA VAL H 306 19.63 -23.88 -51.09
C VAL H 306 19.43 -22.95 -52.32
PB ADP I . 50.73 5.08 -3.26
O1B ADP I . 51.36 3.94 -2.52
O2B ADP I . 49.31 5.24 -2.81
O3B ADP I . 51.54 6.33 -3.25
PA ADP I . 51.75 4.23 -5.74
O1A ADP I . 52.98 3.99 -4.93
O2A ADP I . 51.25 3.14 -6.64
O3A ADP I . 50.54 4.60 -4.77
O5' ADP I . 51.87 5.52 -6.64
C5' ADP I . 52.67 6.67 -6.37
C4' ADP I . 52.61 7.57 -7.59
O4' ADP I . 51.28 8.04 -7.76
C3' ADP I . 53.45 8.83 -7.43
O3' ADP I . 54.79 8.57 -7.90
C2' ADP I . 52.73 9.81 -8.31
O2' ADP I . 53.27 9.69 -9.64
C1' ADP I . 51.28 9.31 -8.41
N9 ADP I . 50.29 10.25 -7.83
C8 ADP I . 49.97 10.43 -6.53
N7 ADP I . 49.00 11.39 -6.40
C5 ADP I . 48.74 11.85 -7.64
C6 ADP I . 47.82 12.84 -8.23
N6 ADP I . 47.02 13.61 -7.48
N1 ADP I . 47.86 12.99 -9.54
C2 ADP I . 48.67 12.27 -10.34
N3 ADP I . 49.51 11.33 -9.88
C4 ADP I . 49.58 11.09 -8.56
MG MG J . 53.51 3.68 -3.04
MG MG K . 50.43 2.27 -1.18
PB ADP L . 16.03 -5.43 7.92
O1B ADP L . 15.62 -3.97 8.05
O2B ADP L . 17.54 -5.61 7.89
O3B ADP L . 15.43 -6.34 8.93
PA ADP L . 13.97 -5.94 6.06
O1A ADP L . 13.26 -5.13 7.11
O2A ADP L . 13.81 -5.61 4.59
O3A ADP L . 15.53 -5.84 6.45
O5' ADP L . 13.57 -7.49 6.03
C5' ADP L . 13.32 -8.28 7.20
C4' ADP L . 12.85 -9.65 6.75
O4' ADP L . 13.98 -10.36 6.23
C3' ADP L . 12.33 -10.49 7.91
O3' ADP L . 10.93 -10.30 8.04
C2' ADP L . 12.68 -11.90 7.49
O2' ADP L . 11.66 -12.43 6.65
C1' ADP L . 13.89 -11.76 6.57
N9 ADP L . 15.15 -12.24 7.17
C8 ADP L . 15.98 -11.64 8.03
N7 ADP L . 17.05 -12.43 8.34
C5 ADP L . 16.89 -13.58 7.64
C6 ADP L . 17.64 -14.84 7.47
N6 ADP L . 18.80 -15.09 8.13
N1 ADP L . 17.11 -15.75 6.65
C2 ADP L . 15.97 -15.55 5.97
N3 ADP L . 15.25 -14.43 6.07
C4 ADP L . 15.65 -13.44 6.88
MG MG M . 13.37 -3.82 8.53
MG MG N . 16.61 -2.03 7.86
PB ADP O . -40.22 -16.16 4.08
O1B ADP O . -39.06 -16.95 3.48
O2B ADP O . -40.34 -14.78 3.44
O3B ADP O . -41.49 -16.89 4.07
PA ADP O . -39.71 -17.07 6.79
O1A ADP O . -39.52 -18.35 6.01
O2A ADP O . -38.65 -16.62 7.73
O3A ADP O . -39.88 -15.89 5.66
O5' ADP O . -41.03 -17.10 7.67
C5' ADP O . -42.29 -17.60 7.23
C4' ADP O . -43.29 -17.41 8.36
O4' ADP O . -43.71 -16.04 8.34
C3' ADP O . -44.57 -18.24 8.20
O3' ADP O . -44.40 -19.50 8.87
C2' ADP O . -45.62 -17.41 8.86
O2' ADP O . -45.69 -17.70 10.26
C1' ADP O . -45.07 -15.99 8.84
N9 ADP O . -45.87 -15.04 8.05
C8 ADP O . -45.84 -14.85 6.73
N7 ADP O . -46.69 -13.86 6.39
C5 ADP O . -47.28 -13.41 7.52
C6 ADP O . -48.27 -12.39 7.87
N6 ADP O . -48.85 -11.62 6.91
N1 ADP O . -48.59 -12.25 9.16
C2 ADP O . -48.04 -13.00 10.13
N3 ADP O . -47.13 -13.96 9.89
C4 ADP O . -46.72 -14.18 8.61
MG MG P . -39.11 -19.06 4.28
MG MG Q . -37.24 -16.38 2.52
PB ADP R . -26.01 16.30 -9.22
O1B ADP R . -27.39 16.77 -9.59
O2B ADP R . -26.06 14.81 -8.96
O3B ADP R . -24.91 16.69 -10.14
PA ADP R . -25.53 18.52 -7.51
O1A ADP R . -26.16 19.20 -8.71
O2A ADP R . -26.10 18.85 -6.14
O3A ADP R . -25.69 16.96 -7.80
O5' ADP R . -23.97 18.83 -7.37
C5' ADP R . -23.06 18.86 -8.48
C4' ADP R . -21.70 19.24 -7.91
O4' ADP R . -21.17 18.05 -7.32
C3' ADP R . -20.67 19.61 -8.98
O3' ADP R . -20.66 21.03 -9.18
C2' ADP R . -19.38 19.17 -8.35
O2' ADP R . -18.86 20.26 -7.56
C1' ADP R . -19.75 18.08 -7.38
N9 ADP R . -19.22 16.73 -7.73
C8 ADP R . -19.72 15.85 -8.61
N7 ADP R . -18.93 14.72 -8.62
C5 ADP R . -17.89 14.93 -7.77
C6 ADP R . -16.73 14.16 -7.33
N6 ADP R . -16.48 12.92 -7.82
N1 ADP R . -15.92 14.73 -6.43
C2 ADP R . -16.15 15.96 -5.95
N3 ADP R . -17.20 16.70 -6.32
C4 ADP R . -18.09 16.24 -7.20
MG MG S . -27.38 18.97 -10.06
MG MG T . -29.50 15.91 -9.29
#